data_6WSL
#
_entry.id   6WSL
#
_cell.length_a   1.00
_cell.length_b   1.00
_cell.length_c   1.00
_cell.angle_alpha   90.00
_cell.angle_beta   90.00
_cell.angle_gamma   90.00
#
_symmetry.space_group_name_H-M   'P 1'
#
loop_
_entity.id
_entity.type
_entity.pdbx_description
1 polymer 'Tubulin alpha-1A chain'
2 polymer 'Tubulin beta-3 chain'
3 polymer 'Tubulinyl-Tyr carboxypeptidase 1'
4 polymer 'Small vasohibin-binding protein'
5 non-polymer "GUANOSINE-5'-TRIPHOSPHATE"
6 non-polymer 'PHOSPHOMETHYLPHOSPHONIC ACID GUANYLATE ESTER'
#
loop_
_entity_poly.entity_id
_entity_poly.type
_entity_poly.pdbx_seq_one_letter_code
_entity_poly.pdbx_strand_id
1 'polypeptide(L)'
;MRECISIHVGQAGVQIGNACWELYCLEHGIQPDGQMPSDKTIGGGDDSFNTFFSETGAGKHVPRAVFVDLEPTVIDEVRT
GTYRQLFHPEQLITGKEDAANNYARGHYTIGKEIIDLVLDRIRKLADQCTGLQGFLVFHSFGGGTGSGFTSLLMERLSVD
YGKKSKLEFSIYPAPQVSTAVVEPYNSILTTHTTLEHSDCAFMVDNEAIYDICRRNLDIERPTYTNLNRLIGQIVSSITA
SLRFDGALNVDLTEFQTNLVPYPRIHFPLATYAPVISAEKAYHEQLSVAEITNACFEPANQMVKCDPRHGKYMACCLLYR
GDVVPKDVNAAIATIKTKRTIQFVDWCPTGFKVGINYQPPTVVPGGDLAKVQRAVCMLSNTTAIAEAWARLDHKFDLMYA
KRAFVHWYVGEGMEEGEFSEAREDMAALEKDYEEVGVDSVEGEGEEEGEEY
;
A,E
2 'polypeptide(L)'
;MREIVHIQAGQCGNQIGAKFWEVISDEHGIDPSGNYVGDSDLQLERISVYYNEASSHKYVPRAILVDLEPGTMDSVRSGA
FGHLFRPDNFIFGQSGAGNNWAKGHYTEGAELVDSVLDVVRKECENCDCLQGFQLTHSLGGGTGSGMGTLLISKVREEYP
DRIMNTFSVVPSPKVSDTVVEPYNATLSIHQLVENTDETYCIDNEALYDICFRTLKLATPTYGDLNHLVSATMSGVTTSL
RFPGQLNADLRKLAVNMVPFPRLHFFMPGFAPLTARGSQQYRALTVPELTQQMFDAKNMMAACDPRHGRYLTVATVFRGR
MSMKEVDEQMLAIQSKNSSYFVEWIPNNVKVAVCDIPPRGLKMSSTFIGNSTAIQELFKRISEQFTAMFRRKAFLHWYTG
EGMDEMEFTEAESNMNDLVSEYQQYQDATAEEEGEMYEDDEEESEAQGPK
;
B,F
3 'polypeptide(L)'
;DLRDGGVPFFVNRGGLPVDEATWERMWKHVAKIHPDGEKVAQRIRGATDLPKIPIPSVPTFQPSTPVPERLEAVQRYIRE
LQYNHTGTQFFEIKKSRPLTGLMDLAKEMTKEALPIKCLEAVILGIYLTNSMPTLERFPISFKTYFSGNYFRHIVLGVNF
AGRYGALGMSRREDLMYKPPAFRTLSELVLDFEAAYGRCWHVLKKVKLGQSVSHDPHSVEQIEWKHSVLDVERLGRDDFR
KELERHARDMRLKIGKGTG
;
C,G
4 'polypeptide(L)' MDPPARKEKTKVKESVSRVEKAKQKSAQQELKQRQRAEIYALNRVMTELEQQQFDEFCKQMQPPGE D,H
#
loop_
_chem_comp.id
_chem_comp.type
_chem_comp.name
_chem_comp.formula
G2P non-polymer 'PHOSPHOMETHYLPHOSPHONIC ACID GUANYLATE ESTER' 'C11 H18 N5 O13 P3'
GTP non-polymer GUANOSINE-5'-TRIPHOSPHATE 'C10 H16 N5 O14 P3'
#
# COMPACT_ATOMS: atom_id res chain seq x y z
N MET A 1 7.99 9.37 -56.22
CA MET A 1 9.20 8.86 -55.58
C MET A 1 8.91 8.43 -54.16
N ARG A 2 9.90 8.65 -53.29
CA ARG A 2 9.82 8.56 -51.81
C ARG A 2 9.17 7.28 -51.30
N GLU A 3 9.38 6.18 -52.00
CA GLU A 3 8.83 4.91 -51.57
C GLU A 3 9.64 4.33 -50.41
N CYS A 4 8.98 3.51 -49.61
CA CYS A 4 9.59 2.93 -48.42
C CYS A 4 8.92 1.60 -48.13
N ILE A 5 9.68 0.51 -48.22
CA ILE A 5 9.15 -0.83 -48.08
C ILE A 5 9.33 -1.28 -46.63
N SER A 6 8.47 -2.19 -46.18
CA SER A 6 8.49 -2.65 -44.80
C SER A 6 8.47 -4.17 -44.78
N ILE A 7 9.51 -4.78 -44.24
CA ILE A 7 9.58 -6.22 -44.12
C ILE A 7 9.19 -6.60 -42.70
N HIS A 8 8.70 -7.83 -42.54
CA HIS A 8 8.12 -8.27 -41.27
C HIS A 8 8.60 -9.67 -40.97
N VAL A 9 9.31 -9.84 -39.86
CA VAL A 9 9.89 -11.12 -39.48
C VAL A 9 9.27 -11.57 -38.17
N GLY A 10 8.78 -12.79 -38.12
CA GLY A 10 8.43 -13.41 -36.87
C GLY A 10 6.95 -13.34 -36.56
N GLN A 11 6.59 -13.98 -35.45
CA GLN A 11 5.23 -13.94 -34.94
C GLN A 11 4.85 -12.52 -34.54
N ALA A 12 5.80 -11.76 -34.01
CA ALA A 12 5.57 -10.36 -33.73
C ALA A 12 5.54 -9.54 -35.01
N GLY A 13 6.24 -9.99 -36.04
CA GLY A 13 6.35 -9.19 -37.25
C GLY A 13 5.07 -9.17 -38.05
N VAL A 14 4.37 -10.29 -38.11
CA VAL A 14 3.15 -10.32 -38.88
C VAL A 14 1.95 -9.80 -38.08
N GLN A 15 1.89 -10.09 -36.78
CA GLN A 15 0.77 -9.63 -35.98
C GLN A 15 0.77 -8.13 -35.78
N ILE A 16 1.93 -7.48 -35.88
CA ILE A 16 1.94 -6.02 -35.98
C ILE A 16 1.47 -5.60 -37.36
N GLY A 17 2.04 -6.22 -38.40
CA GLY A 17 1.69 -5.87 -39.77
C GLY A 17 0.28 -6.23 -40.17
N ASN A 18 -0.34 -7.16 -39.44
CA ASN A 18 -1.77 -7.38 -39.63
C ASN A 18 -2.57 -6.19 -39.15
N ALA A 19 -2.07 -5.48 -38.15
CA ALA A 19 -2.74 -4.29 -37.63
C ALA A 19 -2.01 -3.00 -37.98
N CYS A 20 -0.80 -3.07 -38.50
CA CYS A 20 -0.16 -1.87 -39.02
C CYS A 20 -0.78 -1.48 -40.36
N TRP A 21 -0.85 -2.45 -41.29
CA TRP A 21 -1.49 -2.19 -42.58
C TRP A 21 -3.00 -2.07 -42.47
N GLU A 22 -3.59 -2.44 -41.35
CA GLU A 22 -4.97 -2.10 -41.07
C GLU A 22 -5.14 -0.59 -40.91
N LEU A 23 -4.09 0.08 -40.43
CA LEU A 23 -4.17 1.52 -40.19
C LEU A 23 -3.91 2.32 -41.46
N TYR A 24 -3.00 1.87 -42.32
CA TYR A 24 -2.70 2.62 -43.53
C TYR A 24 -3.85 2.58 -44.52
N CYS A 25 -4.69 1.53 -44.47
CA CYS A 25 -5.87 1.50 -45.30
C CYS A 25 -6.89 2.54 -44.85
N LEU A 26 -6.89 2.90 -43.58
CA LEU A 26 -7.74 3.99 -43.13
C LEU A 26 -7.11 5.35 -43.38
N GLU A 27 -5.78 5.40 -43.43
CA GLU A 27 -5.10 6.67 -43.66
C GLU A 27 -4.99 7.02 -45.14
N HIS A 28 -5.56 6.22 -46.03
CA HIS A 28 -5.62 6.59 -47.43
C HIS A 28 -6.97 6.24 -48.07
N GLY A 29 -7.94 5.79 -47.29
CA GLY A 29 -9.22 5.42 -47.86
C GLY A 29 -9.22 4.13 -48.66
N ILE A 30 -8.15 3.34 -48.58
CA ILE A 30 -8.05 2.12 -49.34
C ILE A 30 -8.93 1.05 -48.72
N GLN A 31 -9.77 0.42 -49.55
CA GLN A 31 -10.63 -0.67 -49.13
C GLN A 31 -9.79 -1.90 -48.75
N PRO A 32 -10.39 -2.89 -48.08
CA PRO A 32 -9.70 -4.17 -47.90
C PRO A 32 -9.41 -4.90 -49.21
N ASP A 33 -10.14 -4.62 -50.28
CA ASP A 33 -9.82 -5.17 -51.58
C ASP A 33 -8.65 -4.46 -52.26
N GLY A 34 -8.15 -3.39 -51.68
CA GLY A 34 -7.10 -2.61 -52.31
C GLY A 34 -7.58 -1.62 -53.33
N GLN A 35 -8.89 -1.42 -53.44
CA GLN A 35 -9.47 -0.58 -54.48
C GLN A 35 -10.01 0.68 -53.83
N MET A 36 -9.33 1.80 -54.03
CA MET A 36 -9.74 3.06 -53.45
C MET A 36 -10.99 3.58 -54.14
N PRO A 37 -12.11 3.73 -53.44
CA PRO A 37 -13.37 4.16 -54.07
C PRO A 37 -13.38 5.63 -54.43
N ASP A 47 -4.31 10.73 -54.61
CA ASP A 47 -3.31 11.77 -54.38
C ASP A 47 -1.91 11.18 -54.35
N SER A 48 -1.38 10.99 -53.15
CA SER A 48 -0.04 10.42 -52.98
C SER A 48 -0.09 9.41 -51.85
N PHE A 49 -0.38 8.16 -52.20
CA PHE A 49 -0.22 7.00 -51.34
C PHE A 49 1.03 6.23 -51.69
N ASN A 50 1.84 6.75 -52.61
CA ASN A 50 2.87 5.96 -53.25
C ASN A 50 4.07 5.69 -52.37
N THR A 51 4.12 6.21 -51.14
CA THR A 51 5.20 5.82 -50.27
C THR A 51 4.99 4.42 -49.68
N PHE A 52 3.75 3.92 -49.72
CA PHE A 52 3.43 2.63 -49.13
C PHE A 52 2.59 1.74 -50.05
N PHE A 53 2.26 2.17 -51.26
CA PHE A 53 1.34 1.40 -52.09
C PHE A 53 1.73 1.57 -53.55
N SER A 54 2.50 0.62 -54.08
CA SER A 54 2.77 0.60 -55.50
C SER A 54 1.54 0.08 -56.21
N GLU A 55 0.72 0.98 -56.73
CA GLU A 55 -0.56 0.58 -57.27
C GLU A 55 -0.40 -0.02 -58.67
N THR A 56 -1.42 -0.75 -59.08
CA THR A 56 -1.49 -1.31 -60.42
C THR A 56 -2.50 -0.52 -61.25
N GLY A 57 -2.47 -0.77 -62.56
CA GLY A 57 -3.32 -0.02 -63.46
C GLY A 57 -4.79 -0.39 -63.39
N ALA A 58 -5.11 -1.55 -62.84
CA ALA A 58 -6.49 -2.00 -62.79
C ALA A 58 -7.31 -1.28 -61.75
N GLY A 59 -6.68 -0.54 -60.84
CA GLY A 59 -7.36 0.11 -59.74
C GLY A 59 -7.05 -0.48 -58.39
N LYS A 60 -6.30 -1.58 -58.34
CA LYS A 60 -5.92 -2.15 -57.08
C LYS A 60 -4.73 -1.40 -56.48
N HIS A 61 -4.35 -1.78 -55.27
CA HIS A 61 -3.21 -1.20 -54.58
C HIS A 61 -2.49 -2.30 -53.82
N VAL A 62 -1.35 -2.73 -54.34
CA VAL A 62 -0.53 -3.72 -53.65
C VAL A 62 0.29 -3.02 -52.59
N PRO A 63 0.16 -3.40 -51.32
CA PRO A 63 1.01 -2.82 -50.29
C PRO A 63 2.43 -3.33 -50.42
N ARG A 64 3.38 -2.42 -50.24
CA ARG A 64 4.79 -2.73 -50.46
C ARG A 64 5.39 -3.32 -49.18
N ALA A 65 4.95 -4.53 -48.87
CA ALA A 65 5.40 -5.23 -47.69
C ALA A 65 5.57 -6.70 -48.01
N VAL A 66 6.53 -7.33 -47.34
CA VAL A 66 6.77 -8.76 -47.49
C VAL A 66 6.71 -9.38 -46.10
N PHE A 67 5.80 -10.31 -45.90
CA PHE A 67 5.60 -10.95 -44.61
C PHE A 67 6.41 -12.23 -44.57
N VAL A 68 7.35 -12.32 -43.64
CA VAL A 68 8.21 -13.48 -43.51
C VAL A 68 7.93 -14.15 -42.17
N ASP A 69 7.69 -15.45 -42.21
CA ASP A 69 7.74 -16.28 -41.02
C ASP A 69 8.10 -17.68 -41.45
N LEU A 70 8.88 -18.36 -40.63
CA LEU A 70 9.25 -19.74 -40.94
C LEU A 70 8.16 -20.73 -40.57
N GLU A 71 7.14 -20.29 -39.82
CA GLU A 71 6.05 -21.16 -39.43
C GLU A 71 4.77 -20.72 -40.11
N PRO A 72 4.03 -21.65 -40.74
CA PRO A 72 2.86 -21.23 -41.53
C PRO A 72 1.62 -20.88 -40.72
N THR A 73 1.61 -21.07 -39.40
CA THR A 73 0.36 -20.95 -38.67
C THR A 73 -0.04 -19.50 -38.39
N VAL A 74 0.82 -18.53 -38.68
CA VAL A 74 0.54 -17.13 -38.38
C VAL A 74 0.09 -16.38 -39.63
N ILE A 75 0.79 -16.58 -40.75
CA ILE A 75 0.46 -15.87 -41.97
C ILE A 75 -0.82 -16.40 -42.57
N ASP A 76 -1.15 -17.67 -42.31
CA ASP A 76 -2.40 -18.24 -42.81
C ASP A 76 -3.61 -17.61 -42.15
N GLU A 77 -3.46 -16.95 -41.01
CA GLU A 77 -4.53 -16.10 -40.50
C GLU A 77 -4.71 -14.87 -41.39
N VAL A 78 -3.61 -14.25 -41.81
CA VAL A 78 -3.71 -13.10 -42.69
C VAL A 78 -4.05 -13.54 -44.10
N ARG A 79 -3.60 -14.72 -44.51
CA ARG A 79 -3.84 -15.20 -45.86
C ARG A 79 -5.26 -15.71 -46.08
N THR A 80 -6.05 -15.85 -45.02
CA THR A 80 -7.40 -16.40 -45.15
C THR A 80 -8.50 -15.54 -44.55
N GLY A 81 -8.21 -14.70 -43.57
CA GLY A 81 -9.23 -13.87 -42.99
C GLY A 81 -9.52 -12.64 -43.82
N THR A 82 -9.78 -11.51 -43.16
CA THR A 82 -9.86 -10.26 -43.90
C THR A 82 -8.47 -9.83 -44.32
N TYR A 83 -8.44 -8.85 -45.23
CA TYR A 83 -7.23 -8.38 -45.93
C TYR A 83 -6.51 -9.52 -46.65
N ARG A 84 -7.25 -10.51 -47.14
CA ARG A 84 -6.62 -11.61 -47.86
C ARG A 84 -6.50 -11.32 -49.35
N GLN A 85 -7.22 -10.32 -49.86
CA GLN A 85 -7.06 -9.91 -51.24
C GLN A 85 -6.18 -8.69 -51.39
N LEU A 86 -5.86 -8.01 -50.29
CA LEU A 86 -5.04 -6.81 -50.37
C LEU A 86 -3.60 -7.16 -50.73
N PHE A 87 -3.01 -8.12 -50.01
CA PHE A 87 -1.62 -8.45 -50.21
C PHE A 87 -1.42 -9.21 -51.52
N HIS A 88 -0.16 -9.33 -51.91
CA HIS A 88 0.20 -10.04 -53.12
C HIS A 88 0.67 -11.43 -52.76
N PRO A 89 0.04 -12.49 -53.29
CA PRO A 89 0.32 -13.85 -52.80
C PRO A 89 1.71 -14.37 -53.12
N GLU A 90 2.45 -13.73 -54.00
CA GLU A 90 3.82 -14.16 -54.26
C GLU A 90 4.82 -13.59 -53.27
N GLN A 91 4.37 -12.84 -52.26
CA GLN A 91 5.29 -12.19 -51.34
C GLN A 91 5.14 -12.63 -49.89
N LEU A 92 4.06 -13.30 -49.52
CA LEU A 92 3.93 -13.84 -48.16
C LEU A 92 4.79 -15.09 -48.06
N ILE A 93 6.07 -14.88 -47.77
CA ILE A 93 7.03 -15.98 -47.72
C ILE A 93 6.78 -16.79 -46.46
N THR A 94 6.88 -18.11 -46.58
CA THR A 94 6.46 -19.00 -45.50
C THR A 94 7.27 -20.28 -45.55
N GLY A 95 7.89 -20.62 -44.43
CA GLY A 95 8.64 -21.86 -44.29
C GLY A 95 7.76 -23.03 -43.89
N LYS A 96 8.37 -24.00 -43.22
CA LYS A 96 7.62 -25.13 -42.69
C LYS A 96 7.90 -25.40 -41.22
N GLU A 97 9.14 -25.25 -40.77
CA GLU A 97 9.49 -25.47 -39.37
C GLU A 97 9.61 -24.12 -38.67
N ASP A 98 9.11 -24.06 -37.44
CA ASP A 98 9.05 -22.78 -36.75
C ASP A 98 10.43 -22.32 -36.28
N ALA A 99 11.31 -23.26 -35.93
CA ALA A 99 12.66 -23.02 -35.41
C ALA A 99 12.65 -22.11 -34.20
N ALA A 100 11.59 -22.18 -33.40
CA ALA A 100 11.28 -21.09 -32.51
C ALA A 100 12.10 -21.17 -31.23
N ASN A 101 12.27 -20.00 -30.63
CA ASN A 101 13.13 -19.78 -29.46
C ASN A 101 14.54 -20.31 -29.71
N ASN A 102 15.06 -20.01 -30.88
CA ASN A 102 16.40 -20.49 -31.24
C ASN A 102 17.02 -19.48 -32.19
N TYR A 103 18.18 -18.94 -31.81
CA TYR A 103 18.87 -18.03 -32.69
C TYR A 103 19.57 -18.78 -33.81
N ALA A 104 20.22 -19.89 -33.48
CA ALA A 104 21.01 -20.60 -34.48
C ALA A 104 20.14 -21.30 -35.50
N ARG A 105 18.93 -21.72 -35.10
CA ARG A 105 18.03 -22.36 -36.04
C ARG A 105 17.33 -21.36 -36.95
N GLY A 106 17.52 -20.07 -36.73
CA GLY A 106 17.02 -19.08 -37.65
C GLY A 106 18.15 -18.40 -38.40
N HIS A 107 19.36 -18.53 -37.89
CA HIS A 107 20.52 -17.87 -38.50
C HIS A 107 21.43 -18.83 -39.24
N TYR A 108 21.41 -20.11 -38.91
CA TYR A 108 22.29 -21.06 -39.57
C TYR A 108 21.56 -22.21 -40.24
N THR A 109 20.55 -22.79 -39.60
CA THR A 109 20.03 -24.06 -40.07
C THR A 109 18.88 -23.89 -41.06
N ILE A 110 17.77 -23.31 -40.62
CA ILE A 110 16.57 -23.24 -41.44
C ILE A 110 16.45 -21.90 -42.14
N GLY A 111 16.82 -20.81 -41.47
CA GLY A 111 16.77 -19.49 -42.07
C GLY A 111 17.71 -19.32 -43.23
N LYS A 112 18.77 -20.14 -43.30
CA LYS A 112 19.65 -20.16 -44.46
C LYS A 112 18.93 -20.64 -45.72
N GLU A 113 17.86 -21.43 -45.56
CA GLU A 113 17.18 -21.97 -46.73
C GLU A 113 16.23 -20.96 -47.36
N ILE A 114 15.51 -20.19 -46.55
CA ILE A 114 14.45 -19.34 -47.06
C ILE A 114 14.91 -17.89 -47.24
N ILE A 115 16.21 -17.63 -47.07
CA ILE A 115 16.75 -16.30 -47.34
C ILE A 115 16.67 -15.99 -48.83
N ASP A 116 16.95 -16.98 -49.68
CA ASP A 116 17.00 -16.74 -51.12
C ASP A 116 15.62 -16.56 -51.74
N LEU A 117 14.55 -16.83 -51.01
CA LEU A 117 13.23 -16.46 -51.48
C LEU A 117 12.81 -15.09 -50.97
N VAL A 118 13.27 -14.71 -49.78
CA VAL A 118 12.94 -13.40 -49.24
C VAL A 118 13.73 -12.31 -49.95
N LEU A 119 15.04 -12.48 -50.03
CA LEU A 119 15.91 -11.46 -50.61
C LEU A 119 15.71 -11.33 -52.11
N ASP A 120 15.20 -12.36 -52.77
CA ASP A 120 14.80 -12.21 -54.16
C ASP A 120 13.51 -11.40 -54.27
N ARG A 121 12.62 -11.55 -53.30
CA ARG A 121 11.36 -10.82 -53.34
C ARG A 121 11.56 -9.34 -53.01
N ILE A 122 12.65 -8.98 -52.33
CA ILE A 122 12.94 -7.58 -52.10
C ILE A 122 13.38 -6.91 -53.40
N ARG A 123 14.24 -7.58 -54.17
CA ARG A 123 14.67 -7.02 -55.45
C ARG A 123 13.59 -7.03 -56.50
N LYS A 124 12.48 -7.74 -56.27
CA LYS A 124 11.30 -7.57 -57.11
C LYS A 124 10.41 -6.45 -56.60
N LEU A 125 10.77 -5.82 -55.47
CA LEU A 125 10.09 -4.63 -54.99
C LEU A 125 11.00 -3.43 -54.89
N ALA A 126 12.31 -3.62 -54.84
CA ALA A 126 13.25 -2.50 -54.87
C ALA A 126 13.59 -2.06 -56.28
N ASP A 127 12.97 -2.67 -57.29
CA ASP A 127 13.11 -2.23 -58.67
C ASP A 127 11.83 -1.60 -59.18
N GLN A 128 10.96 -1.16 -58.29
CA GLN A 128 9.82 -0.32 -58.63
C GLN A 128 9.88 1.03 -57.93
N CYS A 129 10.97 1.29 -57.20
CA CYS A 129 11.13 2.51 -56.43
C CYS A 129 12.09 3.43 -57.16
N THR A 130 11.59 4.58 -57.61
CA THR A 130 12.48 5.63 -58.09
C THR A 130 13.28 6.21 -56.93
N GLY A 131 12.59 6.75 -55.94
CA GLY A 131 13.22 7.16 -54.70
C GLY A 131 12.90 6.22 -53.58
N LEU A 132 13.87 5.40 -53.18
CA LEU A 132 13.71 4.46 -52.08
C LEU A 132 14.23 5.11 -50.81
N GLN A 133 13.33 5.38 -49.87
CA GLN A 133 13.75 6.04 -48.64
C GLN A 133 14.46 5.08 -47.70
N GLY A 134 13.87 3.92 -47.45
CA GLY A 134 14.50 2.97 -46.55
C GLY A 134 13.59 1.82 -46.22
N PHE A 135 14.16 0.85 -45.54
CA PHE A 135 13.46 -0.37 -45.13
C PHE A 135 12.96 -0.23 -43.69
N LEU A 136 11.86 -0.92 -43.41
CA LEU A 136 11.20 -0.86 -42.11
C LEU A 136 11.00 -2.29 -41.62
N VAL A 137 11.98 -2.84 -40.93
CA VAL A 137 11.82 -4.20 -40.43
C VAL A 137 10.92 -4.20 -39.21
N PHE A 138 10.40 -5.38 -38.87
CA PHE A 138 9.49 -5.53 -37.74
C PHE A 138 9.71 -6.92 -37.16
N HIS A 139 10.29 -6.98 -35.97
CA HIS A 139 10.53 -8.26 -35.35
C HIS A 139 10.53 -8.11 -33.85
N SER A 140 10.73 -9.22 -33.16
CA SER A 140 10.97 -9.23 -31.73
C SER A 140 12.34 -9.82 -31.46
N PHE A 141 12.91 -9.47 -30.32
CA PHE A 141 14.14 -10.10 -29.86
C PHE A 141 13.88 -11.38 -29.09
N GLY A 142 12.65 -11.88 -29.10
CA GLY A 142 12.30 -13.05 -28.34
C GLY A 142 12.44 -14.35 -29.10
N GLY A 143 13.55 -14.52 -29.78
CA GLY A 143 13.90 -15.81 -30.32
C GLY A 143 13.18 -16.20 -31.58
N GLY A 144 13.58 -17.36 -32.09
CA GLY A 144 13.01 -17.85 -33.32
C GLY A 144 13.53 -17.06 -34.49
N THR A 145 12.63 -16.75 -35.43
CA THR A 145 13.04 -16.02 -36.61
C THR A 145 13.23 -14.54 -36.35
N GLY A 146 12.57 -14.01 -35.32
CA GLY A 146 12.62 -12.58 -35.06
C GLY A 146 14.01 -12.08 -34.71
N SER A 147 14.84 -12.94 -34.15
CA SER A 147 16.24 -12.61 -33.93
C SER A 147 17.19 -13.45 -34.74
N GLY A 148 16.83 -14.70 -35.03
CA GLY A 148 17.72 -15.57 -35.78
C GLY A 148 17.70 -15.25 -37.25
N PHE A 149 16.51 -15.13 -37.82
CA PHE A 149 16.40 -14.87 -39.24
C PHE A 149 16.66 -13.40 -39.57
N THR A 150 16.33 -12.49 -38.66
CA THR A 150 16.55 -11.08 -38.94
C THR A 150 18.03 -10.74 -38.90
N SER A 151 18.80 -11.43 -38.05
CA SER A 151 20.24 -11.26 -38.06
C SER A 151 20.85 -11.77 -39.36
N LEU A 152 20.23 -12.79 -39.97
CA LEU A 152 20.68 -13.25 -41.27
C LEU A 152 20.19 -12.34 -42.38
N LEU A 153 19.01 -11.74 -42.21
CA LEU A 153 18.45 -10.92 -43.27
C LEU A 153 19.14 -9.56 -43.36
N MET A 154 19.26 -8.87 -42.23
CA MET A 154 19.85 -7.54 -42.27
C MET A 154 21.36 -7.57 -42.46
N GLU A 155 22.01 -8.72 -42.23
CA GLU A 155 23.37 -8.85 -42.68
C GLU A 155 23.43 -9.02 -44.18
N ARG A 156 22.42 -9.66 -44.76
CA ARG A 156 22.37 -9.87 -46.20
C ARG A 156 21.92 -8.62 -46.94
N LEU A 157 21.14 -7.77 -46.30
CA LEU A 157 20.65 -6.57 -46.98
C LEU A 157 21.72 -5.50 -47.07
N SER A 158 22.52 -5.33 -46.03
CA SER A 158 23.53 -4.28 -46.03
C SER A 158 24.71 -4.58 -46.94
N VAL A 159 24.82 -5.82 -47.43
CA VAL A 159 25.79 -6.10 -48.49
C VAL A 159 25.29 -5.56 -49.81
N ASP A 160 24.03 -5.84 -50.14
CA ASP A 160 23.48 -5.43 -51.42
C ASP A 160 23.01 -3.98 -51.43
N TYR A 161 22.76 -3.40 -50.26
CA TYR A 161 22.26 -2.03 -50.15
C TYR A 161 23.07 -1.32 -49.08
N GLY A 162 24.19 -0.74 -49.48
CA GLY A 162 25.05 -0.07 -48.53
C GLY A 162 24.52 1.28 -48.11
N LYS A 163 24.37 2.17 -49.09
CA LYS A 163 23.93 3.54 -48.81
C LYS A 163 22.41 3.60 -48.87
N LYS A 164 21.79 2.99 -47.86
CA LYS A 164 20.35 3.02 -47.72
C LYS A 164 20.00 2.84 -46.26
N SER A 165 19.14 3.72 -45.75
CA SER A 165 18.72 3.64 -44.36
C SER A 165 17.83 2.42 -44.16
N LYS A 166 17.80 1.93 -42.91
CA LYS A 166 16.96 0.79 -42.58
C LYS A 166 16.55 0.91 -41.13
N LEU A 167 15.27 1.22 -40.89
CA LEU A 167 14.75 1.34 -39.55
C LEU A 167 14.56 -0.04 -38.94
N GLU A 168 14.24 -0.07 -37.64
CA GLU A 168 14.08 -1.34 -36.95
C GLU A 168 13.16 -1.13 -35.75
N PHE A 169 11.96 -1.68 -35.82
CA PHE A 169 10.99 -1.55 -34.74
C PHE A 169 10.95 -2.83 -33.89
N SER A 170 12.08 -3.13 -33.27
CA SER A 170 12.20 -4.37 -32.51
C SER A 170 11.44 -4.29 -31.20
N ILE A 171 10.95 -5.42 -30.75
CA ILE A 171 10.24 -5.53 -29.48
C ILE A 171 11.23 -6.10 -28.47
N TYR A 172 11.85 -5.21 -27.71
CA TYR A 172 12.85 -5.61 -26.74
C TYR A 172 12.19 -6.35 -25.59
N PRO A 173 12.81 -7.42 -25.07
CA PRO A 173 12.15 -8.20 -24.03
C PRO A 173 12.18 -7.49 -22.69
N ALA A 174 11.10 -7.64 -21.95
CA ALA A 174 10.92 -6.95 -20.68
C ALA A 174 11.80 -7.55 -19.60
N PRO A 175 12.08 -6.80 -18.52
CA PRO A 175 12.79 -7.39 -17.39
C PRO A 175 12.01 -8.47 -16.67
N GLN A 176 10.75 -8.20 -16.35
CA GLN A 176 9.96 -9.10 -15.53
C GLN A 176 8.97 -9.93 -16.33
N VAL A 177 8.12 -9.27 -17.12
CA VAL A 177 7.16 -9.98 -17.95
C VAL A 177 7.89 -10.72 -19.05
N SER A 178 7.80 -12.05 -19.04
CA SER A 178 8.58 -12.83 -19.99
C SER A 178 7.76 -13.99 -20.53
N THR A 179 8.10 -14.39 -21.74
CA THR A 179 7.44 -15.49 -22.43
C THR A 179 8.39 -16.62 -22.71
N ALA A 180 9.54 -16.35 -23.32
CA ALA A 180 10.47 -17.41 -23.63
C ALA A 180 11.40 -17.64 -22.45
N VAL A 181 11.78 -18.90 -22.25
CA VAL A 181 12.78 -19.18 -21.23
C VAL A 181 14.15 -18.77 -21.72
N VAL A 182 14.40 -18.93 -23.02
CA VAL A 182 15.71 -18.66 -23.59
C VAL A 182 15.80 -17.24 -24.14
N GLU A 183 14.78 -16.42 -23.91
CA GLU A 183 14.66 -15.00 -24.23
C GLU A 183 15.90 -14.13 -23.98
N PRO A 184 16.71 -14.32 -22.94
CA PRO A 184 17.97 -13.55 -22.88
C PRO A 184 19.05 -14.08 -23.79
N TYR A 185 19.03 -15.35 -24.17
CA TYR A 185 20.06 -15.86 -25.06
C TYR A 185 19.90 -15.30 -26.46
N ASN A 186 18.66 -15.10 -26.90
CA ASN A 186 18.40 -14.69 -28.26
C ASN A 186 18.32 -13.18 -28.41
N SER A 187 18.84 -12.44 -27.46
CA SER A 187 18.96 -11.00 -27.63
C SER A 187 20.39 -10.51 -27.55
N ILE A 188 21.25 -11.21 -26.80
CA ILE A 188 22.66 -10.89 -26.85
C ILE A 188 23.24 -11.30 -28.19
N LEU A 189 22.70 -12.35 -28.80
CA LEU A 189 23.13 -12.75 -30.13
C LEU A 189 22.55 -11.88 -31.22
N THR A 190 21.67 -10.93 -30.90
CA THR A 190 21.07 -10.08 -31.91
C THR A 190 21.76 -8.73 -32.03
N THR A 191 22.26 -8.20 -30.91
CA THR A 191 22.82 -6.86 -30.92
C THR A 191 24.17 -6.80 -31.62
N HIS A 192 24.83 -7.92 -31.81
CA HIS A 192 26.02 -7.93 -32.66
C HIS A 192 25.66 -7.66 -34.11
N THR A 193 24.45 -8.07 -34.53
CA THR A 193 23.98 -7.70 -35.85
C THR A 193 23.49 -6.27 -35.90
N THR A 194 22.60 -5.90 -34.98
CA THR A 194 21.93 -4.62 -35.06
C THR A 194 22.78 -3.45 -34.59
N LEU A 195 24.02 -3.68 -34.19
CA LEU A 195 24.93 -2.56 -33.98
C LEU A 195 25.54 -2.11 -35.29
N GLU A 196 25.94 -3.05 -36.13
CA GLU A 196 26.60 -2.70 -37.37
C GLU A 196 25.59 -2.36 -38.47
N HIS A 197 24.72 -3.30 -38.80
CA HIS A 197 23.94 -3.18 -40.02
C HIS A 197 22.72 -2.27 -39.87
N SER A 198 22.24 -2.04 -38.66
CA SER A 198 20.99 -1.32 -38.50
C SER A 198 21.21 0.19 -38.54
N ASP A 199 20.12 0.93 -38.39
CA ASP A 199 20.14 2.39 -38.35
C ASP A 199 18.89 2.87 -37.64
N CYS A 200 19.08 3.54 -36.49
CA CYS A 200 18.00 4.04 -35.63
C CYS A 200 17.05 2.92 -35.21
N ALA A 201 17.62 1.86 -34.67
CA ALA A 201 16.86 0.70 -34.24
C ALA A 201 16.06 1.05 -33.00
N PHE A 202 14.77 1.34 -33.18
CA PHE A 202 13.88 1.52 -32.05
C PHE A 202 13.72 0.20 -31.31
N MET A 203 13.49 0.30 -30.00
CA MET A 203 13.24 -0.88 -29.20
C MET A 203 12.16 -0.55 -28.20
N VAL A 204 10.92 -0.81 -28.56
CA VAL A 204 9.83 -0.70 -27.62
C VAL A 204 9.80 -1.97 -26.79
N ASP A 205 9.10 -1.90 -25.67
CA ASP A 205 8.97 -3.04 -24.79
C ASP A 205 7.53 -3.52 -24.83
N ASN A 206 7.27 -4.62 -24.14
CA ASN A 206 5.92 -5.18 -24.08
C ASN A 206 5.30 -5.04 -22.71
N GLU A 207 6.10 -4.93 -21.65
CA GLU A 207 5.56 -4.65 -20.33
C GLU A 207 5.16 -3.20 -20.19
N ALA A 208 5.90 -2.30 -20.82
CA ALA A 208 5.63 -0.87 -20.70
C ALA A 208 4.34 -0.46 -21.39
N ILE A 209 3.81 -1.27 -22.29
CA ILE A 209 2.52 -0.93 -22.87
C ILE A 209 1.40 -1.31 -21.91
N TYR A 210 1.62 -2.35 -21.11
CA TYR A 210 0.65 -2.69 -20.07
C TYR A 210 0.58 -1.62 -18.99
N ASP A 211 1.68 -0.92 -18.76
CA ASP A 211 1.64 0.26 -17.89
C ASP A 211 1.19 1.50 -18.62
N ILE A 212 0.87 1.41 -19.91
CA ILE A 212 0.20 2.47 -20.64
C ILE A 212 -1.26 2.13 -20.89
N CYS A 213 -1.54 0.90 -21.31
CA CYS A 213 -2.90 0.49 -21.62
C CYS A 213 -3.72 0.16 -20.38
N ARG A 214 -3.24 0.47 -19.17
CA ARG A 214 -4.03 0.31 -17.97
C ARG A 214 -4.38 1.62 -17.29
N ARG A 215 -3.48 2.60 -17.30
CA ARG A 215 -3.76 3.88 -16.67
C ARG A 215 -3.99 5.01 -17.67
N ASN A 216 -3.08 5.20 -18.63
CA ASN A 216 -3.28 6.25 -19.63
C ASN A 216 -4.45 5.91 -20.54
N LEU A 217 -4.45 4.71 -21.11
CA LEU A 217 -5.61 4.16 -21.77
C LEU A 217 -6.35 3.32 -20.75
N ASP A 218 -7.64 3.58 -20.59
CA ASP A 218 -8.38 2.95 -19.50
C ASP A 218 -9.17 1.75 -20.00
N ILE A 219 -8.43 0.68 -20.26
CA ILE A 219 -9.02 -0.63 -20.53
C ILE A 219 -8.34 -1.64 -19.62
N GLU A 220 -9.03 -2.71 -19.31
CA GLU A 220 -8.50 -3.78 -18.48
C GLU A 220 -8.19 -4.99 -19.33
N ARG A 221 -7.02 -5.59 -19.06
CA ARG A 221 -6.50 -6.78 -19.70
C ARG A 221 -6.39 -6.61 -21.21
N PRO A 222 -5.43 -5.83 -21.69
CA PRO A 222 -5.32 -5.62 -23.14
C PRO A 222 -4.66 -6.82 -23.82
N THR A 223 -5.22 -7.18 -24.97
CA THR A 223 -4.73 -8.34 -25.70
C THR A 223 -3.49 -7.95 -26.51
N TYR A 224 -3.05 -8.82 -27.40
CA TYR A 224 -2.00 -8.43 -28.32
C TYR A 224 -2.53 -7.61 -29.48
N THR A 225 -3.85 -7.51 -29.62
CA THR A 225 -4.43 -6.59 -30.59
C THR A 225 -4.67 -5.21 -30.02
N ASN A 226 -4.30 -4.98 -28.75
CA ASN A 226 -4.38 -3.66 -28.16
C ASN A 226 -3.02 -3.03 -27.94
N LEU A 227 -1.94 -3.78 -28.16
CA LEU A 227 -0.61 -3.21 -28.21
C LEU A 227 -0.07 -3.11 -29.61
N ASN A 228 -0.58 -3.93 -30.53
CA ASN A 228 -0.18 -3.86 -31.92
C ASN A 228 -0.99 -2.84 -32.72
N ARG A 229 -1.87 -2.09 -32.06
CA ARG A 229 -2.41 -0.88 -32.64
C ARG A 229 -1.73 0.36 -32.12
N LEU A 230 -1.27 0.33 -30.86
CA LEU A 230 -0.50 1.43 -30.32
C LEU A 230 0.91 1.46 -30.92
N ILE A 231 1.41 0.31 -31.35
CA ILE A 231 2.67 0.28 -32.10
C ILE A 231 2.45 0.61 -33.56
N GLY A 232 1.20 0.58 -34.02
CA GLY A 232 0.94 0.96 -35.40
C GLY A 232 0.90 2.46 -35.60
N GLN A 233 0.45 3.20 -34.60
CA GLN A 233 0.35 4.64 -34.71
C GLN A 233 1.72 5.31 -34.72
N ILE A 234 2.73 4.68 -34.14
CA ILE A 234 4.04 5.31 -34.11
C ILE A 234 4.73 5.21 -35.45
N VAL A 235 4.63 4.05 -36.12
CA VAL A 235 5.16 3.93 -37.47
C VAL A 235 4.32 4.72 -38.45
N SER A 236 3.08 5.06 -38.09
CA SER A 236 2.34 6.02 -38.90
C SER A 236 2.94 7.41 -38.80
N SER A 237 3.07 7.92 -37.58
CA SER A 237 3.49 9.31 -37.42
C SER A 237 4.98 9.53 -37.58
N ILE A 238 5.79 8.48 -37.59
CA ILE A 238 7.19 8.65 -38.00
C ILE A 238 7.25 8.89 -39.50
N THR A 239 6.53 8.08 -40.26
CA THR A 239 6.43 8.25 -41.70
C THR A 239 5.21 9.07 -42.11
N ALA A 240 4.79 10.01 -41.28
CA ALA A 240 3.75 10.94 -41.68
C ALA A 240 4.31 12.14 -42.42
N SER A 241 5.63 12.28 -42.43
CA SER A 241 6.26 13.37 -43.15
C SER A 241 6.45 13.05 -44.62
N LEU A 242 6.53 11.78 -44.98
CA LEU A 242 6.79 11.38 -46.35
C LEU A 242 5.56 11.49 -47.23
N ARG A 243 4.37 11.66 -46.67
CA ARG A 243 3.15 11.56 -47.46
C ARG A 243 2.13 12.64 -47.18
N PHE A 244 2.50 13.70 -46.47
CA PHE A 244 1.55 14.76 -46.14
C PHE A 244 2.31 16.09 -46.15
N ASP A 245 1.71 17.13 -45.57
CA ASP A 245 2.22 18.49 -45.67
C ASP A 245 2.40 19.07 -44.27
N GLY A 246 2.85 20.32 -44.23
CA GLY A 246 3.01 21.04 -42.98
C GLY A 246 4.20 21.99 -42.99
N ALA A 247 5.04 21.90 -41.98
CA ALA A 247 6.36 22.52 -41.96
C ALA A 247 7.41 21.47 -41.67
N LEU A 248 7.25 20.31 -42.31
CA LEU A 248 7.89 19.07 -41.89
C LEU A 248 9.41 19.03 -42.01
N ASN A 249 9.89 18.86 -43.24
CA ASN A 249 11.27 18.47 -43.56
C ASN A 249 11.83 17.42 -42.58
N VAL A 250 11.05 16.36 -42.36
CA VAL A 250 11.49 15.30 -41.46
C VAL A 250 11.48 13.93 -42.14
N ASP A 251 11.88 13.90 -43.41
CA ASP A 251 12.09 12.64 -44.10
C ASP A 251 13.19 11.81 -43.42
N LEU A 252 13.18 10.51 -43.70
CA LEU A 252 13.92 9.54 -42.89
C LEU A 252 15.43 9.68 -43.01
N THR A 253 15.93 10.27 -44.09
CA THR A 253 17.35 10.57 -44.15
C THR A 253 17.71 11.85 -43.42
N GLU A 254 16.74 12.74 -43.22
CA GLU A 254 17.02 13.99 -42.53
C GLU A 254 17.09 13.80 -41.02
N PHE A 255 16.07 13.18 -40.44
CA PHE A 255 16.04 13.01 -39.00
C PHE A 255 17.00 11.94 -38.52
N GLN A 256 17.57 11.14 -39.43
CA GLN A 256 18.52 10.10 -39.06
C GLN A 256 19.78 10.70 -38.45
N THR A 257 20.52 11.50 -39.23
CA THR A 257 21.65 12.24 -38.69
C THR A 257 21.24 13.62 -38.18
N ASN A 258 19.98 13.79 -37.81
CA ASN A 258 19.57 14.80 -36.86
C ASN A 258 19.41 14.21 -35.47
N LEU A 259 19.62 12.90 -35.33
CA LEU A 259 19.38 12.19 -34.08
C LEU A 259 20.62 11.55 -33.51
N VAL A 260 21.34 10.76 -34.29
CA VAL A 260 22.44 9.97 -33.75
C VAL A 260 23.68 10.83 -33.66
N PRO A 261 24.39 10.83 -32.55
CA PRO A 261 25.59 11.64 -32.44
C PRO A 261 26.83 10.88 -32.88
N TYR A 262 26.73 9.55 -32.88
CA TYR A 262 27.84 8.68 -33.20
C TYR A 262 27.25 7.48 -33.91
N PRO A 263 28.08 6.67 -34.60
CA PRO A 263 27.51 5.48 -35.26
C PRO A 263 27.11 4.34 -34.34
N ARG A 264 27.19 4.53 -33.02
CA ARG A 264 26.86 3.48 -32.07
C ARG A 264 25.76 3.87 -31.11
N ILE A 265 25.14 5.04 -31.28
CA ILE A 265 24.15 5.50 -30.33
C ILE A 265 22.79 5.50 -31.02
N HIS A 266 22.60 4.55 -31.94
CA HIS A 266 21.34 4.48 -32.67
C HIS A 266 20.38 3.52 -31.96
N PHE A 267 19.95 3.95 -30.78
CA PHE A 267 18.89 3.24 -30.04
C PHE A 267 18.03 4.24 -29.30
N PRO A 268 17.10 4.89 -30.00
CA PRO A 268 16.14 5.76 -29.31
C PRO A 268 14.96 4.95 -28.80
N LEU A 269 14.07 5.64 -28.09
CA LEU A 269 12.82 5.06 -27.63
C LEU A 269 11.66 5.84 -28.23
N ALA A 270 10.62 5.13 -28.64
CA ALA A 270 9.44 5.82 -29.11
C ALA A 270 8.57 6.21 -27.92
N THR A 271 7.77 7.25 -28.11
CA THR A 271 6.79 7.66 -27.11
C THR A 271 5.64 8.36 -27.79
N TYR A 272 4.43 7.87 -27.61
CA TYR A 272 3.24 8.46 -28.19
C TYR A 272 2.47 9.23 -27.14
N ALA A 273 1.79 10.29 -27.60
CA ALA A 273 0.89 11.10 -26.78
C ALA A 273 0.03 11.90 -27.74
N PRO A 274 -1.27 12.07 -27.46
CA PRO A 274 -2.04 11.55 -26.34
C PRO A 274 -2.58 10.17 -26.61
N VAL A 275 -2.90 9.43 -25.56
CA VAL A 275 -3.43 8.08 -25.69
C VAL A 275 -4.67 7.95 -24.84
N ILE A 276 -5.36 9.07 -24.61
CA ILE A 276 -6.46 9.12 -23.67
C ILE A 276 -7.68 8.42 -24.26
N SER A 277 -8.40 7.68 -23.43
CA SER A 277 -9.53 6.88 -23.87
C SER A 277 -10.72 7.76 -24.24
N ALA A 278 -11.79 7.09 -24.70
CA ALA A 278 -12.96 7.82 -25.16
C ALA A 278 -13.75 8.41 -24.00
N GLU A 279 -13.62 7.85 -22.81
CA GLU A 279 -14.39 8.34 -21.67
C GLU A 279 -13.83 9.64 -21.13
N LYS A 280 -12.51 9.78 -21.07
CA LYS A 280 -11.87 11.02 -20.65
C LYS A 280 -11.32 11.81 -21.83
N ALA A 281 -11.90 11.62 -23.01
CA ALA A 281 -11.51 12.46 -24.14
C ALA A 281 -12.14 13.84 -24.06
N TYR A 282 -13.26 13.97 -23.35
CA TYR A 282 -13.93 15.25 -23.23
C TYR A 282 -13.51 16.02 -22.00
N HIS A 283 -13.07 15.34 -20.94
CA HIS A 283 -12.76 16.01 -19.69
C HIS A 283 -11.36 16.61 -19.66
N GLU A 284 -10.70 16.74 -20.81
CA GLU A 284 -9.37 17.34 -20.83
C GLU A 284 -9.16 18.02 -22.18
N GLN A 285 -8.84 19.31 -22.14
CA GLN A 285 -8.45 20.01 -23.34
C GLN A 285 -7.07 19.52 -23.78
N LEU A 286 -6.99 18.96 -24.97
CA LEU A 286 -5.75 18.36 -25.45
C LEU A 286 -5.04 19.36 -26.35
N SER A 287 -4.36 20.31 -25.72
CA SER A 287 -3.61 21.33 -26.41
C SER A 287 -2.12 21.04 -26.29
N VAL A 288 -1.33 21.79 -27.06
CA VAL A 288 0.05 21.42 -27.36
C VAL A 288 0.95 21.53 -26.15
N ALA A 289 0.59 22.34 -25.16
CA ALA A 289 1.39 22.37 -23.94
C ALA A 289 1.13 21.13 -23.10
N GLU A 290 -0.10 20.63 -23.09
CA GLU A 290 -0.39 19.40 -22.37
C GLU A 290 0.18 18.19 -23.09
N ILE A 291 0.23 18.25 -24.42
CA ILE A 291 0.58 17.08 -25.22
C ILE A 291 2.08 16.80 -25.11
N THR A 292 2.89 17.86 -25.04
CA THR A 292 4.32 17.63 -24.92
C THR A 292 4.72 17.34 -23.49
N ASN A 293 4.07 17.99 -22.53
CA ASN A 293 4.39 17.75 -21.12
C ASN A 293 3.99 16.35 -20.68
N ALA A 294 2.96 15.79 -21.30
CA ALA A 294 2.62 14.39 -21.05
C ALA A 294 3.59 13.44 -21.73
N CYS A 295 4.30 13.91 -22.75
CA CYS A 295 5.15 13.04 -23.54
C CYS A 295 6.51 12.79 -22.91
N PHE A 296 6.77 13.35 -21.72
CA PHE A 296 8.06 13.21 -21.07
C PHE A 296 7.98 12.46 -19.75
N GLU A 297 6.85 11.86 -19.46
CA GLU A 297 6.70 11.17 -18.19
C GLU A 297 7.34 9.78 -18.27
N PRO A 298 8.02 9.34 -17.20
CA PRO A 298 8.47 7.95 -17.14
C PRO A 298 7.35 6.95 -17.08
N ALA A 299 6.16 7.37 -16.65
CA ALA A 299 4.97 6.54 -16.72
C ALA A 299 4.26 6.63 -18.06
N ASN A 300 4.92 7.21 -19.07
CA ASN A 300 4.33 7.31 -20.40
C ASN A 300 5.29 6.92 -21.51
N GLN A 301 6.51 6.50 -21.19
CA GLN A 301 7.43 6.00 -22.21
C GLN A 301 6.99 4.62 -22.68
N MET A 302 7.53 4.21 -23.83
CA MET A 302 7.22 2.90 -24.40
C MET A 302 8.36 1.92 -24.22
N VAL A 303 9.14 2.05 -23.15
CA VAL A 303 10.08 1.02 -22.73
C VAL A 303 10.17 1.10 -21.22
N LYS A 304 10.59 0.00 -20.60
CA LYS A 304 10.72 -0.03 -19.16
C LYS A 304 12.06 0.59 -18.78
N CYS A 305 12.06 1.92 -18.74
CA CYS A 305 13.22 2.67 -18.28
C CYS A 305 12.73 4.01 -17.76
N ASP A 306 13.48 4.55 -16.80
CA ASP A 306 13.16 5.86 -16.27
C ASP A 306 14.08 6.88 -16.91
N PRO A 307 13.58 7.76 -17.79
CA PRO A 307 14.45 8.76 -18.41
C PRO A 307 14.88 9.87 -17.45
N ARG A 308 14.24 10.00 -16.29
CA ARG A 308 14.73 10.93 -15.27
C ARG A 308 16.06 10.49 -14.72
N HIS A 309 16.32 9.18 -14.71
CA HIS A 309 17.61 8.69 -14.26
C HIS A 309 18.71 9.06 -15.26
N GLY A 310 18.44 8.89 -16.55
CA GLY A 310 19.41 9.22 -17.57
C GLY A 310 19.29 10.65 -18.03
N LYS A 311 20.04 10.97 -19.09
CA LYS A 311 20.05 12.29 -19.67
C LYS A 311 19.76 12.20 -21.16
N TYR A 312 18.93 13.10 -21.66
CA TYR A 312 18.61 13.12 -23.09
C TYR A 312 19.80 13.64 -23.89
N MET A 313 20.03 13.03 -25.04
CA MET A 313 20.99 13.59 -25.97
C MET A 313 20.28 14.47 -27.00
N ALA A 314 19.36 13.89 -27.76
CA ALA A 314 18.70 14.63 -28.82
C ALA A 314 17.31 14.03 -29.01
N CYS A 315 16.28 14.78 -28.66
CA CYS A 315 14.92 14.34 -28.90
C CYS A 315 14.56 14.58 -30.35
N CYS A 316 13.35 14.18 -30.74
CA CYS A 316 12.82 14.51 -32.06
C CYS A 316 11.30 14.43 -31.98
N LEU A 317 10.66 15.56 -31.79
CA LEU A 317 9.21 15.59 -31.73
C LEU A 317 8.66 15.60 -33.15
N LEU A 318 7.59 14.83 -33.38
CA LEU A 318 6.98 14.76 -34.70
C LEU A 318 5.48 15.02 -34.53
N TYR A 319 5.11 16.29 -34.52
CA TYR A 319 3.70 16.61 -34.34
C TYR A 319 2.93 16.38 -35.62
N ARG A 320 1.61 16.27 -35.47
CA ARG A 320 0.73 16.15 -36.62
C ARG A 320 -0.66 16.61 -36.21
N GLY A 321 -1.35 17.26 -37.13
CA GLY A 321 -2.67 17.78 -36.85
C GLY A 321 -2.67 19.27 -36.64
N ASP A 322 -3.74 19.74 -35.99
CA ASP A 322 -3.99 21.17 -35.85
C ASP A 322 -3.08 21.75 -34.77
N VAL A 323 -1.82 21.95 -35.16
CA VAL A 323 -0.87 22.69 -34.36
C VAL A 323 -0.37 23.87 -35.18
N VAL A 324 0.32 24.78 -34.51
CA VAL A 324 0.98 25.91 -35.18
C VAL A 324 2.37 26.05 -34.57
N PRO A 325 3.40 26.40 -35.34
CA PRO A 325 4.75 26.43 -34.79
C PRO A 325 5.03 27.58 -33.83
N LYS A 326 4.06 28.47 -33.60
CA LYS A 326 4.20 29.50 -32.58
C LYS A 326 4.29 28.86 -31.20
N ASP A 327 3.21 28.21 -30.77
CA ASP A 327 3.17 27.70 -29.41
C ASP A 327 3.84 26.34 -29.27
N VAL A 328 4.14 25.66 -30.38
CA VAL A 328 5.02 24.51 -30.31
C VAL A 328 6.40 24.94 -29.84
N ASN A 329 6.94 25.98 -30.47
CA ASN A 329 8.23 26.52 -30.07
C ASN A 329 8.15 27.24 -28.73
N ALA A 330 6.97 27.69 -28.31
CA ALA A 330 6.85 28.34 -27.02
C ALA A 330 6.75 27.33 -25.88
N ALA A 331 5.98 26.26 -26.09
CA ALA A 331 5.85 25.23 -25.06
C ALA A 331 7.12 24.39 -24.93
N ILE A 332 7.97 24.41 -25.94
CA ILE A 332 9.23 23.68 -25.88
C ILE A 332 10.16 24.32 -24.85
N ALA A 333 10.17 25.65 -24.78
CA ALA A 333 11.13 26.36 -23.95
C ALA A 333 10.88 26.15 -22.45
N THR A 334 9.65 25.81 -22.08
CA THR A 334 9.39 25.35 -20.73
C THR A 334 10.14 24.04 -20.46
N ILE A 335 9.95 23.06 -21.35
CA ILE A 335 10.59 21.77 -21.22
C ILE A 335 12.09 21.87 -21.49
N LYS A 336 12.49 22.87 -22.27
CA LYS A 336 13.91 23.01 -22.60
C LYS A 336 14.72 23.49 -21.41
N THR A 337 14.25 24.54 -20.74
CA THR A 337 15.07 25.25 -19.75
C THR A 337 14.59 25.03 -18.33
N LYS A 338 13.35 25.38 -18.02
CA LYS A 338 12.91 25.39 -16.63
C LYS A 338 12.31 24.05 -16.20
N ARG A 339 13.05 22.98 -16.46
CA ARG A 339 12.68 21.65 -15.99
C ARG A 339 13.95 20.96 -15.49
N THR A 340 13.76 19.80 -14.87
CA THR A 340 14.84 18.99 -14.35
C THR A 340 14.96 17.68 -15.11
N ILE A 341 14.67 17.72 -16.40
CA ILE A 341 14.96 16.61 -17.31
C ILE A 341 16.21 17.04 -18.06
N GLN A 342 17.37 16.71 -17.50
CA GLN A 342 18.62 17.34 -17.89
C GLN A 342 19.11 16.79 -19.22
N PHE A 343 19.38 17.69 -20.15
CA PHE A 343 19.98 17.33 -21.41
C PHE A 343 21.48 17.12 -21.24
N VAL A 344 22.10 16.52 -22.24
CA VAL A 344 23.54 16.40 -22.19
C VAL A 344 24.16 17.76 -22.51
N ASP A 345 25.41 17.93 -22.08
CA ASP A 345 26.03 19.24 -22.16
C ASP A 345 26.51 19.58 -23.56
N TRP A 346 26.98 18.60 -24.33
CA TRP A 346 27.67 18.91 -25.55
C TRP A 346 26.74 19.18 -26.75
N CYS A 347 25.43 19.16 -26.57
CA CYS A 347 24.61 19.69 -27.65
C CYS A 347 23.48 20.54 -27.09
N PRO A 348 23.56 21.86 -27.22
CA PRO A 348 22.52 22.74 -26.71
C PRO A 348 21.49 23.18 -27.74
N THR A 349 21.51 22.61 -28.94
CA THR A 349 20.63 23.09 -30.01
C THR A 349 19.18 22.71 -29.77
N GLY A 350 18.93 21.72 -28.92
CA GLY A 350 17.57 21.32 -28.64
C GLY A 350 17.19 20.05 -29.36
N PHE A 351 16.15 20.11 -30.17
CA PHE A 351 15.65 18.92 -30.84
C PHE A 351 14.86 19.31 -32.07
N LYS A 352 14.72 18.34 -32.98
CA LYS A 352 13.95 18.53 -34.20
C LYS A 352 12.48 18.76 -33.88
N VAL A 353 11.81 19.48 -34.77
CA VAL A 353 10.37 19.68 -34.70
C VAL A 353 9.78 19.22 -36.02
N GLY A 354 8.85 18.29 -35.95
CA GLY A 354 8.39 17.59 -37.13
C GLY A 354 6.93 17.81 -37.45
N ILE A 355 6.51 19.08 -37.47
CA ILE A 355 5.09 19.42 -37.60
C ILE A 355 4.53 18.94 -38.93
N ASN A 356 3.44 18.18 -38.86
CA ASN A 356 2.71 17.70 -40.02
C ASN A 356 1.27 18.20 -39.93
N TYR A 357 0.57 18.16 -41.07
CA TYR A 357 -0.79 18.68 -41.13
C TYR A 357 -1.86 17.65 -40.83
N GLN A 358 -1.64 16.39 -41.16
CA GLN A 358 -2.72 15.41 -41.12
C GLN A 358 -2.98 14.95 -39.69
N PRO A 359 -4.22 15.03 -39.22
CA PRO A 359 -4.55 14.52 -37.89
C PRO A 359 -4.55 13.00 -37.89
N PRO A 360 -4.32 12.38 -36.73
CA PRO A 360 -4.38 10.92 -36.69
C PRO A 360 -5.82 10.42 -36.76
N THR A 361 -5.96 9.19 -37.21
CA THR A 361 -7.27 8.61 -37.47
C THR A 361 -7.65 7.64 -36.36
N VAL A 362 -8.80 6.98 -36.55
CA VAL A 362 -9.32 6.01 -35.59
C VAL A 362 -9.41 4.67 -36.28
N VAL A 363 -8.71 3.68 -35.74
CA VAL A 363 -8.99 2.30 -36.13
C VAL A 363 -10.33 1.89 -35.53
N PRO A 364 -11.26 1.35 -36.32
CA PRO A 364 -12.64 1.17 -35.83
C PRO A 364 -12.84 0.04 -34.82
N GLY A 365 -11.76 -0.54 -34.30
CA GLY A 365 -11.86 -1.52 -33.23
C GLY A 365 -12.28 -0.94 -31.90
N GLY A 366 -12.22 0.38 -31.74
CA GLY A 366 -12.69 1.01 -30.53
C GLY A 366 -11.71 0.95 -29.39
N ASP A 367 -10.56 1.60 -29.55
CA ASP A 367 -9.52 1.60 -28.53
C ASP A 367 -9.26 2.97 -27.95
N LEU A 368 -8.93 3.95 -28.79
CA LEU A 368 -8.71 5.32 -28.35
C LEU A 368 -9.47 6.24 -29.29
N ALA A 369 -10.16 7.23 -28.72
CA ALA A 369 -10.99 8.11 -29.51
C ALA A 369 -10.13 9.11 -30.29
N LYS A 370 -10.78 9.80 -31.22
CA LYS A 370 -10.07 10.69 -32.13
C LYS A 370 -9.59 11.94 -31.40
N VAL A 371 -8.53 12.52 -31.93
CA VAL A 371 -7.94 13.72 -31.36
C VAL A 371 -7.63 14.69 -32.48
N GLN A 372 -6.96 15.79 -32.16
CA GLN A 372 -6.52 16.74 -33.15
C GLN A 372 -5.01 16.89 -33.20
N ARG A 373 -4.30 16.43 -32.18
CA ARG A 373 -2.86 16.59 -32.08
C ARG A 373 -2.23 15.26 -31.70
N ALA A 374 -0.94 15.13 -31.98
CA ALA A 374 -0.18 13.94 -31.61
C ALA A 374 1.29 14.31 -31.59
N VAL A 375 2.10 13.38 -31.08
CA VAL A 375 3.56 13.52 -31.06
C VAL A 375 4.17 12.14 -30.92
N CYS A 376 5.17 11.83 -31.73
CA CYS A 376 5.93 10.60 -31.57
C CYS A 376 7.37 10.99 -31.30
N MET A 377 7.66 11.34 -30.05
CA MET A 377 8.99 11.81 -29.71
C MET A 377 9.96 10.64 -29.69
N LEU A 378 11.16 10.87 -30.19
CA LEU A 378 12.16 9.82 -30.34
C LEU A 378 13.43 10.30 -29.65
N SER A 379 13.49 10.12 -28.34
CA SER A 379 14.63 10.60 -27.58
C SER A 379 15.75 9.58 -27.65
N ASN A 380 16.95 10.04 -27.97
CA ASN A 380 18.13 9.18 -27.93
C ASN A 380 18.82 9.33 -26.57
N THR A 381 18.08 8.97 -25.53
CA THR A 381 18.59 9.11 -24.17
C THR A 381 19.65 8.06 -23.87
N THR A 382 20.40 8.29 -22.80
CA THR A 382 21.30 7.28 -22.27
C THR A 382 20.65 6.46 -21.17
N ALA A 383 19.32 6.43 -21.11
CA ALA A 383 18.60 5.54 -20.21
C ALA A 383 18.29 4.19 -20.85
N ILE A 384 18.75 3.97 -22.08
CA ILE A 384 18.69 2.62 -22.66
C ILE A 384 19.79 1.74 -22.09
N ALA A 385 20.80 2.34 -21.47
CA ALA A 385 21.85 1.57 -20.82
C ALA A 385 21.34 0.82 -19.58
N GLU A 386 20.18 1.19 -19.05
CA GLU A 386 19.54 0.39 -18.03
C GLU A 386 18.58 -0.64 -18.60
N ALA A 387 18.24 -0.54 -19.89
CA ALA A 387 17.49 -1.61 -20.51
C ALA A 387 18.39 -2.77 -20.87
N TRP A 388 19.62 -2.48 -21.30
CA TRP A 388 20.60 -3.52 -21.51
C TRP A 388 21.30 -3.93 -20.22
N ALA A 389 21.08 -3.22 -19.12
CA ALA A 389 21.66 -3.63 -17.86
C ALA A 389 20.99 -4.87 -17.31
N ARG A 390 19.74 -5.11 -17.70
CA ARG A 390 19.09 -6.38 -17.36
C ARG A 390 19.76 -7.52 -18.10
N LEU A 391 19.75 -7.45 -19.43
CA LEU A 391 20.16 -8.58 -20.25
C LEU A 391 21.66 -8.79 -20.26
N ASP A 392 22.44 -7.79 -19.85
CA ASP A 392 23.86 -8.04 -19.65
C ASP A 392 24.09 -8.87 -18.39
N HIS A 393 23.17 -8.79 -17.44
CA HIS A 393 23.26 -9.58 -16.22
C HIS A 393 22.43 -10.86 -16.32
N LYS A 394 21.23 -10.75 -16.88
CA LYS A 394 20.30 -11.88 -16.91
C LYS A 394 20.81 -13.00 -17.81
N PHE A 395 21.44 -12.65 -18.93
CA PHE A 395 22.05 -13.67 -19.76
C PHE A 395 23.32 -14.21 -19.11
N ASP A 396 24.08 -13.34 -18.44
CA ASP A 396 25.29 -13.79 -17.77
C ASP A 396 24.98 -14.67 -16.58
N LEU A 397 23.81 -14.52 -15.99
CA LEU A 397 23.40 -15.42 -14.92
C LEU A 397 23.08 -16.82 -15.45
N MET A 398 22.62 -16.90 -16.69
CA MET A 398 22.30 -18.19 -17.30
C MET A 398 23.54 -18.85 -17.88
N TYR A 399 24.40 -18.06 -18.53
CA TYR A 399 25.57 -18.62 -19.20
C TYR A 399 26.65 -19.08 -18.23
N ALA A 400 26.59 -18.63 -16.97
CA ALA A 400 27.55 -19.09 -15.97
C ALA A 400 27.40 -20.57 -15.69
N LYS A 401 26.18 -21.09 -15.75
CA LYS A 401 25.91 -22.50 -15.54
C LYS A 401 25.85 -23.29 -16.84
N ARG A 402 26.09 -22.62 -17.97
CA ARG A 402 26.04 -23.20 -19.33
C ARG A 402 24.69 -23.84 -19.63
N ALA A 403 23.62 -23.24 -19.13
CA ALA A 403 22.29 -23.76 -19.41
C ALA A 403 21.88 -23.41 -20.83
N PHE A 404 21.18 -24.34 -21.47
CA PHE A 404 20.56 -24.22 -22.79
C PHE A 404 21.56 -23.98 -23.92
N VAL A 405 22.85 -24.18 -23.67
CA VAL A 405 23.83 -23.91 -24.71
C VAL A 405 23.83 -25.01 -25.75
N HIS A 406 23.53 -26.25 -25.35
CA HIS A 406 23.60 -27.39 -26.25
C HIS A 406 22.49 -27.38 -27.29
N TRP A 407 21.48 -26.54 -27.16
CA TRP A 407 20.52 -26.33 -28.22
C TRP A 407 20.98 -25.30 -29.24
N TYR A 408 22.14 -24.71 -29.03
CA TYR A 408 22.76 -23.81 -30.00
C TYR A 408 24.06 -24.36 -30.57
N VAL A 409 24.86 -25.00 -29.73
CA VAL A 409 26.12 -25.57 -30.22
C VAL A 409 25.88 -26.81 -31.06
N GLY A 410 24.70 -27.39 -31.00
CA GLY A 410 24.35 -28.49 -31.86
C GLY A 410 23.68 -28.10 -33.14
N GLU A 411 23.45 -26.80 -33.36
CA GLU A 411 22.74 -26.33 -34.53
C GLU A 411 23.64 -25.63 -35.54
N GLY A 412 24.86 -25.29 -35.18
CA GLY A 412 25.76 -24.63 -36.10
C GLY A 412 26.48 -23.47 -35.45
N MET A 413 25.94 -22.98 -34.35
CA MET A 413 26.53 -21.86 -33.63
C MET A 413 27.74 -22.34 -32.86
N GLU A 414 28.86 -21.65 -33.03
CA GLU A 414 30.05 -21.96 -32.24
C GLU A 414 29.83 -21.52 -30.80
N GLU A 415 30.39 -22.28 -29.86
CA GLU A 415 30.15 -22.02 -28.44
C GLU A 415 30.81 -20.73 -27.96
N GLY A 416 31.82 -20.25 -28.66
CA GLY A 416 32.44 -18.99 -28.30
C GLY A 416 31.72 -17.75 -28.79
N GLU A 417 30.56 -17.91 -29.43
CA GLU A 417 29.83 -16.74 -29.92
C GLU A 417 29.21 -15.97 -28.78
N PHE A 418 28.71 -16.66 -27.76
CA PHE A 418 28.17 -15.99 -26.59
C PHE A 418 29.24 -15.24 -25.83
N SER A 419 30.46 -15.76 -25.79
CA SER A 419 31.55 -15.04 -25.17
C SER A 419 31.99 -13.85 -26.02
N GLU A 420 31.63 -13.83 -27.29
CA GLU A 420 31.90 -12.70 -28.17
C GLU A 420 30.77 -11.68 -28.15
N ALA A 421 29.53 -12.16 -28.10
CA ALA A 421 28.38 -11.25 -28.13
C ALA A 421 28.26 -10.46 -26.84
N ARG A 422 28.47 -11.11 -25.70
CA ARG A 422 28.45 -10.42 -24.41
C ARG A 422 29.61 -9.45 -24.30
N GLU A 423 30.77 -9.82 -24.84
CA GLU A 423 31.94 -8.94 -24.82
C GLU A 423 31.70 -7.70 -25.67
N ASP A 424 30.98 -7.85 -26.78
CA ASP A 424 30.63 -6.69 -27.60
C ASP A 424 29.55 -5.86 -26.92
N MET A 425 28.50 -6.50 -26.39
CA MET A 425 27.36 -5.78 -25.87
C MET A 425 27.66 -5.08 -24.55
N ALA A 426 28.69 -5.54 -23.83
CA ALA A 426 29.10 -4.81 -22.64
C ALA A 426 29.95 -3.61 -23.00
N ALA A 427 30.75 -3.71 -24.07
CA ALA A 427 31.52 -2.57 -24.52
C ALA A 427 30.64 -1.50 -25.14
N LEU A 428 29.48 -1.89 -25.67
CA LEU A 428 28.50 -0.91 -26.11
C LEU A 428 27.90 -0.17 -24.93
N GLU A 429 27.58 -0.89 -23.86
CA GLU A 429 27.03 -0.27 -22.66
C GLU A 429 28.05 0.64 -21.98
N LYS A 430 29.33 0.27 -22.04
CA LYS A 430 30.37 1.19 -21.59
C LYS A 430 30.47 2.40 -22.51
N ASP A 431 30.25 2.18 -23.81
CA ASP A 431 30.28 3.29 -24.75
C ASP A 431 29.06 4.20 -24.60
N TYR A 432 27.92 3.64 -24.18
CA TYR A 432 26.73 4.45 -23.99
C TYR A 432 26.84 5.32 -22.76
N GLU A 433 27.41 4.78 -21.69
CA GLU A 433 27.65 5.57 -20.49
C GLU A 433 28.88 6.47 -20.62
N GLU A 434 29.68 6.29 -21.67
CA GLU A 434 30.83 7.14 -21.89
C GLU A 434 30.40 8.56 -22.25
N VAL A 435 29.48 8.69 -23.20
CA VAL A 435 28.99 10.01 -23.60
C VAL A 435 27.82 10.32 -22.68
N GLY A 436 28.15 10.73 -21.46
CA GLY A 436 27.17 11.25 -20.54
C GLY A 436 27.73 12.38 -19.72
N VAL A 437 29.03 12.64 -19.88
CA VAL A 437 29.74 13.59 -19.04
C VAL A 437 30.64 14.46 -19.90
N ASP A 438 30.76 15.73 -19.51
CA ASP A 438 31.62 16.68 -20.20
C ASP A 438 32.72 17.24 -19.32
N SER A 439 32.38 17.80 -18.17
CA SER A 439 33.34 18.46 -17.31
C SER A 439 33.92 17.51 -16.28
N VAL A 440 35.15 17.78 -15.88
CA VAL A 440 35.85 16.94 -14.90
C VAL A 440 35.33 17.20 -13.50
N MET B 1 2.82 -28.27 -43.11
CA MET B 1 2.11 -28.81 -41.97
C MET B 1 2.97 -29.83 -41.24
N ARG B 2 3.30 -29.53 -39.99
CA ARG B 2 4.10 -30.46 -39.20
C ARG B 2 3.28 -31.70 -38.85
N GLU B 3 3.94 -32.85 -38.86
CA GLU B 3 3.26 -34.14 -38.77
C GLU B 3 3.82 -34.93 -37.61
N ILE B 4 2.97 -35.69 -36.94
CA ILE B 4 3.41 -36.52 -35.82
C ILE B 4 2.70 -37.87 -35.88
N VAL B 5 3.46 -38.91 -36.23
CA VAL B 5 2.94 -40.27 -36.13
C VAL B 5 2.93 -40.67 -34.67
N HIS B 6 1.90 -41.42 -34.27
CA HIS B 6 1.59 -41.66 -32.87
C HIS B 6 1.45 -43.15 -32.62
N ILE B 7 2.30 -43.71 -31.77
CA ILE B 7 2.53 -45.14 -31.69
C ILE B 7 2.01 -45.64 -30.35
N GLN B 8 0.83 -46.26 -30.34
CA GLN B 8 0.25 -46.77 -29.09
C GLN B 8 0.88 -48.10 -28.74
N ALA B 9 2.05 -48.05 -28.10
CA ALA B 9 2.67 -49.26 -27.63
C ALA B 9 1.99 -49.76 -26.36
N GLY B 10 2.29 -51.00 -26.00
CA GLY B 10 1.75 -51.59 -24.78
C GLY B 10 0.24 -51.82 -24.85
N GLN B 11 -0.33 -52.08 -23.69
CA GLN B 11 -1.77 -52.22 -23.56
C GLN B 11 -2.42 -51.03 -22.87
N CYS B 12 -1.81 -50.53 -21.79
CA CYS B 12 -2.31 -49.32 -21.15
C CYS B 12 -2.19 -48.13 -22.09
N GLY B 13 -1.10 -48.06 -22.84
CA GLY B 13 -1.00 -47.05 -23.89
C GLY B 13 -2.06 -47.22 -24.96
N ASN B 14 -2.45 -48.45 -25.23
CA ASN B 14 -3.60 -48.68 -26.09
C ASN B 14 -4.91 -48.35 -25.37
N GLN B 15 -4.94 -48.47 -24.05
CA GLN B 15 -6.14 -48.11 -23.31
C GLN B 15 -6.32 -46.61 -23.22
N ILE B 16 -5.22 -45.86 -23.14
CA ILE B 16 -5.32 -44.39 -23.13
C ILE B 16 -5.29 -43.82 -24.53
N GLY B 17 -5.03 -44.63 -25.54
CA GLY B 17 -5.02 -44.13 -26.89
C GLY B 17 -6.40 -44.20 -27.51
N ALA B 18 -7.19 -45.17 -27.06
CA ALA B 18 -8.58 -45.25 -27.50
C ALA B 18 -9.41 -44.11 -26.96
N LYS B 19 -9.00 -43.50 -25.84
CA LYS B 19 -9.60 -42.28 -25.35
C LYS B 19 -8.81 -41.05 -25.78
N PHE B 20 -7.70 -41.22 -26.49
CA PHE B 20 -6.96 -40.08 -27.00
C PHE B 20 -7.52 -39.62 -28.33
N TRP B 21 -7.79 -40.56 -29.23
CA TRP B 21 -8.41 -40.19 -30.50
C TRP B 21 -9.87 -39.85 -30.35
N GLU B 22 -10.51 -40.31 -29.27
CA GLU B 22 -11.88 -39.91 -28.99
C GLU B 22 -11.96 -38.43 -28.63
N VAL B 23 -10.90 -37.89 -28.04
CA VAL B 23 -10.83 -36.46 -27.80
C VAL B 23 -10.66 -35.71 -29.12
N ILE B 24 -9.74 -36.18 -29.96
CA ILE B 24 -9.35 -35.42 -31.14
C ILE B 24 -10.41 -35.50 -32.22
N SER B 25 -11.03 -36.68 -32.39
CA SER B 25 -12.15 -36.79 -33.32
C SER B 25 -13.35 -35.97 -32.89
N ASP B 26 -13.48 -35.68 -31.59
CA ASP B 26 -14.42 -34.65 -31.17
C ASP B 26 -13.85 -33.26 -31.36
N GLU B 27 -12.54 -33.11 -31.21
CA GLU B 27 -11.94 -31.77 -31.27
C GLU B 27 -11.86 -31.24 -32.69
N HIS B 28 -11.86 -32.11 -33.69
CA HIS B 28 -11.95 -31.68 -35.08
C HIS B 28 -13.31 -31.96 -35.67
N GLY B 29 -14.22 -32.55 -34.91
CA GLY B 29 -15.55 -32.86 -35.42
C GLY B 29 -15.54 -33.97 -36.44
N ILE B 30 -14.81 -35.05 -36.14
CA ILE B 30 -14.69 -36.19 -37.03
C ILE B 30 -15.57 -37.31 -36.51
N ASP B 31 -16.46 -37.79 -37.37
CA ASP B 31 -17.39 -38.84 -37.02
C ASP B 31 -16.64 -40.16 -36.78
N PRO B 32 -17.24 -41.10 -36.06
CA PRO B 32 -16.60 -42.42 -35.89
C PRO B 32 -16.42 -43.20 -37.18
N SER B 33 -17.19 -42.89 -38.23
CA SER B 33 -16.90 -43.49 -39.52
C SER B 33 -15.63 -42.92 -40.14
N GLY B 34 -15.30 -41.68 -39.82
CA GLY B 34 -14.08 -41.08 -40.32
C GLY B 34 -14.29 -39.84 -41.16
N ASN B 35 -15.55 -39.44 -41.30
CA ASN B 35 -15.90 -38.29 -42.13
C ASN B 35 -15.68 -37.00 -41.35
N TYR B 36 -16.16 -35.89 -41.89
CA TYR B 36 -16.09 -34.59 -41.25
C TYR B 36 -17.50 -34.05 -41.08
N VAL B 37 -17.86 -33.68 -39.86
CA VAL B 37 -19.16 -33.07 -39.60
C VAL B 37 -19.00 -31.82 -38.76
N GLY B 38 -17.82 -31.21 -38.82
CA GLY B 38 -17.55 -30.04 -38.02
C GLY B 38 -18.14 -28.77 -38.63
N ASP B 39 -18.37 -27.79 -37.74
CA ASP B 39 -19.04 -26.55 -38.14
C ASP B 39 -18.05 -25.49 -38.61
N SER B 40 -17.11 -25.11 -37.75
CA SER B 40 -16.15 -24.07 -38.10
C SER B 40 -15.03 -24.64 -38.96
N ASP B 41 -14.68 -23.91 -40.01
CA ASP B 41 -13.64 -24.35 -40.92
C ASP B 41 -12.23 -24.09 -40.39
N LEU B 42 -12.10 -23.35 -39.29
CA LEU B 42 -10.78 -23.11 -38.72
C LEU B 42 -10.18 -24.35 -38.08
N GLN B 43 -11.01 -25.34 -37.75
CA GLN B 43 -10.53 -26.62 -37.26
C GLN B 43 -10.25 -27.61 -38.38
N LEU B 44 -10.66 -27.31 -39.60
CA LEU B 44 -10.46 -28.22 -40.72
C LEU B 44 -9.21 -27.88 -41.53
N GLU B 45 -8.78 -26.62 -41.50
CA GLU B 45 -7.70 -26.16 -42.36
C GLU B 45 -6.37 -26.82 -42.02
N ARG B 46 -6.19 -27.24 -40.77
CA ARG B 46 -5.01 -28.01 -40.39
C ARG B 46 -5.47 -29.20 -39.53
N ILE B 47 -5.83 -30.30 -40.20
CA ILE B 47 -5.99 -31.58 -39.52
C ILE B 47 -4.89 -32.55 -39.86
N SER B 48 -4.01 -32.20 -40.80
CA SER B 48 -3.00 -33.12 -41.28
C SER B 48 -1.88 -33.36 -40.28
N VAL B 49 -1.88 -32.66 -39.15
CA VAL B 49 -0.93 -32.96 -38.08
C VAL B 49 -1.20 -34.35 -37.51
N TYR B 50 -2.47 -34.73 -37.43
CA TYR B 50 -2.87 -35.97 -36.80
C TYR B 50 -3.63 -36.91 -37.72
N TYR B 51 -3.73 -36.61 -39.01
CA TYR B 51 -4.62 -37.37 -39.86
C TYR B 51 -4.04 -37.50 -41.25
N ASN B 52 -4.73 -38.28 -42.09
CA ASN B 52 -4.44 -38.42 -43.50
C ASN B 52 -5.73 -38.13 -44.27
N GLU B 53 -5.76 -38.44 -45.55
CA GLU B 53 -6.99 -38.40 -46.31
C GLU B 53 -7.15 -39.69 -47.10
N ALA B 54 -8.37 -40.20 -47.16
CA ALA B 54 -8.70 -41.29 -48.04
C ALA B 54 -9.26 -40.71 -49.33
N SER B 55 -9.80 -41.57 -50.19
CA SER B 55 -10.29 -41.12 -51.49
C SER B 55 -11.74 -40.65 -51.43
N SER B 56 -12.02 -39.78 -50.46
CA SER B 56 -13.32 -39.17 -50.21
C SER B 56 -13.10 -38.10 -49.15
N HIS B 57 -14.19 -37.54 -48.63
CA HIS B 57 -14.12 -36.78 -47.38
C HIS B 57 -14.19 -37.80 -46.24
N LYS B 58 -13.06 -38.44 -46.00
CA LYS B 58 -12.96 -39.47 -44.96
C LYS B 58 -11.51 -39.53 -44.52
N TYR B 59 -11.25 -39.18 -43.27
CA TYR B 59 -9.89 -39.10 -42.78
C TYR B 59 -9.57 -40.31 -41.91
N VAL B 60 -8.29 -40.68 -41.89
CA VAL B 60 -7.82 -41.87 -41.21
C VAL B 60 -6.64 -41.46 -40.34
N PRO B 61 -6.66 -41.73 -39.04
CA PRO B 61 -5.64 -41.17 -38.15
C PRO B 61 -4.29 -41.84 -38.32
N ARG B 62 -3.24 -41.02 -38.23
CA ARG B 62 -1.87 -41.49 -38.32
C ARG B 62 -1.51 -42.18 -37.01
N ALA B 63 -1.91 -43.44 -36.90
CA ALA B 63 -1.73 -44.19 -35.68
C ALA B 63 -1.15 -45.56 -35.97
N ILE B 64 -0.22 -46.00 -35.13
CA ILE B 64 0.34 -47.34 -35.18
C ILE B 64 0.05 -47.97 -33.83
N LEU B 65 -0.64 -49.10 -33.83
CA LEU B 65 -1.03 -49.76 -32.60
C LEU B 65 -0.20 -51.02 -32.44
N VAL B 66 0.62 -51.08 -31.39
CA VAL B 66 1.56 -52.17 -31.17
C VAL B 66 1.27 -52.75 -29.80
N ASP B 67 1.03 -54.06 -29.73
CA ASP B 67 0.90 -54.79 -28.48
C ASP B 67 1.19 -56.25 -28.73
N LEU B 68 2.06 -56.84 -27.91
CA LEU B 68 2.27 -58.27 -27.97
C LEU B 68 1.03 -59.02 -27.51
N GLU B 69 0.37 -58.49 -26.49
CA GLU B 69 -0.90 -59.03 -26.02
C GLU B 69 -1.97 -58.78 -27.06
N PRO B 70 -2.57 -59.80 -27.65
CA PRO B 70 -3.68 -59.61 -28.56
C PRO B 70 -4.98 -59.51 -27.77
N GLY B 71 -6.09 -59.38 -28.48
CA GLY B 71 -7.39 -59.28 -27.85
C GLY B 71 -7.75 -57.87 -27.41
N THR B 72 -6.81 -57.14 -26.82
CA THR B 72 -7.02 -55.72 -26.59
C THR B 72 -6.99 -54.91 -27.88
N MET B 73 -6.45 -55.48 -28.95
CA MET B 73 -6.74 -54.95 -30.29
C MET B 73 -8.23 -55.06 -30.58
N ASP B 74 -8.83 -56.19 -30.25
CA ASP B 74 -10.24 -56.41 -30.53
C ASP B 74 -11.16 -55.58 -29.65
N SER B 75 -10.64 -55.00 -28.57
CA SER B 75 -11.42 -54.01 -27.84
C SER B 75 -11.58 -52.74 -28.66
N VAL B 76 -10.48 -52.18 -29.14
CA VAL B 76 -10.57 -50.96 -29.93
C VAL B 76 -10.99 -51.22 -31.36
N ARG B 77 -10.93 -52.47 -31.83
CA ARG B 77 -11.46 -52.77 -33.15
C ARG B 77 -12.97 -52.92 -33.11
N SER B 78 -13.53 -53.23 -31.94
CA SER B 78 -14.97 -53.38 -31.78
C SER B 78 -15.56 -52.33 -30.85
N GLY B 79 -14.79 -51.30 -30.51
CA GLY B 79 -15.27 -50.23 -29.66
C GLY B 79 -16.08 -49.20 -30.42
N ALA B 80 -16.03 -47.96 -29.95
CA ALA B 80 -16.74 -46.87 -30.60
C ALA B 80 -16.02 -46.35 -31.83
N PHE B 81 -14.74 -46.66 -31.99
CA PHE B 81 -13.95 -46.15 -33.10
C PHE B 81 -13.19 -47.27 -33.78
N GLY B 82 -13.85 -48.40 -33.99
CA GLY B 82 -13.20 -49.51 -34.67
C GLY B 82 -13.07 -49.29 -36.16
N HIS B 83 -13.99 -48.56 -36.75
CA HIS B 83 -13.97 -48.29 -38.17
C HIS B 83 -13.17 -47.04 -38.52
N LEU B 84 -12.51 -46.45 -37.55
CA LEU B 84 -11.75 -45.24 -37.81
C LEU B 84 -10.32 -45.53 -38.22
N PHE B 85 -9.67 -46.48 -37.55
CA PHE B 85 -8.26 -46.74 -37.77
C PHE B 85 -8.04 -47.47 -39.09
N ARG B 86 -6.82 -47.39 -39.58
CA ARG B 86 -6.45 -48.17 -40.75
C ARG B 86 -6.20 -49.61 -40.31
N PRO B 87 -6.91 -50.59 -40.88
CA PRO B 87 -6.74 -51.98 -40.41
C PRO B 87 -5.40 -52.57 -40.74
N ASP B 88 -4.68 -52.02 -41.71
CA ASP B 88 -3.32 -52.43 -41.97
C ASP B 88 -2.38 -52.02 -40.85
N ASN B 89 -2.71 -50.94 -40.12
CA ASN B 89 -1.82 -50.45 -39.07
C ASN B 89 -1.87 -51.31 -37.82
N PHE B 90 -2.90 -52.13 -37.65
CA PHE B 90 -3.02 -52.92 -36.43
C PHE B 90 -2.00 -54.04 -36.37
N ILE B 91 -0.90 -53.81 -35.64
CA ILE B 91 0.17 -54.79 -35.54
C ILE B 91 0.11 -55.43 -34.16
N PHE B 92 -0.02 -56.75 -34.14
CA PHE B 92 -0.09 -57.45 -32.87
C PHE B 92 0.47 -58.85 -33.04
N GLY B 93 1.23 -59.29 -32.04
CA GLY B 93 1.82 -60.62 -32.04
C GLY B 93 0.82 -61.69 -31.65
N GLN B 94 1.33 -62.78 -31.10
CA GLN B 94 0.48 -63.90 -30.73
C GLN B 94 0.47 -64.18 -29.24
N SER B 95 1.63 -64.21 -28.61
CA SER B 95 1.70 -64.68 -27.22
C SER B 95 1.27 -63.61 -26.23
N GLY B 96 2.01 -62.51 -26.17
CA GLY B 96 1.78 -61.52 -25.15
C GLY B 96 2.73 -61.74 -24.00
N ALA B 97 3.74 -60.87 -23.86
CA ALA B 97 4.76 -61.05 -22.85
C ALA B 97 4.18 -60.80 -21.46
N GLY B 98 4.38 -61.76 -20.57
CA GLY B 98 3.77 -61.70 -19.26
C GLY B 98 4.60 -60.94 -18.24
N ASN B 99 4.58 -59.61 -18.35
CA ASN B 99 5.24 -58.68 -17.43
C ASN B 99 6.75 -58.92 -17.34
N ASN B 100 7.32 -59.44 -18.42
CA ASN B 100 8.75 -59.68 -18.54
C ASN B 100 9.35 -58.54 -19.36
N TRP B 101 10.60 -58.22 -19.07
CA TRP B 101 11.27 -57.22 -19.90
C TRP B 101 12.20 -57.84 -20.92
N ALA B 102 12.99 -58.84 -20.52
CA ALA B 102 13.88 -59.51 -21.45
C ALA B 102 13.09 -60.21 -22.54
N LYS B 103 12.05 -60.95 -22.16
CA LYS B 103 11.01 -61.27 -23.12
C LYS B 103 10.24 -59.99 -23.41
N GLY B 104 9.98 -59.73 -24.67
CA GLY B 104 9.40 -58.48 -25.09
C GLY B 104 10.39 -57.47 -25.61
N HIS B 105 11.66 -57.59 -25.25
CA HIS B 105 12.71 -56.76 -25.82
C HIS B 105 13.70 -57.59 -26.64
N TYR B 106 14.30 -58.60 -26.02
CA TYR B 106 15.29 -59.40 -26.73
C TYR B 106 14.63 -60.47 -27.58
N THR B 107 13.90 -61.39 -26.95
CA THR B 107 13.41 -62.56 -27.66
C THR B 107 12.14 -62.26 -28.45
N GLU B 108 11.08 -61.87 -27.74
CA GLU B 108 9.77 -61.78 -28.37
C GLU B 108 9.62 -60.51 -29.20
N GLY B 109 10.15 -59.39 -28.72
CA GLY B 109 9.93 -58.13 -29.40
C GLY B 109 10.72 -57.99 -30.69
N ALA B 110 11.86 -58.66 -30.79
CA ALA B 110 12.68 -58.54 -31.99
C ALA B 110 12.06 -59.26 -33.18
N GLU B 111 11.16 -60.20 -32.94
CA GLU B 111 10.47 -60.91 -34.01
C GLU B 111 9.24 -60.17 -34.50
N LEU B 112 8.95 -59.00 -33.93
CA LEU B 112 7.81 -58.20 -34.33
C LEU B 112 8.18 -56.81 -34.80
N VAL B 113 9.26 -56.24 -34.26
CA VAL B 113 9.56 -54.83 -34.44
C VAL B 113 9.97 -54.48 -35.87
N ASP B 114 10.34 -55.47 -36.69
CA ASP B 114 10.62 -55.20 -38.08
C ASP B 114 9.35 -55.05 -38.90
N SER B 115 8.23 -55.58 -38.42
CA SER B 115 6.96 -55.31 -39.08
C SER B 115 6.46 -53.91 -38.78
N VAL B 116 6.89 -53.34 -37.66
CA VAL B 116 6.45 -51.99 -37.31
C VAL B 116 7.17 -50.96 -38.16
N LEU B 117 8.48 -51.12 -38.34
CA LEU B 117 9.26 -50.15 -39.09
C LEU B 117 9.00 -50.20 -40.59
N ASP B 118 8.29 -51.22 -41.07
CA ASP B 118 7.75 -51.20 -42.43
C ASP B 118 6.43 -50.46 -42.51
N VAL B 119 5.90 -50.02 -41.37
CA VAL B 119 4.73 -49.17 -41.34
C VAL B 119 5.07 -47.75 -40.92
N VAL B 120 6.01 -47.59 -39.98
CA VAL B 120 6.42 -46.26 -39.57
C VAL B 120 7.26 -45.60 -40.67
N ARG B 121 7.84 -46.36 -41.58
CA ARG B 121 8.44 -45.77 -42.77
C ARG B 121 7.43 -45.62 -43.89
N LYS B 122 6.33 -46.36 -43.84
CA LYS B 122 5.23 -46.11 -44.77
C LYS B 122 4.51 -44.83 -44.41
N GLU B 123 4.37 -44.55 -43.11
CA GLU B 123 3.73 -43.31 -42.69
C GLU B 123 4.68 -42.12 -42.72
N CYS B 124 5.99 -42.34 -42.69
CA CYS B 124 6.93 -41.24 -42.83
C CYS B 124 7.03 -40.75 -44.26
N GLU B 125 6.55 -41.54 -45.23
CA GLU B 125 6.68 -41.18 -46.63
C GLU B 125 5.52 -40.32 -47.11
N ASN B 126 4.37 -40.42 -46.47
CA ASN B 126 3.22 -39.59 -46.82
C ASN B 126 3.15 -38.29 -46.04
N CYS B 127 4.20 -37.95 -45.30
CA CYS B 127 4.25 -36.72 -44.53
C CYS B 127 5.24 -35.75 -45.16
N ASP B 128 4.82 -34.49 -45.26
CA ASP B 128 5.61 -33.48 -45.97
C ASP B 128 6.76 -32.96 -45.12
N CYS B 129 6.48 -32.51 -43.91
CA CYS B 129 7.50 -32.06 -42.96
C CYS B 129 7.17 -32.72 -41.63
N LEU B 130 7.86 -33.81 -41.33
CA LEU B 130 7.60 -34.56 -40.11
C LEU B 130 8.13 -33.81 -38.90
N GLN B 131 7.32 -33.73 -37.85
CA GLN B 131 7.72 -33.07 -36.62
C GLN B 131 8.31 -34.05 -35.61
N GLY B 132 7.62 -35.14 -35.32
CA GLY B 132 8.15 -36.07 -34.34
C GLY B 132 7.31 -37.31 -34.22
N PHE B 133 7.60 -38.08 -33.18
CA PHE B 133 6.88 -39.31 -32.88
C PHE B 133 6.39 -39.25 -31.45
N GLN B 134 5.08 -39.37 -31.25
CA GLN B 134 4.55 -39.63 -29.93
C GLN B 134 4.43 -41.13 -29.75
N LEU B 135 4.72 -41.61 -28.54
CA LEU B 135 4.34 -42.98 -28.24
C LEU B 135 3.93 -43.07 -26.78
N THR B 136 2.82 -43.75 -26.54
CA THR B 136 2.20 -43.83 -25.23
C THR B 136 2.31 -45.27 -24.75
N HIS B 137 2.97 -45.47 -23.63
CA HIS B 137 3.15 -46.82 -23.12
C HIS B 137 3.16 -46.79 -21.61
N SER B 138 3.05 -47.97 -21.02
CA SER B 138 3.10 -48.12 -19.56
C SER B 138 4.47 -48.63 -19.17
N LEU B 139 5.18 -47.85 -18.36
CA LEU B 139 6.41 -48.34 -17.79
C LEU B 139 6.11 -49.39 -16.75
N GLY B 140 7.09 -50.24 -16.46
CA GLY B 140 6.93 -51.30 -15.50
C GLY B 140 6.19 -52.53 -15.98
N GLY B 141 5.52 -52.46 -17.10
CA GLY B 141 4.82 -53.61 -17.63
C GLY B 141 5.72 -54.49 -18.47
N GLY B 142 5.10 -55.31 -19.31
CA GLY B 142 5.86 -56.23 -20.12
C GLY B 142 6.06 -55.76 -21.54
N THR B 143 4.97 -55.34 -22.19
CA THR B 143 5.05 -54.92 -23.58
C THR B 143 5.57 -53.50 -23.69
N GLY B 144 4.86 -52.55 -23.09
CA GLY B 144 5.14 -51.13 -23.26
C GLY B 144 6.47 -50.69 -22.68
N SER B 145 7.09 -51.50 -21.83
CA SER B 145 8.41 -51.19 -21.33
C SER B 145 9.51 -51.96 -21.99
N GLY B 146 9.20 -53.04 -22.72
CA GLY B 146 10.24 -53.81 -23.35
C GLY B 146 10.17 -53.80 -24.86
N MET B 147 8.96 -53.76 -25.42
CA MET B 147 8.82 -53.54 -26.85
C MET B 147 8.98 -52.06 -27.17
N GLY B 148 8.58 -51.19 -26.24
CA GLY B 148 8.63 -49.76 -26.51
C GLY B 148 10.04 -49.23 -26.65
N THR B 149 10.92 -49.58 -25.71
CA THR B 149 12.30 -49.09 -25.78
C THR B 149 13.09 -49.76 -26.89
N LEU B 150 12.69 -50.96 -27.32
CA LEU B 150 13.24 -51.50 -28.54
C LEU B 150 12.78 -50.71 -29.75
N LEU B 151 11.53 -50.22 -29.69
CA LEU B 151 10.99 -49.48 -30.82
C LEU B 151 11.57 -48.08 -30.91
N ILE B 152 11.92 -47.48 -29.77
CA ILE B 152 12.46 -46.12 -29.79
C ILE B 152 13.88 -46.12 -30.32
N SER B 153 14.71 -47.04 -29.82
CA SER B 153 16.10 -47.13 -30.25
C SER B 153 16.26 -47.58 -31.70
N LYS B 154 15.22 -48.15 -32.30
CA LYS B 154 15.22 -48.38 -33.73
C LYS B 154 14.73 -47.18 -34.52
N VAL B 155 13.83 -46.39 -33.93
CA VAL B 155 13.34 -45.20 -34.63
C VAL B 155 14.37 -44.08 -34.57
N ARG B 156 14.97 -43.87 -33.40
CA ARG B 156 15.98 -42.82 -33.26
C ARG B 156 17.27 -43.15 -34.01
N GLU B 157 17.48 -44.40 -34.39
CA GLU B 157 18.57 -44.71 -35.31
C GLU B 157 18.28 -44.16 -36.69
N GLU B 158 17.02 -44.20 -37.12
CA GLU B 158 16.68 -43.80 -38.48
C GLU B 158 16.30 -42.32 -38.58
N TYR B 159 15.92 -41.67 -37.50
CA TYR B 159 15.46 -40.29 -37.53
C TYR B 159 16.08 -39.51 -36.38
N PRO B 160 17.36 -39.15 -36.49
CA PRO B 160 18.03 -38.48 -35.37
C PRO B 160 17.74 -36.99 -35.27
N ASP B 161 16.87 -36.45 -36.13
CA ASP B 161 16.49 -35.06 -36.04
C ASP B 161 15.06 -34.84 -35.58
N ARG B 162 14.19 -35.81 -35.82
CA ARG B 162 12.81 -35.69 -35.39
C ARG B 162 12.71 -35.81 -33.87
N ILE B 163 11.72 -35.13 -33.31
CA ILE B 163 11.56 -35.06 -31.87
C ILE B 163 10.86 -36.32 -31.39
N MET B 164 10.86 -36.57 -30.08
CA MET B 164 10.28 -37.79 -29.54
C MET B 164 9.49 -37.47 -28.28
N ASN B 165 8.30 -38.04 -28.16
CA ASN B 165 7.49 -37.91 -26.97
C ASN B 165 7.22 -39.28 -26.38
N THR B 166 7.05 -39.34 -25.08
CA THR B 166 6.89 -40.61 -24.38
C THR B 166 6.01 -40.36 -23.16
N PHE B 167 4.78 -40.85 -23.21
CA PHE B 167 3.84 -40.61 -22.11
C PHE B 167 3.81 -41.82 -21.19
N SER B 168 4.96 -42.08 -20.58
CA SER B 168 5.19 -43.31 -19.84
C SER B 168 4.48 -43.26 -18.50
N VAL B 169 3.53 -44.17 -18.30
CA VAL B 169 2.88 -44.33 -17.00
C VAL B 169 3.84 -45.08 -16.09
N VAL B 170 4.46 -44.37 -15.16
CA VAL B 170 5.46 -44.97 -14.27
C VAL B 170 4.75 -45.80 -13.21
N PRO B 171 5.43 -46.72 -12.53
CA PRO B 171 4.80 -47.38 -11.39
C PRO B 171 4.84 -46.52 -10.14
N SER B 172 3.95 -46.83 -9.22
CA SER B 172 3.81 -46.11 -7.96
C SER B 172 3.92 -47.11 -6.81
N PRO B 173 4.49 -46.70 -5.68
CA PRO B 173 4.67 -47.67 -4.59
C PRO B 173 3.39 -48.04 -3.88
N LYS B 174 2.38 -47.16 -3.88
CA LYS B 174 1.16 -47.46 -3.16
C LYS B 174 0.20 -48.28 -4.00
N VAL B 175 0.04 -47.94 -5.27
CA VAL B 175 -0.83 -48.72 -6.15
C VAL B 175 0.04 -49.49 -7.13
N SER B 176 0.42 -50.70 -6.75
CA SER B 176 1.24 -51.57 -7.59
C SER B 176 0.47 -52.86 -7.84
N ASP B 177 0.32 -53.22 -9.11
CA ASP B 177 -0.41 -54.42 -9.50
C ASP B 177 0.50 -55.40 -10.22
N THR B 178 1.77 -55.43 -9.84
CA THR B 178 2.76 -56.26 -10.52
C THR B 178 3.94 -56.46 -9.58
N VAL B 179 4.35 -57.71 -9.39
CA VAL B 179 5.44 -57.99 -8.48
C VAL B 179 6.78 -57.63 -9.12
N VAL B 180 6.87 -57.64 -10.44
CA VAL B 180 8.12 -57.31 -11.12
C VAL B 180 8.04 -55.92 -11.72
N GLU B 181 7.22 -55.06 -11.11
CA GLU B 181 7.21 -53.66 -11.51
C GLU B 181 8.51 -52.91 -11.24
N PRO B 182 9.22 -53.06 -10.11
CA PRO B 182 10.51 -52.38 -9.99
C PRO B 182 11.65 -53.04 -10.76
N TYR B 183 11.39 -54.06 -11.57
CA TYR B 183 12.40 -54.57 -12.48
C TYR B 183 12.22 -54.04 -13.89
N ASN B 184 10.99 -54.03 -14.40
CA ASN B 184 10.76 -53.51 -15.74
C ASN B 184 10.83 -52.00 -15.80
N ALA B 185 10.69 -51.32 -14.66
CA ALA B 185 10.82 -49.87 -14.68
C ALA B 185 12.27 -49.45 -14.82
N THR B 186 13.14 -50.00 -13.97
CA THR B 186 14.53 -49.56 -13.98
C THR B 186 15.32 -50.09 -15.17
N LEU B 187 14.80 -51.06 -15.90
CA LEU B 187 15.46 -51.46 -17.14
C LEU B 187 15.08 -50.57 -18.30
N SER B 188 13.94 -49.89 -18.22
CA SER B 188 13.46 -49.11 -19.35
C SER B 188 14.09 -47.73 -19.41
N ILE B 189 14.39 -47.15 -18.24
CA ILE B 189 14.78 -45.75 -18.16
C ILE B 189 16.17 -45.51 -18.75
N HIS B 190 17.06 -46.51 -18.65
CA HIS B 190 18.37 -46.42 -19.26
C HIS B 190 18.28 -46.33 -20.78
N GLN B 191 17.32 -47.03 -21.38
CA GLN B 191 17.06 -46.93 -22.80
C GLN B 191 16.02 -45.88 -23.12
N LEU B 192 15.66 -45.05 -22.14
CA LEU B 192 14.75 -43.94 -22.36
C LEU B 192 15.41 -42.59 -22.21
N VAL B 193 16.53 -42.52 -21.48
CA VAL B 193 17.26 -41.27 -21.35
C VAL B 193 17.96 -40.93 -22.66
N GLU B 194 18.66 -41.91 -23.24
CA GLU B 194 19.58 -41.64 -24.34
C GLU B 194 18.88 -41.42 -25.67
N ASN B 195 17.59 -41.71 -25.80
CA ASN B 195 16.96 -41.69 -27.11
C ASN B 195 15.84 -40.66 -27.21
N THR B 196 14.87 -40.66 -26.30
CA THR B 196 13.84 -39.66 -26.33
C THR B 196 14.39 -38.32 -25.83
N ASP B 197 13.80 -37.23 -26.32
CA ASP B 197 14.26 -35.91 -25.94
C ASP B 197 13.26 -35.15 -25.10
N GLU B 198 12.04 -35.67 -24.92
CA GLU B 198 11.14 -35.20 -23.86
C GLU B 198 10.14 -36.30 -23.58
N THR B 199 10.07 -36.74 -22.33
CA THR B 199 9.05 -37.68 -21.91
C THR B 199 7.97 -36.94 -21.15
N TYR B 200 6.97 -37.67 -20.67
CA TYR B 200 5.96 -37.13 -19.78
C TYR B 200 5.65 -38.21 -18.76
N CYS B 201 6.39 -38.20 -17.65
CA CYS B 201 6.27 -39.25 -16.65
C CYS B 201 5.00 -39.01 -15.84
N ILE B 202 3.88 -39.43 -16.39
CA ILE B 202 2.64 -39.44 -15.63
C ILE B 202 2.64 -40.66 -14.71
N ASP B 203 1.80 -40.60 -13.69
CA ASP B 203 1.69 -41.68 -12.73
C ASP B 203 0.24 -42.13 -12.62
N ASN B 204 0.04 -43.29 -12.01
CA ASN B 204 -1.30 -43.81 -11.82
C ASN B 204 -1.76 -43.68 -10.38
N GLU B 205 -0.90 -43.19 -9.49
CA GLU B 205 -1.34 -42.91 -8.13
C GLU B 205 -2.03 -41.56 -8.06
N ALA B 206 -1.41 -40.53 -8.63
CA ALA B 206 -1.97 -39.19 -8.55
C ALA B 206 -3.23 -39.06 -9.40
N LEU B 207 -3.37 -39.91 -10.43
CA LEU B 207 -4.63 -39.95 -11.16
C LEU B 207 -5.73 -40.52 -10.29
N TYR B 208 -5.42 -41.52 -9.47
CA TYR B 208 -6.38 -42.00 -8.49
C TYR B 208 -6.60 -40.96 -7.39
N ASP B 209 -5.60 -40.15 -7.10
CA ASP B 209 -5.75 -39.12 -6.09
C ASP B 209 -6.59 -37.95 -6.57
N ILE B 210 -6.60 -37.69 -7.88
CA ILE B 210 -7.37 -36.58 -8.40
C ILE B 210 -8.85 -36.90 -8.40
N CYS B 211 -9.21 -38.10 -8.84
CA CYS B 211 -10.62 -38.46 -8.97
C CYS B 211 -11.34 -38.64 -7.65
N PHE B 212 -10.61 -38.72 -6.53
CA PHE B 212 -11.24 -38.68 -5.22
C PHE B 212 -11.25 -37.29 -4.62
N ARG B 213 -10.10 -36.60 -4.63
CA ARG B 213 -10.01 -35.31 -3.97
C ARG B 213 -10.54 -34.19 -4.85
N THR B 214 -9.90 -33.95 -5.99
CA THR B 214 -10.23 -32.79 -6.82
C THR B 214 -11.49 -33.02 -7.62
N LEU B 215 -11.49 -34.07 -8.47
CA LEU B 215 -12.63 -34.32 -9.32
C LEU B 215 -13.82 -34.86 -8.53
N LYS B 216 -13.54 -35.53 -7.40
CA LYS B 216 -14.56 -36.06 -6.46
C LYS B 216 -15.53 -37.02 -7.15
N LEU B 217 -15.00 -37.87 -8.02
CA LEU B 217 -15.80 -38.97 -8.52
C LEU B 217 -15.93 -40.05 -7.45
N ALA B 218 -16.96 -40.87 -7.61
CA ALA B 218 -17.13 -42.00 -6.70
C ALA B 218 -16.17 -43.13 -7.04
N THR B 219 -16.29 -43.66 -8.25
CA THR B 219 -15.52 -44.83 -8.68
C THR B 219 -14.70 -44.51 -9.91
N PRO B 220 -13.40 -44.37 -9.80
CA PRO B 220 -12.55 -44.15 -10.97
C PRO B 220 -12.34 -45.41 -11.80
N THR B 221 -13.24 -45.64 -12.75
CA THR B 221 -13.35 -46.94 -13.43
C THR B 221 -12.56 -47.01 -14.72
N TYR B 222 -11.38 -46.39 -14.77
CA TYR B 222 -10.38 -46.48 -15.84
C TYR B 222 -10.80 -45.84 -17.16
N GLY B 223 -12.04 -45.38 -17.26
CA GLY B 223 -12.46 -44.55 -18.36
C GLY B 223 -12.27 -43.09 -18.07
N ASP B 224 -11.67 -42.80 -16.93
CA ASP B 224 -11.37 -41.44 -16.50
C ASP B 224 -9.88 -41.18 -16.47
N LEU B 225 -9.10 -42.08 -15.86
CA LEU B 225 -7.66 -41.91 -15.83
C LEU B 225 -7.06 -42.06 -17.23
N ASN B 226 -7.65 -42.92 -18.05
CA ASN B 226 -7.27 -42.98 -19.46
C ASN B 226 -7.85 -41.84 -20.26
N HIS B 227 -8.78 -41.09 -19.69
CA HIS B 227 -9.28 -39.88 -20.32
C HIS B 227 -8.54 -38.65 -19.84
N LEU B 228 -8.15 -38.63 -18.57
CA LEU B 228 -7.51 -37.45 -18.00
C LEU B 228 -6.08 -37.30 -18.50
N VAL B 229 -5.44 -38.39 -18.90
CA VAL B 229 -4.13 -38.29 -19.54
C VAL B 229 -4.26 -38.03 -21.03
N SER B 230 -5.47 -38.18 -21.58
CA SER B 230 -5.70 -37.82 -22.96
C SER B 230 -5.96 -36.33 -23.14
N ALA B 231 -6.48 -35.66 -22.11
CA ALA B 231 -6.69 -34.23 -22.22
C ALA B 231 -5.37 -33.48 -22.18
N THR B 232 -4.44 -33.92 -21.35
CA THR B 232 -3.12 -33.30 -21.33
C THR B 232 -2.20 -33.87 -22.41
N MET B 233 -2.68 -34.78 -23.24
CA MET B 233 -1.93 -35.20 -24.41
C MET B 233 -2.35 -34.42 -25.65
N SER B 234 -3.62 -34.05 -25.74
CA SER B 234 -4.03 -33.10 -26.77
C SER B 234 -3.57 -31.69 -26.42
N GLY B 235 -3.39 -31.39 -25.14
CA GLY B 235 -3.06 -30.05 -24.72
C GLY B 235 -1.64 -29.63 -25.05
N VAL B 236 -0.73 -30.58 -25.25
CA VAL B 236 0.62 -30.22 -25.64
C VAL B 236 0.66 -29.76 -27.08
N THR B 237 -0.07 -30.44 -27.95
CA THR B 237 -0.08 -30.15 -29.37
C THR B 237 -1.36 -29.44 -29.79
N THR B 238 -1.89 -28.58 -28.94
CA THR B 238 -3.05 -27.79 -29.31
C THR B 238 -2.67 -26.49 -29.99
N SER B 239 -1.37 -26.17 -30.04
CA SER B 239 -0.91 -25.01 -30.79
C SER B 239 -0.48 -25.38 -32.19
N LEU B 240 -0.21 -26.66 -32.45
CA LEU B 240 0.13 -27.08 -33.81
C LEU B 240 -1.10 -27.08 -34.71
N ARG B 241 -2.29 -27.20 -34.14
CA ARG B 241 -3.50 -27.39 -34.92
C ARG B 241 -4.44 -26.20 -34.87
N PHE B 242 -4.11 -25.13 -34.14
CA PHE B 242 -5.04 -24.03 -34.02
C PHE B 242 -4.30 -22.70 -34.00
N PRO B 243 -4.85 -21.68 -34.66
CA PRO B 243 -4.16 -20.38 -34.70
C PRO B 243 -4.30 -19.66 -33.37
N GLY B 244 -3.16 -19.45 -32.71
CA GLY B 244 -3.14 -18.81 -31.42
C GLY B 244 -2.54 -17.42 -31.50
N GLN B 245 -2.76 -16.65 -30.43
CA GLN B 245 -2.10 -15.37 -30.31
C GLN B 245 -0.61 -15.54 -30.06
N LEU B 246 -0.23 -16.62 -29.40
CA LEU B 246 1.18 -16.91 -29.15
C LEU B 246 1.27 -18.43 -29.00
N ASN B 247 1.73 -19.09 -30.05
CA ASN B 247 1.65 -20.54 -30.16
C ASN B 247 3.03 -21.17 -30.06
N ALA B 248 3.04 -22.43 -29.63
CA ALA B 248 4.30 -23.12 -29.34
C ALA B 248 4.25 -24.54 -29.88
N ASP B 249 5.22 -24.88 -30.71
CA ASP B 249 5.33 -26.22 -31.26
C ASP B 249 6.10 -27.11 -30.31
N LEU B 250 6.24 -28.39 -30.68
CA LEU B 250 6.95 -29.33 -29.83
C LEU B 250 8.45 -29.03 -29.80
N ARG B 251 8.99 -28.52 -30.90
CA ARG B 251 10.38 -28.10 -30.91
C ARG B 251 10.59 -26.87 -30.03
N LYS B 252 9.56 -26.01 -29.92
CA LYS B 252 9.67 -24.84 -29.06
C LYS B 252 9.65 -25.25 -27.59
N LEU B 253 8.95 -26.32 -27.25
CA LEU B 253 8.91 -26.76 -25.87
C LEU B 253 10.23 -27.40 -25.46
N ALA B 254 10.75 -28.29 -26.30
CA ALA B 254 12.00 -28.97 -25.96
C ALA B 254 13.22 -28.07 -26.11
N VAL B 255 13.07 -26.87 -26.66
CA VAL B 255 14.17 -25.91 -26.61
C VAL B 255 14.00 -24.95 -25.44
N ASN B 256 12.85 -24.95 -24.79
CA ASN B 256 12.60 -24.10 -23.65
C ASN B 256 12.67 -24.83 -22.32
N MET B 257 12.65 -26.16 -22.32
CA MET B 257 12.53 -26.90 -21.06
C MET B 257 13.83 -27.50 -20.56
N VAL B 258 14.53 -28.25 -21.39
CA VAL B 258 15.71 -28.97 -20.91
C VAL B 258 16.90 -28.03 -20.91
N PRO B 259 17.60 -27.86 -19.78
CA PRO B 259 18.85 -27.09 -19.78
C PRO B 259 20.07 -27.93 -20.07
N PHE B 260 19.95 -29.25 -20.00
CA PHE B 260 21.01 -30.20 -20.27
C PHE B 260 20.35 -31.39 -20.93
N PRO B 261 21.05 -32.11 -21.81
CA PRO B 261 20.38 -33.12 -22.64
C PRO B 261 19.91 -34.36 -21.90
N ARG B 262 20.09 -34.45 -20.59
CA ARG B 262 19.63 -35.62 -19.83
C ARG B 262 18.43 -35.33 -18.94
N LEU B 263 17.92 -34.10 -18.93
CA LEU B 263 16.93 -33.70 -17.94
C LEU B 263 15.53 -33.61 -18.54
N HIS B 264 15.17 -34.57 -19.40
CA HIS B 264 13.85 -34.57 -20.03
C HIS B 264 12.95 -35.59 -19.33
N PHE B 265 12.41 -35.17 -18.19
CA PHE B 265 11.42 -35.98 -17.47
C PHE B 265 10.44 -35.01 -16.83
N PHE B 266 9.28 -34.86 -17.45
CA PHE B 266 8.37 -33.76 -17.15
C PHE B 266 7.16 -34.29 -16.42
N MET B 267 6.72 -33.58 -15.39
CA MET B 267 5.47 -33.94 -14.73
C MET B 267 4.37 -33.05 -15.25
N PRO B 268 3.45 -33.56 -16.07
CA PRO B 268 2.42 -32.71 -16.64
C PRO B 268 1.32 -32.43 -15.63
N GLY B 269 0.43 -31.52 -16.02
CA GLY B 269 -0.67 -31.13 -15.17
C GLY B 269 -1.71 -30.38 -15.95
N PHE B 270 -2.99 -30.65 -15.70
CA PHE B 270 -4.07 -30.07 -16.47
C PHE B 270 -5.08 -29.41 -15.55
N ALA B 271 -5.58 -28.25 -15.96
CA ALA B 271 -6.56 -27.50 -15.20
C ALA B 271 -7.38 -26.68 -16.18
N PRO B 272 -8.68 -26.45 -15.91
CA PRO B 272 -9.50 -26.71 -14.73
C PRO B 272 -10.01 -28.12 -14.59
N LEU B 273 -10.12 -28.56 -13.34
CA LEU B 273 -10.69 -29.84 -12.99
C LEU B 273 -11.74 -29.57 -11.91
N THR B 274 -13.00 -29.52 -12.33
CA THR B 274 -14.08 -29.15 -11.43
C THR B 274 -14.56 -30.39 -10.67
N ALA B 275 -15.70 -30.27 -10.01
CA ALA B 275 -16.45 -31.45 -9.60
C ALA B 275 -17.29 -31.93 -10.77
N ARG B 276 -18.06 -32.98 -10.54
CA ARG B 276 -18.87 -33.53 -11.63
C ARG B 276 -20.07 -32.65 -11.95
N GLY B 277 -20.69 -32.05 -10.93
CA GLY B 277 -21.82 -31.20 -11.19
C GLY B 277 -21.85 -29.93 -10.37
N SER B 278 -20.92 -29.78 -9.44
CA SER B 278 -20.95 -28.66 -8.51
C SER B 278 -20.10 -27.49 -8.98
N GLN B 279 -18.77 -27.70 -9.06
CA GLN B 279 -17.88 -26.58 -9.31
C GLN B 279 -17.95 -26.09 -10.75
N GLN B 280 -18.32 -26.97 -11.68
CA GLN B 280 -18.45 -26.57 -13.08
C GLN B 280 -19.63 -25.65 -13.32
N TYR B 281 -20.56 -25.53 -12.37
CA TYR B 281 -21.67 -24.61 -12.47
C TYR B 281 -21.61 -23.50 -11.43
N ARG B 282 -21.31 -23.83 -10.18
CA ARG B 282 -21.46 -22.86 -9.10
C ARG B 282 -20.15 -22.17 -8.72
N ALA B 283 -19.17 -22.94 -8.25
CA ALA B 283 -18.15 -22.32 -7.44
C ALA B 283 -16.97 -21.82 -8.27
N LEU B 284 -16.49 -22.62 -9.21
CA LEU B 284 -15.26 -22.29 -9.90
C LEU B 284 -15.49 -21.21 -10.94
N THR B 285 -14.56 -20.28 -11.02
CA THR B 285 -14.49 -19.29 -12.08
C THR B 285 -13.20 -19.48 -12.86
N VAL B 286 -13.21 -19.06 -14.10
CA VAL B 286 -12.10 -19.40 -14.99
C VAL B 286 -11.33 -18.23 -15.61
N PRO B 287 -11.03 -17.13 -14.90
CA PRO B 287 -9.71 -16.52 -15.09
C PRO B 287 -8.75 -16.94 -13.99
N GLU B 288 -7.45 -16.85 -14.25
CA GLU B 288 -6.39 -17.07 -13.26
C GLU B 288 -6.49 -18.43 -12.58
N LEU B 289 -6.66 -19.46 -13.40
CA LEU B 289 -6.74 -20.84 -12.91
C LEU B 289 -5.38 -21.47 -12.72
N THR B 290 -4.31 -20.67 -12.76
CA THR B 290 -2.98 -21.18 -12.47
C THR B 290 -2.81 -21.55 -11.01
N GLN B 291 -3.64 -21.01 -10.11
CA GLN B 291 -3.61 -21.41 -8.72
C GLN B 291 -3.97 -22.89 -8.56
N GLN B 292 -4.91 -23.35 -9.39
CA GLN B 292 -5.18 -24.79 -9.45
C GLN B 292 -4.05 -25.51 -10.17
N MET B 293 -3.47 -24.87 -11.18
CA MET B 293 -2.54 -25.55 -12.07
C MET B 293 -1.18 -25.79 -11.44
N PHE B 294 -0.84 -25.07 -10.37
CA PHE B 294 0.45 -25.23 -9.71
C PHE B 294 0.37 -26.01 -8.42
N ASP B 295 -0.81 -26.49 -8.05
CA ASP B 295 -0.98 -27.16 -6.76
C ASP B 295 -0.34 -28.53 -6.77
N ALA B 296 -0.01 -29.02 -5.58
CA ALA B 296 0.55 -30.37 -5.45
C ALA B 296 -0.50 -31.43 -5.73
N LYS B 297 -1.77 -31.13 -5.48
CA LYS B 297 -2.83 -32.11 -5.73
C LYS B 297 -3.07 -32.29 -7.22
N ASN B 298 -3.00 -31.21 -8.00
CA ASN B 298 -3.31 -31.28 -9.42
C ASN B 298 -2.04 -31.51 -10.23
N MET B 299 -1.41 -32.64 -9.96
CA MET B 299 -0.29 -33.11 -10.76
C MET B 299 -0.64 -34.46 -11.37
N MET B 300 0.21 -34.92 -12.27
CA MET B 300 0.07 -36.27 -12.80
C MET B 300 1.09 -37.22 -12.19
N ALA B 301 2.34 -36.80 -12.05
CA ALA B 301 3.32 -37.61 -11.36
C ALA B 301 3.10 -37.49 -9.87
N ALA B 302 3.03 -38.63 -9.19
CA ALA B 302 2.80 -38.66 -7.74
C ALA B 302 4.08 -38.28 -7.01
N CYS B 303 4.39 -36.99 -7.06
CA CYS B 303 5.54 -36.42 -6.39
C CYS B 303 5.16 -35.06 -5.83
N ASP B 304 5.85 -34.67 -4.76
CA ASP B 304 5.59 -33.39 -4.12
C ASP B 304 6.48 -32.34 -4.75
N PRO B 305 5.94 -31.37 -5.50
CA PRO B 305 6.80 -30.35 -6.08
C PRO B 305 7.35 -29.36 -5.07
N ARG B 306 6.82 -29.34 -3.86
CA ARG B 306 7.41 -28.51 -2.81
C ARG B 306 8.70 -29.09 -2.28
N HIS B 307 8.99 -30.36 -2.57
CA HIS B 307 10.21 -30.99 -2.10
C HIS B 307 11.40 -30.73 -3.02
N GLY B 308 11.22 -29.95 -4.08
CA GLY B 308 12.31 -29.70 -5.00
C GLY B 308 12.02 -28.57 -5.97
N ARG B 309 13.01 -27.72 -6.21
CA ARG B 309 12.78 -26.53 -6.99
C ARG B 309 12.62 -26.85 -8.47
N TYR B 310 11.67 -26.17 -9.11
CA TYR B 310 11.46 -26.33 -10.54
C TYR B 310 12.66 -25.84 -11.32
N LEU B 311 12.92 -26.49 -12.46
CA LEU B 311 13.92 -25.99 -13.38
C LEU B 311 13.27 -25.07 -14.41
N THR B 312 12.34 -25.60 -15.20
CA THR B 312 11.60 -24.85 -16.19
C THR B 312 10.15 -25.30 -16.17
N VAL B 313 9.25 -24.41 -16.57
CA VAL B 313 7.82 -24.66 -16.53
C VAL B 313 7.19 -24.11 -17.81
N ALA B 314 6.44 -24.95 -18.51
CA ALA B 314 5.66 -24.53 -19.68
C ALA B 314 4.18 -24.62 -19.36
N THR B 315 3.46 -23.53 -19.54
CA THR B 315 2.02 -23.50 -19.33
C THR B 315 1.35 -23.19 -20.65
N VAL B 316 0.79 -24.21 -21.30
CA VAL B 316 0.13 -24.02 -22.59
C VAL B 316 -1.35 -23.76 -22.33
N PHE B 317 -1.77 -22.51 -22.50
CA PHE B 317 -3.17 -22.16 -22.34
C PHE B 317 -3.94 -22.51 -23.60
N ARG B 318 -5.27 -22.46 -23.51
CA ARG B 318 -6.07 -22.75 -24.70
C ARG B 318 -7.17 -21.74 -24.96
N GLY B 319 -7.73 -21.17 -23.89
CA GLY B 319 -8.94 -20.38 -24.01
C GLY B 319 -8.69 -19.01 -24.63
N ARG B 320 -9.78 -18.28 -24.82
CA ARG B 320 -9.69 -16.93 -25.33
C ARG B 320 -9.17 -16.02 -24.22
N MET B 321 -7.86 -15.90 -24.12
CA MET B 321 -7.23 -15.29 -22.97
C MET B 321 -7.09 -13.79 -23.15
N SER B 322 -6.32 -13.18 -22.25
CA SER B 322 -5.97 -11.76 -22.35
C SER B 322 -4.56 -11.66 -21.81
N MET B 323 -3.60 -11.38 -22.70
CA MET B 323 -2.20 -11.67 -22.46
C MET B 323 -1.56 -10.85 -21.35
N LYS B 324 -2.20 -9.78 -20.87
CA LYS B 324 -1.74 -9.18 -19.62
C LYS B 324 -2.11 -10.07 -18.45
N GLU B 325 -3.37 -10.53 -18.42
CA GLU B 325 -3.85 -11.34 -17.31
C GLU B 325 -3.18 -12.70 -17.26
N VAL B 326 -2.68 -13.17 -18.41
CA VAL B 326 -1.85 -14.37 -18.41
C VAL B 326 -0.50 -14.07 -17.78
N ASP B 327 0.13 -12.96 -18.18
CA ASP B 327 1.51 -12.72 -17.79
C ASP B 327 1.65 -12.01 -16.46
N GLU B 328 0.68 -11.17 -16.07
CA GLU B 328 0.74 -10.56 -14.75
C GLU B 328 0.49 -11.59 -13.66
N GLN B 329 -0.39 -12.55 -13.93
CA GLN B 329 -0.59 -13.67 -13.01
C GLN B 329 0.65 -14.54 -12.96
N MET B 330 1.33 -14.71 -14.10
CA MET B 330 2.50 -15.56 -14.16
C MET B 330 3.69 -14.96 -13.42
N LEU B 331 3.74 -13.64 -13.27
CA LEU B 331 4.79 -13.05 -12.46
C LEU B 331 4.46 -13.19 -10.98
N ALA B 332 3.18 -13.09 -10.62
CA ALA B 332 2.78 -13.21 -9.24
C ALA B 332 2.99 -14.63 -8.70
N ILE B 333 2.89 -15.63 -9.57
CA ILE B 333 3.18 -17.00 -9.16
C ILE B 333 4.68 -17.17 -8.94
N GLN B 334 5.49 -16.58 -9.81
CA GLN B 334 6.93 -16.72 -9.69
C GLN B 334 7.49 -15.93 -8.52
N SER B 335 6.81 -14.88 -8.09
CA SER B 335 7.26 -14.11 -6.93
C SER B 335 6.71 -14.63 -5.61
N LYS B 336 5.68 -15.48 -5.65
CA LYS B 336 5.11 -16.00 -4.42
C LYS B 336 6.00 -17.06 -3.79
N ASN B 337 6.19 -18.18 -4.49
CA ASN B 337 7.12 -19.21 -4.02
C ASN B 337 8.45 -19.06 -4.76
N SER B 338 9.10 -17.93 -4.48
CA SER B 338 10.35 -17.57 -5.16
C SER B 338 11.51 -18.47 -4.77
N SER B 339 11.40 -19.22 -3.68
CA SER B 339 12.41 -20.21 -3.34
C SER B 339 12.19 -21.54 -4.06
N TYR B 340 11.03 -21.72 -4.71
CA TYR B 340 10.72 -22.98 -5.37
C TYR B 340 11.20 -23.04 -6.81
N PHE B 341 12.01 -22.10 -7.24
CA PHE B 341 12.54 -22.09 -8.59
C PHE B 341 14.05 -22.01 -8.57
N VAL B 342 14.67 -22.47 -9.65
CA VAL B 342 16.11 -22.41 -9.78
C VAL B 342 16.52 -20.95 -9.97
N GLU B 343 17.59 -20.55 -9.27
CA GLU B 343 18.08 -19.18 -9.36
C GLU B 343 18.61 -18.86 -10.76
N TRP B 344 19.47 -19.72 -11.28
CA TRP B 344 20.17 -19.42 -12.53
C TRP B 344 19.32 -19.65 -13.77
N ILE B 345 18.02 -19.88 -13.65
CA ILE B 345 17.10 -19.74 -14.78
C ILE B 345 16.09 -18.67 -14.39
N PRO B 346 16.33 -17.41 -14.71
CA PRO B 346 15.36 -16.36 -14.39
C PRO B 346 14.28 -16.23 -15.45
N ASN B 347 13.06 -16.01 -14.96
CA ASN B 347 11.85 -15.83 -15.77
C ASN B 347 11.61 -17.03 -16.68
N ASN B 348 11.33 -18.15 -16.02
CA ASN B 348 11.33 -19.46 -16.67
C ASN B 348 9.96 -19.95 -17.10
N VAL B 349 8.88 -19.28 -16.69
CA VAL B 349 7.55 -19.82 -16.92
C VAL B 349 7.15 -19.49 -18.35
N LYS B 350 7.25 -20.45 -19.26
CA LYS B 350 6.89 -20.22 -20.65
C LYS B 350 5.38 -20.23 -20.83
N VAL B 351 4.86 -19.19 -21.45
CA VAL B 351 3.45 -19.13 -21.77
C VAL B 351 3.26 -19.49 -23.24
N ALA B 352 2.05 -19.94 -23.55
CA ALA B 352 1.60 -20.21 -24.91
C ALA B 352 0.08 -20.33 -24.92
N VAL B 353 -0.61 -19.55 -25.74
CA VAL B 353 -2.06 -19.55 -25.77
C VAL B 353 -2.54 -20.03 -27.12
N CYS B 354 -3.84 -20.31 -27.19
CA CYS B 354 -4.50 -20.69 -28.43
C CYS B 354 -5.81 -19.93 -28.51
N ASP B 355 -6.67 -20.33 -29.44
CA ASP B 355 -7.95 -19.65 -29.62
C ASP B 355 -9.15 -20.57 -29.49
N ILE B 356 -8.96 -21.88 -29.45
CA ILE B 356 -10.09 -22.81 -29.42
C ILE B 356 -9.99 -23.66 -28.16
N PRO B 357 -10.99 -23.60 -27.28
CA PRO B 357 -10.95 -24.41 -26.06
C PRO B 357 -11.39 -25.83 -26.34
N PRO B 358 -11.30 -26.73 -25.37
CA PRO B 358 -12.01 -28.00 -25.51
C PRO B 358 -13.52 -27.78 -25.53
N ARG B 359 -14.21 -28.65 -26.26
CA ARG B 359 -15.66 -28.50 -26.43
C ARG B 359 -16.36 -28.84 -25.14
N GLY B 360 -16.80 -27.81 -24.42
CA GLY B 360 -17.49 -28.00 -23.16
C GLY B 360 -16.93 -27.12 -22.07
N LEU B 361 -15.99 -26.25 -22.42
CA LEU B 361 -15.44 -25.29 -21.49
C LEU B 361 -15.32 -23.95 -22.20
N LYS B 362 -14.71 -22.98 -21.52
CA LYS B 362 -14.35 -21.70 -22.13
C LYS B 362 -12.86 -21.49 -22.14
N MET B 363 -12.19 -21.74 -21.02
CA MET B 363 -10.75 -21.67 -20.92
C MET B 363 -10.23 -23.01 -20.42
N SER B 364 -8.98 -23.30 -20.77
CA SER B 364 -8.29 -24.47 -20.27
C SER B 364 -6.81 -24.26 -20.48
N SER B 365 -5.99 -24.92 -19.65
CA SER B 365 -4.56 -24.68 -19.69
C SER B 365 -3.83 -25.87 -19.11
N THR B 366 -3.02 -26.53 -19.92
CA THR B 366 -2.15 -27.56 -19.38
C THR B 366 -0.93 -26.93 -18.74
N PHE B 367 -0.08 -27.76 -18.16
CA PHE B 367 1.13 -27.30 -17.51
C PHE B 367 2.13 -28.44 -17.52
N ILE B 368 3.34 -28.15 -17.97
CA ILE B 368 4.37 -29.15 -18.18
C ILE B 368 5.58 -28.70 -17.36
N GLY B 369 5.68 -29.19 -16.12
CA GLY B 369 6.77 -28.79 -15.25
C GLY B 369 7.94 -29.73 -15.36
N ASN B 370 9.13 -29.16 -15.53
CA ASN B 370 10.36 -29.93 -15.49
C ASN B 370 10.98 -29.74 -14.11
N SER B 371 10.39 -30.38 -13.12
CA SER B 371 10.85 -30.22 -11.76
C SER B 371 12.10 -31.04 -11.50
N THR B 372 12.71 -30.80 -10.35
CA THR B 372 13.76 -31.67 -9.87
C THR B 372 13.25 -32.64 -8.81
N ALA B 373 12.00 -32.49 -8.38
CA ALA B 373 11.36 -33.42 -7.46
C ALA B 373 10.92 -34.71 -8.14
N ILE B 374 11.23 -34.88 -9.42
CA ILE B 374 11.08 -36.17 -10.08
C ILE B 374 12.14 -37.16 -9.64
N GLN B 375 13.16 -36.71 -8.89
CA GLN B 375 14.09 -37.65 -8.28
C GLN B 375 13.44 -38.49 -7.21
N GLU B 376 12.34 -38.03 -6.61
CA GLU B 376 11.61 -38.85 -5.67
C GLU B 376 10.86 -39.97 -6.37
N LEU B 377 10.53 -39.78 -7.65
CA LEU B 377 9.95 -40.86 -8.42
C LEU B 377 10.97 -41.96 -8.68
N PHE B 378 12.24 -41.60 -8.84
CA PHE B 378 13.26 -42.59 -9.14
C PHE B 378 13.96 -43.09 -7.87
N LYS B 379 13.80 -42.40 -6.75
CA LYS B 379 14.38 -42.89 -5.51
C LYS B 379 13.51 -43.96 -4.88
N ARG B 380 12.24 -44.05 -5.26
CA ARG B 380 11.41 -45.15 -4.79
C ARG B 380 11.75 -46.44 -5.53
N ILE B 381 11.89 -46.35 -6.86
CA ILE B 381 12.14 -47.53 -7.67
C ILE B 381 13.54 -48.07 -7.41
N SER B 382 14.54 -47.18 -7.35
CA SER B 382 15.89 -47.62 -7.04
C SER B 382 16.07 -48.00 -5.58
N GLU B 383 15.06 -47.79 -4.73
CA GLU B 383 15.03 -48.43 -3.43
C GLU B 383 14.47 -49.83 -3.53
N GLN B 384 13.34 -49.99 -4.23
CA GLN B 384 12.69 -51.28 -4.35
C GLN B 384 13.52 -52.25 -5.20
N PHE B 385 14.14 -51.74 -6.27
CA PHE B 385 14.93 -52.61 -7.13
C PHE B 385 16.20 -53.07 -6.44
N THR B 386 16.80 -52.21 -5.62
CA THR B 386 17.99 -52.62 -4.90
C THR B 386 17.68 -53.57 -3.75
N ALA B 387 16.43 -53.60 -3.30
CA ALA B 387 16.04 -54.60 -2.30
C ALA B 387 15.95 -55.98 -2.91
N MET B 388 15.28 -56.09 -4.07
CA MET B 388 15.11 -57.39 -4.70
C MET B 388 16.39 -57.89 -5.33
N PHE B 389 17.29 -57.00 -5.72
CA PHE B 389 18.52 -57.45 -6.35
C PHE B 389 19.54 -57.98 -5.36
N ARG B 390 19.34 -57.75 -4.06
CA ARG B 390 20.18 -58.39 -3.06
C ARG B 390 19.94 -59.89 -3.04
N ARG B 391 18.69 -60.31 -2.84
CA ARG B 391 18.33 -61.71 -2.89
C ARG B 391 18.37 -62.28 -4.30
N LYS B 392 18.43 -61.41 -5.33
CA LYS B 392 18.40 -61.78 -6.75
C LYS B 392 17.16 -62.59 -7.09
N ALA B 393 16.04 -62.27 -6.45
CA ALA B 393 14.79 -62.94 -6.74
C ALA B 393 14.25 -62.48 -8.08
N PHE B 394 13.41 -63.33 -8.67
CA PHE B 394 12.74 -63.09 -9.96
C PHE B 394 13.73 -62.86 -11.08
N LEU B 395 14.89 -63.51 -11.03
CA LEU B 395 15.92 -63.25 -12.01
C LEU B 395 16.01 -64.31 -13.09
N HIS B 396 15.50 -65.51 -12.84
CA HIS B 396 15.56 -66.52 -13.88
C HIS B 396 14.53 -66.31 -14.98
N TRP B 397 13.57 -65.41 -14.77
CA TRP B 397 12.67 -65.03 -15.85
C TRP B 397 13.26 -63.98 -16.76
N TYR B 398 14.39 -63.38 -16.39
CA TYR B 398 15.11 -62.45 -17.25
C TYR B 398 16.43 -63.02 -17.74
N THR B 399 17.19 -63.69 -16.87
CA THR B 399 18.38 -64.39 -17.32
C THR B 399 18.05 -65.65 -18.10
N GLY B 400 16.81 -66.14 -18.00
CA GLY B 400 16.39 -67.22 -18.86
C GLY B 400 16.33 -66.81 -20.32
N GLU B 401 15.96 -65.57 -20.58
CA GLU B 401 16.03 -65.03 -21.93
C GLU B 401 17.45 -64.54 -22.20
N GLY B 402 17.67 -63.96 -23.37
CA GLY B 402 19.00 -63.52 -23.74
C GLY B 402 19.45 -62.24 -23.07
N MET B 403 19.45 -62.22 -21.73
CA MET B 403 19.80 -61.04 -20.96
C MET B 403 20.78 -61.45 -19.87
N ASP B 404 21.89 -60.71 -19.78
CA ASP B 404 22.92 -61.02 -18.80
C ASP B 404 22.51 -60.58 -17.41
N GLU B 405 23.30 -60.98 -16.43
CA GLU B 405 23.08 -60.56 -15.05
C GLU B 405 23.71 -59.22 -14.73
N MET B 406 24.78 -58.86 -15.44
CA MET B 406 25.40 -57.56 -15.25
C MET B 406 24.63 -56.43 -15.89
N GLU B 407 23.58 -56.74 -16.65
CA GLU B 407 22.76 -55.69 -17.25
C GLU B 407 21.98 -54.91 -16.19
N PHE B 408 21.61 -55.58 -15.10
CA PHE B 408 20.87 -54.89 -14.05
C PHE B 408 21.76 -53.95 -13.25
N THR B 409 22.98 -54.39 -12.94
CA THR B 409 23.92 -53.53 -12.23
C THR B 409 24.39 -52.38 -13.12
N GLU B 410 24.35 -52.57 -14.43
CA GLU B 410 24.62 -51.47 -15.33
C GLU B 410 23.42 -50.53 -15.43
N ALA B 411 22.21 -51.07 -15.40
CA ALA B 411 21.02 -50.22 -15.54
C ALA B 411 20.74 -49.44 -14.27
N GLU B 412 21.13 -49.95 -13.11
CA GLU B 412 20.92 -49.22 -11.87
C GLU B 412 21.87 -48.05 -11.76
N SER B 413 23.12 -48.24 -12.19
CA SER B 413 24.08 -47.14 -12.19
C SER B 413 23.70 -46.07 -13.20
N ASN B 414 23.10 -46.46 -14.33
CA ASN B 414 22.60 -45.48 -15.27
C ASN B 414 21.37 -44.74 -14.74
N MET B 415 20.64 -45.35 -13.80
CA MET B 415 19.57 -44.61 -13.15
C MET B 415 20.10 -43.75 -12.01
N ASN B 416 20.99 -44.31 -11.19
CA ASN B 416 21.52 -43.55 -10.05
C ASN B 416 22.43 -42.42 -10.47
N ASP B 417 22.97 -42.45 -11.69
CA ASP B 417 23.65 -41.25 -12.21
C ASP B 417 22.64 -40.18 -12.59
N LEU B 418 21.45 -40.58 -13.04
CA LEU B 418 20.42 -39.61 -13.37
C LEU B 418 19.87 -38.95 -12.10
N VAL B 419 19.67 -39.72 -11.04
CA VAL B 419 19.24 -39.12 -9.78
C VAL B 419 20.36 -38.30 -9.17
N SER B 420 21.62 -38.67 -9.44
CA SER B 420 22.72 -37.81 -9.05
C SER B 420 22.78 -36.55 -9.90
N GLU B 421 22.33 -36.64 -11.15
CA GLU B 421 22.34 -35.47 -12.02
C GLU B 421 21.19 -34.54 -11.69
N TYR B 422 20.04 -35.08 -11.29
CA TYR B 422 18.91 -34.23 -10.94
C TYR B 422 19.06 -33.63 -9.55
N GLN B 423 19.78 -34.30 -8.66
CA GLN B 423 20.10 -33.70 -7.36
C GLN B 423 21.22 -32.67 -7.46
N GLN B 424 21.92 -32.63 -8.59
CA GLN B 424 23.05 -31.72 -8.74
C GLN B 424 22.62 -30.28 -8.80
N TYR B 425 21.38 -30.01 -9.18
CA TYR B 425 20.88 -28.65 -9.33
C TYR B 425 19.85 -28.27 -8.29
N GLN B 426 19.39 -29.21 -7.47
CA GLN B 426 18.45 -28.88 -6.40
C GLN B 426 19.13 -28.06 -5.31
N ASP B 427 20.42 -28.32 -5.06
CA ASP B 427 21.15 -27.64 -4.00
C ASP B 427 22.17 -26.63 -4.50
N ALA B 428 22.63 -26.74 -5.73
CA ALA B 428 23.63 -25.83 -6.25
C ALA B 428 22.99 -24.58 -6.83
N THR B 429 23.84 -23.65 -7.27
CA THR B 429 23.39 -22.39 -7.81
C THR B 429 24.39 -21.85 -8.83
N VAL C 7 50.95 8.77 -1.40
CA VAL C 7 49.84 9.69 -1.10
C VAL C 7 48.95 10.05 -2.33
N PRO C 8 49.49 10.41 -3.51
CA PRO C 8 48.57 10.64 -4.63
C PRO C 8 48.12 9.32 -5.26
N PHE C 9 46.83 9.03 -5.14
CA PHE C 9 46.27 7.82 -5.72
C PHE C 9 46.14 7.97 -7.24
N PHE C 10 46.25 6.85 -7.93
CA PHE C 10 46.33 6.85 -9.39
C PHE C 10 44.98 6.51 -10.00
N VAL C 11 44.87 6.79 -11.30
CA VAL C 11 43.63 6.61 -12.05
C VAL C 11 43.82 5.47 -13.04
N ASN C 12 44.63 4.48 -12.65
CA ASN C 12 45.00 3.38 -13.52
C ASN C 12 43.82 2.47 -13.83
N ARG C 13 44.00 1.64 -14.85
CA ARG C 13 43.01 0.64 -15.24
C ARG C 13 43.68 -0.73 -15.31
N GLY C 14 42.86 -1.77 -15.31
CA GLY C 14 43.38 -3.13 -15.35
C GLY C 14 44.01 -3.55 -14.04
N GLY C 15 43.19 -3.70 -13.00
CA GLY C 15 43.71 -4.06 -11.69
C GLY C 15 44.24 -5.48 -11.65
N LEU C 16 43.42 -6.44 -12.05
CA LEU C 16 43.86 -7.83 -12.20
C LEU C 16 43.58 -8.29 -13.61
N PRO C 17 44.61 -8.58 -14.43
CA PRO C 17 46.04 -8.52 -14.08
C PRO C 17 46.64 -7.11 -14.20
N VAL C 18 47.70 -6.86 -13.43
CA VAL C 18 48.32 -5.54 -13.43
C VAL C 18 49.25 -5.40 -14.63
N ASP C 19 49.56 -4.15 -14.98
CA ASP C 19 50.40 -3.85 -16.13
C ASP C 19 51.86 -3.77 -15.69
N GLU C 20 52.71 -3.23 -16.57
CA GLU C 20 54.13 -3.06 -16.28
C GLU C 20 54.55 -1.60 -16.21
N ALA C 21 53.59 -0.70 -16.00
CA ALA C 21 53.89 0.73 -15.83
C ALA C 21 53.43 1.25 -14.48
N THR C 22 52.17 0.99 -14.10
CA THR C 22 51.69 1.41 -12.79
C THR C 22 52.27 0.54 -11.69
N TRP C 23 52.55 -0.74 -12.00
CA TRP C 23 53.05 -1.66 -10.99
C TRP C 23 54.49 -1.34 -10.57
N GLU C 24 55.29 -0.79 -11.49
CA GLU C 24 56.68 -0.53 -11.19
C GLU C 24 56.88 0.72 -10.34
N ARG C 25 55.88 1.59 -10.25
CA ARG C 25 55.96 2.77 -9.40
C ARG C 25 55.43 2.54 -8.00
N MET C 26 54.89 1.34 -7.72
CA MET C 26 54.51 1.00 -6.35
C MET C 26 55.73 0.84 -5.47
N TRP C 27 56.86 0.45 -6.05
CA TRP C 27 58.08 0.17 -5.33
C TRP C 27 59.09 1.31 -5.42
N LYS C 28 58.81 2.32 -6.24
CA LYS C 28 59.59 3.55 -6.21
C LYS C 28 59.02 4.57 -5.24
N HIS C 29 57.70 4.55 -5.04
CA HIS C 29 57.07 5.48 -4.10
C HIS C 29 57.42 5.14 -2.66
N VAL C 30 57.66 3.86 -2.36
CA VAL C 30 58.00 3.45 -1.00
C VAL C 30 59.41 3.84 -0.58
N ALA C 31 60.23 4.33 -1.52
CA ALA C 31 61.54 4.85 -1.14
C ALA C 31 61.47 6.21 -0.45
N LYS C 32 60.30 6.84 -0.42
CA LYS C 32 60.12 8.14 0.20
C LYS C 32 59.39 8.09 1.54
N ILE C 33 58.34 7.29 1.65
CA ILE C 33 57.48 7.27 2.83
C ILE C 33 57.72 6.02 3.68
N HIS C 34 57.83 4.86 3.04
CA HIS C 34 58.22 3.66 3.76
C HIS C 34 59.70 3.74 4.12
N PRO C 35 60.10 3.31 5.31
CA PRO C 35 61.50 3.52 5.75
C PRO C 35 62.52 2.68 4.99
N ASP C 36 62.16 1.48 4.55
CA ASP C 36 63.12 0.65 3.82
C ASP C 36 63.20 1.05 2.36
N GLY C 37 62.09 0.97 1.64
CA GLY C 37 62.05 1.35 0.25
C GLY C 37 62.49 0.24 -0.70
N GLU C 38 63.79 0.02 -0.80
CA GLU C 38 64.33 -1.01 -1.68
C GLU C 38 64.76 -2.27 -0.94
N LYS C 39 64.84 -2.22 0.40
CA LYS C 39 65.23 -3.41 1.15
C LYS C 39 64.09 -4.41 1.25
N VAL C 40 62.84 -3.92 1.22
CA VAL C 40 61.68 -4.81 1.26
C VAL C 40 61.40 -5.46 -0.09
N ALA C 41 62.03 -4.98 -1.17
CA ALA C 41 61.80 -5.57 -2.48
C ALA C 41 62.41 -6.96 -2.60
N GLN C 42 63.42 -7.27 -1.78
CA GLN C 42 63.99 -8.61 -1.75
C GLN C 42 63.13 -9.60 -0.97
N ARG C 43 62.21 -9.10 -0.14
CA ARG C 43 61.32 -9.96 0.61
C ARG C 43 59.87 -9.88 0.14
N ILE C 44 59.57 -9.05 -0.85
CA ILE C 44 58.22 -8.92 -1.37
C ILE C 44 58.25 -9.21 -2.87
N ARG C 45 59.01 -8.41 -3.62
CA ARG C 45 59.20 -8.71 -5.05
C ARG C 45 60.20 -9.84 -5.24
N GLY C 46 61.23 -9.90 -4.42
CA GLY C 46 62.23 -10.94 -4.46
C GLY C 46 61.90 -12.18 -3.67
N ALA C 47 60.63 -12.37 -3.32
CA ALA C 47 60.18 -13.56 -2.59
C ALA C 47 59.25 -14.36 -3.50
N THR C 48 59.67 -15.57 -3.86
CA THR C 48 58.77 -16.48 -4.55
C THR C 48 57.68 -16.99 -3.62
N ASP C 49 58.06 -17.31 -2.39
CA ASP C 49 57.10 -17.73 -1.38
C ASP C 49 56.39 -16.52 -0.79
N LEU C 50 55.06 -16.58 -0.75
CA LEU C 50 54.25 -15.49 -0.24
C LEU C 50 53.07 -16.09 0.52
N PRO C 51 52.53 -15.37 1.51
CA PRO C 51 51.34 -15.87 2.22
C PRO C 51 50.13 -15.89 1.30
N LYS C 52 49.46 -17.04 1.27
CA LYS C 52 48.32 -17.25 0.37
C LYS C 52 47.04 -16.90 1.09
N ILE C 53 46.72 -15.62 1.09
CA ILE C 53 45.42 -15.16 1.59
C ILE C 53 44.35 -15.49 0.56
N PRO C 54 43.28 -16.19 0.93
CA PRO C 54 42.31 -16.64 -0.09
C PRO C 54 41.37 -15.54 -0.55
N ILE C 55 40.38 -15.92 -1.35
CA ILE C 55 39.31 -15.01 -1.75
C ILE C 55 38.07 -15.34 -0.92
N PRO C 56 37.75 -14.54 0.09
CA PRO C 56 36.51 -14.78 0.84
C PRO C 56 35.30 -14.43 0.00
N SER C 57 34.22 -15.17 0.23
CA SER C 57 32.98 -14.97 -0.52
C SER C 57 32.03 -14.07 0.26
N VAL C 58 31.19 -13.36 -0.48
CA VAL C 58 30.10 -12.61 0.14
C VAL C 58 29.09 -13.59 0.72
N PRO C 59 28.69 -13.45 1.99
CA PRO C 59 27.78 -14.43 2.61
C PRO C 59 26.38 -14.34 2.01
N THR C 60 25.97 -15.41 1.34
CA THR C 60 24.62 -15.52 0.80
C THR C 60 23.68 -15.85 1.96
N PHE C 61 22.95 -14.85 2.42
CA PHE C 61 22.16 -15.00 3.63
C PHE C 61 20.90 -15.82 3.35
N GLN C 62 20.54 -16.68 4.30
CA GLN C 62 19.28 -17.39 4.25
C GLN C 62 18.13 -16.42 4.55
N PRO C 63 16.92 -16.71 4.07
CA PRO C 63 15.78 -15.81 4.33
C PRO C 63 15.37 -15.70 5.79
N SER C 64 15.86 -16.56 6.68
CA SER C 64 15.62 -16.44 8.11
C SER C 64 16.66 -15.59 8.81
N THR C 65 17.33 -14.70 8.09
CA THR C 65 18.31 -13.78 8.67
C THR C 65 17.84 -12.34 8.46
N PRO C 66 17.48 -11.61 9.52
CA PRO C 66 17.00 -10.23 9.35
C PRO C 66 18.09 -9.24 9.00
N VAL C 67 17.71 -7.95 8.97
CA VAL C 67 18.57 -6.85 8.56
C VAL C 67 19.82 -6.66 9.43
N PRO C 68 19.76 -6.49 10.77
CA PRO C 68 21.00 -6.18 11.50
C PRO C 68 21.95 -7.36 11.61
N GLU C 69 21.45 -8.59 11.48
CA GLU C 69 22.34 -9.74 11.43
C GLU C 69 23.08 -9.81 10.10
N ARG C 70 22.47 -9.27 9.03
CA ARG C 70 23.12 -9.26 7.73
C ARG C 70 24.21 -8.20 7.67
N LEU C 71 23.99 -7.05 8.32
CA LEU C 71 24.93 -5.94 8.22
C LEU C 71 26.24 -6.24 8.94
N GLU C 72 26.20 -7.05 10.00
CA GLU C 72 27.45 -7.51 10.60
C GLU C 72 28.13 -8.52 9.70
N ALA C 73 27.35 -9.38 9.02
CA ALA C 73 27.90 -10.28 8.03
C ALA C 73 28.38 -9.55 6.79
N VAL C 74 27.82 -8.37 6.50
CA VAL C 74 28.41 -7.50 5.50
C VAL C 74 29.78 -7.02 5.95
N GLN C 75 29.87 -6.53 7.18
CA GLN C 75 31.16 -6.06 7.71
C GLN C 75 32.11 -7.21 7.98
N ARG C 76 31.59 -8.42 8.18
CA ARG C 76 32.44 -9.60 8.30
C ARG C 76 33.12 -9.95 6.99
N TYR C 77 32.63 -9.42 5.87
CA TYR C 77 33.32 -9.54 4.59
C TYR C 77 34.37 -8.45 4.44
N ILE C 78 34.00 -7.19 4.71
CA ILE C 78 34.88 -6.07 4.39
C ILE C 78 36.02 -5.94 5.40
N ARG C 79 35.83 -6.43 6.63
CA ARG C 79 36.95 -6.44 7.57
C ARG C 79 38.02 -7.43 7.17
N GLU C 80 37.63 -8.52 6.51
CA GLU C 80 38.57 -9.49 5.97
C GLU C 80 38.98 -9.19 4.54
N LEU C 81 38.84 -7.94 4.10
CA LEU C 81 39.19 -7.56 2.74
C LEU C 81 40.55 -6.91 2.63
N GLN C 82 41.27 -6.75 3.75
CA GLN C 82 42.65 -6.24 3.81
C GLN C 82 42.74 -4.83 3.21
N TYR C 83 42.14 -3.89 3.95
CA TYR C 83 42.13 -2.46 3.60
C TYR C 83 43.53 -1.93 3.29
N ASN C 84 43.62 -1.15 2.23
CA ASN C 84 44.92 -0.77 1.68
C ASN C 84 45.46 0.49 2.35
N HIS C 85 46.78 0.56 2.43
CA HIS C 85 47.47 1.73 2.99
C HIS C 85 48.54 2.27 2.05
N THR C 86 48.65 1.75 0.84
CA THR C 86 49.77 2.04 -0.04
C THR C 86 49.69 3.39 -0.73
N GLY C 87 48.58 4.12 -0.56
CA GLY C 87 48.47 5.45 -1.15
C GLY C 87 48.31 5.46 -2.66
N THR C 88 47.82 4.35 -3.24
CA THR C 88 47.60 4.26 -4.68
C THR C 88 46.31 3.50 -4.92
N GLN C 89 45.38 4.12 -5.65
CA GLN C 89 44.13 3.48 -5.97
C GLN C 89 44.32 2.42 -7.04
N PHE C 90 43.54 1.35 -6.96
CA PHE C 90 43.64 0.23 -7.89
C PHE C 90 42.50 0.19 -8.90
N PHE C 91 41.58 1.16 -8.86
CA PHE C 91 40.36 1.02 -9.64
C PHE C 91 40.00 2.31 -10.40
N GLU C 92 38.79 2.35 -10.96
CA GLU C 92 38.34 3.47 -11.78
C GLU C 92 37.09 4.10 -11.15
N ILE C 93 37.14 4.33 -9.85
CA ILE C 93 35.98 4.83 -9.11
C ILE C 93 35.96 6.36 -9.20
N LYS C 94 34.82 6.90 -9.63
CA LYS C 94 34.60 8.34 -9.69
C LYS C 94 33.27 8.68 -9.03
N LYS C 95 33.12 9.95 -8.65
CA LYS C 95 31.85 10.43 -8.15
C LYS C 95 30.83 10.54 -9.27
N SER C 96 31.13 11.37 -10.27
CA SER C 96 30.28 11.51 -11.46
C SER C 96 30.49 10.27 -12.33
N ARG C 97 29.73 9.21 -12.00
CA ARG C 97 29.84 7.92 -12.62
C ARG C 97 28.44 7.33 -12.64
N PRO C 98 28.02 6.71 -13.74
CA PRO C 98 26.72 6.04 -13.76
C PRO C 98 26.71 4.82 -12.86
N LEU C 99 25.51 4.41 -12.48
CA LEU C 99 25.37 3.40 -11.43
C LEU C 99 25.73 2.01 -11.95
N THR C 100 25.22 1.63 -13.11
CA THR C 100 25.55 0.31 -13.65
C THR C 100 26.97 0.24 -14.20
N GLY C 101 27.59 1.39 -14.50
CA GLY C 101 29.02 1.39 -14.72
C GLY C 101 29.84 1.31 -13.46
N LEU C 102 29.19 1.50 -12.31
CA LEU C 102 29.79 1.42 -10.99
C LEU C 102 29.43 0.15 -10.25
N MET C 103 28.17 -0.30 -10.35
CA MET C 103 27.78 -1.54 -9.69
C MET C 103 28.30 -2.77 -10.41
N ASP C 104 28.56 -2.68 -11.72
CA ASP C 104 29.27 -3.75 -12.40
C ASP C 104 30.76 -3.68 -12.18
N LEU C 105 31.27 -2.52 -11.77
CA LEU C 105 32.63 -2.48 -11.24
C LEU C 105 32.69 -3.14 -9.87
N ALA C 106 31.58 -3.10 -9.12
CA ALA C 106 31.48 -3.85 -7.88
C ALA C 106 31.27 -5.34 -8.14
N LYS C 107 30.84 -5.71 -9.35
CA LYS C 107 30.90 -7.11 -9.76
C LYS C 107 32.33 -7.55 -10.01
N GLU C 108 33.24 -6.61 -10.27
CA GLU C 108 34.67 -6.88 -10.33
C GLU C 108 35.36 -6.51 -9.02
N MET C 109 34.65 -6.60 -7.91
CA MET C 109 35.23 -6.50 -6.58
C MET C 109 35.25 -7.82 -5.84
N THR C 110 34.21 -8.63 -6.01
CA THR C 110 34.23 -9.98 -5.45
C THR C 110 35.16 -10.90 -6.23
N LYS C 111 35.34 -10.64 -7.52
CA LYS C 111 36.23 -11.46 -8.33
C LYS C 111 37.68 -11.03 -8.20
N GLU C 112 37.93 -9.73 -8.10
CA GLU C 112 39.30 -9.23 -8.02
C GLU C 112 39.84 -9.31 -6.60
N ALA C 113 39.15 -8.65 -5.66
CA ALA C 113 39.41 -8.70 -4.22
C ALA C 113 40.83 -8.25 -3.86
N LEU C 114 41.26 -7.15 -4.47
CA LEU C 114 42.55 -6.54 -4.16
C LEU C 114 42.44 -5.77 -2.84
N PRO C 115 43.58 -5.31 -2.29
CA PRO C 115 43.50 -4.34 -1.19
C PRO C 115 42.82 -3.05 -1.62
N ILE C 116 41.79 -2.66 -0.86
CA ILE C 116 40.93 -1.55 -1.23
C ILE C 116 41.07 -0.44 -0.20
N LYS C 117 40.59 0.74 -0.57
CA LYS C 117 40.61 1.92 0.30
C LYS C 117 39.22 2.19 0.87
N CYS C 118 39.07 3.35 1.50
CA CYS C 118 37.81 3.69 2.17
C CYS C 118 36.71 4.05 1.20
N LEU C 119 37.06 4.52 0.00
CA LEU C 119 36.06 5.06 -0.93
C LEU C 119 35.20 3.97 -1.53
N GLU C 120 35.84 2.93 -2.06
CA GLU C 120 35.10 1.82 -2.66
C GLU C 120 34.49 0.88 -1.63
N ALA C 121 34.87 1.01 -0.36
CA ALA C 121 34.16 0.29 0.69
C ALA C 121 32.75 0.83 0.87
N VAL C 122 32.55 2.13 0.65
CA VAL C 122 31.21 2.69 0.61
C VAL C 122 30.45 2.15 -0.59
N ILE C 123 31.15 1.93 -1.71
CA ILE C 123 30.54 1.36 -2.90
C ILE C 123 30.14 -0.09 -2.64
N LEU C 124 31.07 -0.89 -2.12
CA LEU C 124 30.80 -2.28 -1.82
C LEU C 124 29.83 -2.44 -0.66
N GLY C 125 29.73 -1.43 0.21
CA GLY C 125 28.68 -1.42 1.20
C GLY C 125 27.30 -1.24 0.60
N ILE C 126 27.22 -0.50 -0.53
CA ILE C 126 25.96 -0.39 -1.25
C ILE C 126 25.68 -1.68 -2.02
N TYR C 127 26.71 -2.24 -2.66
CA TYR C 127 26.54 -3.42 -3.50
C TYR C 127 26.18 -4.66 -2.70
N LEU C 128 26.64 -4.75 -1.45
CA LEU C 128 26.31 -5.86 -0.58
C LEU C 128 25.06 -5.60 0.26
N THR C 129 24.20 -4.67 -0.16
CA THR C 129 23.00 -4.35 0.60
C THR C 129 21.77 -4.18 -0.29
N ASN C 130 21.84 -4.59 -1.57
CA ASN C 130 20.71 -4.42 -2.46
C ASN C 130 19.59 -5.41 -2.18
N SER C 131 19.87 -6.49 -1.47
CA SER C 131 18.88 -7.51 -1.17
C SER C 131 18.06 -7.19 0.08
N MET C 132 18.21 -5.99 0.63
CA MET C 132 17.45 -5.55 1.79
C MET C 132 16.60 -4.35 1.39
N PRO C 133 15.40 -4.58 0.87
CA PRO C 133 14.56 -3.45 0.42
C PRO C 133 14.01 -2.61 1.56
N THR C 134 14.01 -3.12 2.79
CA THR C 134 13.64 -2.32 3.95
C THR C 134 14.76 -1.38 4.38
N LEU C 135 15.98 -1.59 3.90
CA LEU C 135 17.11 -0.77 4.28
C LEU C 135 17.23 0.43 3.36
N GLU C 136 17.38 1.61 3.94
CA GLU C 136 17.61 2.84 3.20
C GLU C 136 19.00 3.35 3.54
N ARG C 137 19.79 3.64 2.51
CA ARG C 137 21.17 4.07 2.68
C ARG C 137 21.38 5.45 2.08
N PHE C 138 22.50 6.07 2.48
CA PHE C 138 22.86 7.41 2.04
C PHE C 138 24.33 7.63 2.31
N PRO C 139 25.07 8.29 1.42
CA PRO C 139 26.50 8.52 1.66
C PRO C 139 26.78 9.84 2.36
N ILE C 140 27.74 9.81 3.27
CA ILE C 140 28.16 10.97 4.04
C ILE C 140 29.68 11.05 3.99
N SER C 141 30.21 12.17 3.50
CA SER C 141 31.65 12.40 3.45
C SER C 141 32.02 13.50 4.44
N PHE C 142 33.20 13.35 5.05
CA PHE C 142 33.71 14.33 5.99
C PHE C 142 34.83 15.14 5.37
N LYS C 143 35.06 16.33 5.92
CA LYS C 143 36.18 17.18 5.54
C LYS C 143 37.01 17.40 6.81
N THR C 144 38.00 16.55 7.02
CA THR C 144 38.81 16.56 8.23
C THR C 144 39.96 17.54 8.09
N TYR C 145 40.19 18.32 9.14
CA TYR C 145 41.23 19.36 9.13
C TYR C 145 42.42 18.87 9.94
N PHE C 146 43.53 18.62 9.26
CA PHE C 146 44.82 18.47 9.90
C PHE C 146 45.50 19.85 9.94
N SER C 147 46.80 19.87 10.19
CA SER C 147 47.52 21.13 10.35
C SER C 147 47.68 21.84 9.00
N GLY C 148 46.66 22.61 8.62
CA GLY C 148 46.65 23.31 7.36
C GLY C 148 46.15 22.52 6.17
N ASN C 149 45.86 21.23 6.34
CA ASN C 149 45.47 20.36 5.24
C ASN C 149 44.03 19.89 5.43
N TYR C 150 43.46 19.38 4.34
CA TYR C 150 42.08 18.89 4.33
C TYR C 150 42.05 17.48 3.76
N PHE C 151 41.60 16.52 4.55
CA PHE C 151 41.44 15.15 4.12
C PHE C 151 39.96 14.79 4.04
N ARG C 152 39.67 13.69 3.37
CA ARG C 152 38.31 13.22 3.16
C ARG C 152 38.11 11.85 3.79
N HIS C 153 36.97 11.67 4.45
CA HIS C 153 36.54 10.35 4.91
C HIS C 153 35.06 10.23 4.62
N ILE C 154 34.69 9.20 3.87
CA ILE C 154 33.32 8.99 3.42
C ILE C 154 32.76 7.72 4.08
N VAL C 155 31.57 7.84 4.67
CA VAL C 155 30.89 6.71 5.28
C VAL C 155 29.57 6.47 4.54
N LEU C 156 28.95 5.34 4.84
CA LEU C 156 27.64 4.99 4.30
C LEU C 156 26.67 4.88 5.47
N GLY C 157 25.82 5.89 5.64
CA GLY C 157 24.84 5.88 6.70
C GLY C 157 23.63 5.06 6.30
N VAL C 158 23.17 4.20 7.20
CA VAL C 158 22.06 3.30 6.92
C VAL C 158 20.86 3.70 7.78
N ASN C 159 19.74 3.05 7.52
CA ASN C 159 18.49 3.33 8.24
C ASN C 159 17.61 2.10 8.16
N PHE C 160 17.43 1.42 9.30
CA PHE C 160 16.54 0.27 9.38
C PHE C 160 15.65 0.42 10.62
N ALA C 161 14.35 0.20 10.42
CA ALA C 161 13.31 0.24 11.47
C ALA C 161 13.27 1.57 12.20
N GLY C 162 13.60 2.65 11.50
CA GLY C 162 13.66 3.98 12.09
C GLY C 162 15.00 4.35 12.68
N ARG C 163 15.64 3.42 13.38
CA ARG C 163 16.92 3.68 14.00
C ARG C 163 18.01 3.82 12.96
N TYR C 164 19.08 4.53 13.32
CA TYR C 164 20.13 4.90 12.39
C TYR C 164 21.41 4.13 12.68
N GLY C 165 22.43 4.44 11.89
CA GLY C 165 23.68 3.71 11.91
C GLY C 165 24.44 4.00 10.64
N ALA C 166 25.72 3.61 10.65
CA ALA C 166 26.56 3.92 9.50
C ALA C 166 27.60 2.83 9.31
N LEU C 167 28.02 2.65 8.06
CA LEU C 167 29.03 1.68 7.69
C LEU C 167 30.20 2.39 7.02
N GLY C 168 31.28 1.66 6.85
CA GLY C 168 32.46 2.20 6.19
C GLY C 168 33.73 1.62 6.77
N MET C 169 34.84 1.93 6.09
CA MET C 169 36.17 1.52 6.52
C MET C 169 37.07 2.74 6.59
N SER C 170 38.15 2.59 7.36
CA SER C 170 39.15 3.65 7.50
C SER C 170 40.44 3.00 7.99
N ARG C 171 41.38 3.84 8.47
CA ARG C 171 42.63 3.33 9.01
C ARG C 171 42.46 2.77 10.41
N ARG C 172 41.50 3.27 11.17
CA ARG C 172 41.31 2.88 12.55
C ARG C 172 39.89 2.35 12.77
N GLU C 173 39.67 1.79 13.97
CA GLU C 173 38.44 1.10 14.28
C GLU C 173 37.27 2.05 14.52
N ASP C 174 37.54 3.25 15.03
CA ASP C 174 36.46 4.12 15.49
C ASP C 174 35.66 4.75 14.36
N LEU C 175 36.13 4.68 13.11
CA LEU C 175 35.38 5.19 11.96
C LEU C 175 34.68 4.07 11.21
N MET C 176 34.78 2.83 11.70
CA MET C 176 34.21 1.66 11.03
C MET C 176 32.73 1.51 11.36
N TYR C 177 32.21 0.29 11.13
CA TYR C 177 30.80 -0.04 11.28
C TYR C 177 30.22 0.37 12.63
N LYS C 178 29.05 1.00 12.57
CA LYS C 178 28.27 1.37 13.74
C LYS C 178 27.04 0.50 13.81
N PRO C 179 26.69 -0.04 14.98
CA PRO C 179 25.54 -0.94 15.08
C PRO C 179 24.23 -0.17 14.92
N PRO C 180 23.28 -0.70 14.16
CA PRO C 180 22.04 0.05 13.89
C PRO C 180 21.08 0.11 15.07
N ALA C 181 21.43 0.92 16.08
CA ALA C 181 20.54 1.12 17.21
C ALA C 181 20.52 2.57 17.69
N PHE C 182 21.11 3.50 16.95
CA PHE C 182 21.20 4.89 17.39
C PHE C 182 19.84 5.58 17.28
N ARG C 183 19.62 6.56 18.16
CA ARG C 183 18.30 7.17 18.31
C ARG C 183 17.99 8.12 17.15
N THR C 184 18.77 9.19 17.01
CA THR C 184 18.61 10.15 15.92
C THR C 184 19.83 10.11 15.02
N LEU C 185 19.85 11.02 14.04
CA LEU C 185 20.96 11.08 13.10
C LEU C 185 22.08 11.99 13.58
N SER C 186 21.77 12.99 14.41
CA SER C 186 22.76 13.98 14.81
C SER C 186 23.79 13.37 15.76
N GLU C 187 23.34 12.52 16.69
CA GLU C 187 24.27 11.86 17.60
C GLU C 187 25.04 10.74 16.92
N LEU C 188 24.56 10.25 15.77
CA LEU C 188 25.30 9.26 15.00
C LEU C 188 26.58 9.87 14.42
N VAL C 189 26.49 11.12 13.93
CA VAL C 189 27.66 11.82 13.44
C VAL C 189 28.58 12.19 14.59
N LEU C 190 28.02 12.36 15.79
CA LEU C 190 28.81 12.69 16.97
C LEU C 190 29.74 11.56 17.37
N ASP C 191 29.38 10.31 17.06
CA ASP C 191 30.30 9.20 17.26
C ASP C 191 31.50 9.31 16.33
N PHE C 192 31.28 9.78 15.10
CA PHE C 192 32.39 10.08 14.22
C PHE C 192 33.13 11.33 14.66
N GLU C 193 32.42 12.31 15.21
CA GLU C 193 33.07 13.51 15.73
C GLU C 193 33.87 13.21 16.98
N ALA C 194 33.41 12.29 17.82
CA ALA C 194 34.23 11.83 18.94
C ALA C 194 35.35 10.91 18.47
N ALA C 195 35.20 10.28 17.31
CA ALA C 195 36.29 9.50 16.74
C ALA C 195 37.40 10.39 16.21
N TYR C 196 37.07 11.61 15.81
CA TYR C 196 38.06 12.56 15.32
C TYR C 196 38.80 13.27 16.43
N GLY C 197 38.24 13.28 17.65
CA GLY C 197 38.96 13.84 18.78
C GLY C 197 40.09 12.96 19.26
N ARG C 198 39.99 11.65 19.04
CA ARG C 198 41.03 10.73 19.47
C ARG C 198 42.23 10.76 18.54
N CYS C 199 41.99 10.90 17.24
CA CYS C 199 43.05 10.87 16.25
C CYS C 199 43.64 12.25 15.95
N TRP C 200 43.30 13.25 16.77
CA TRP C 200 43.68 14.66 16.59
C TRP C 200 43.26 15.19 15.22
N HIS C 201 41.94 15.21 15.02
CA HIS C 201 41.34 15.68 13.77
C HIS C 201 40.29 16.73 14.08
N VAL C 202 40.29 17.80 13.28
CA VAL C 202 39.29 18.85 13.37
C VAL C 202 38.35 18.71 12.18
N LEU C 203 37.09 19.07 12.36
CA LEU C 203 36.06 18.89 11.34
C LEU C 203 35.70 20.23 10.71
N LYS C 204 35.53 20.21 9.38
CA LYS C 204 35.19 21.42 8.63
C LYS C 204 33.80 21.34 8.02
N LYS C 205 33.51 20.31 7.22
CA LYS C 205 32.24 20.19 6.54
C LYS C 205 31.71 18.77 6.68
N VAL C 206 30.38 18.68 6.70
CA VAL C 206 29.67 17.39 6.68
C VAL C 206 28.76 17.40 5.46
N LYS C 207 29.01 16.48 4.53
CA LYS C 207 28.30 16.44 3.27
C LYS C 207 27.18 15.41 3.35
N LEU C 208 25.94 15.87 3.23
CA LEU C 208 24.79 14.99 3.19
C LEU C 208 24.34 14.79 1.76
N GLY C 209 23.92 13.56 1.44
CA GLY C 209 23.51 13.22 0.09
C GLY C 209 22.12 12.63 0.07
N GLN C 210 21.60 12.50 -1.14
CA GLN C 210 20.30 11.87 -1.35
C GLN C 210 20.39 10.37 -1.07
N SER C 211 19.25 9.78 -0.71
CA SER C 211 19.17 8.35 -0.51
C SER C 211 19.33 7.61 -1.84
N VAL C 212 20.24 6.63 -1.86
CA VAL C 212 20.51 5.86 -3.06
C VAL C 212 19.32 4.96 -3.35
N SER C 213 18.84 5.00 -4.59
CA SER C 213 17.68 4.22 -5.01
C SER C 213 17.98 2.73 -4.98
N HIS C 214 16.96 1.95 -4.62
CA HIS C 214 17.12 0.51 -4.43
C HIS C 214 16.79 -0.25 -5.72
N ASP C 215 17.53 0.08 -6.76
CA ASP C 215 17.45 -0.61 -8.05
C ASP C 215 18.86 -0.72 -8.59
N PRO C 216 19.49 -1.90 -8.50
CA PRO C 216 20.90 -2.02 -8.88
C PRO C 216 21.14 -1.97 -10.37
N HIS C 217 20.12 -2.17 -11.18
CA HIS C 217 20.22 -2.09 -12.64
C HIS C 217 19.53 -0.81 -13.08
N SER C 218 20.27 0.30 -13.02
CA SER C 218 19.77 1.61 -13.37
C SER C 218 20.96 2.51 -13.66
N VAL C 219 20.71 3.62 -14.35
CA VAL C 219 21.76 4.55 -14.77
C VAL C 219 21.41 5.91 -14.19
N GLU C 220 21.95 6.22 -13.02
CA GLU C 220 21.86 7.57 -12.47
C GLU C 220 23.09 7.84 -11.61
N GLN C 221 23.47 9.10 -11.53
CA GLN C 221 24.60 9.50 -10.70
C GLN C 221 24.18 9.53 -9.23
N ILE C 222 25.10 9.12 -8.37
CA ILE C 222 24.84 9.10 -6.93
C ILE C 222 25.01 10.50 -6.37
N GLU C 223 23.95 11.02 -5.77
CA GLU C 223 23.96 12.38 -5.23
C GLU C 223 24.59 12.35 -3.84
N TRP C 224 25.80 12.88 -3.73
CA TRP C 224 26.52 12.93 -2.46
C TRP C 224 26.36 14.27 -1.74
N LYS C 225 25.87 15.30 -2.42
CA LYS C 225 25.93 16.68 -1.93
C LYS C 225 24.54 17.30 -1.92
N HIS C 226 23.57 16.58 -1.35
CA HIS C 226 22.23 17.14 -1.21
C HIS C 226 22.19 18.23 -0.15
N SER C 227 23.07 18.16 0.85
CA SER C 227 23.14 19.18 1.89
C SER C 227 24.57 19.25 2.40
N VAL C 228 24.99 20.46 2.77
CA VAL C 228 26.32 20.74 3.29
C VAL C 228 26.17 21.41 4.64
N LEU C 229 26.79 20.83 5.67
CA LEU C 229 26.76 21.37 7.03
C LEU C 229 28.17 21.82 7.40
N ASP C 230 28.39 23.13 7.33
CA ASP C 230 29.66 23.70 7.77
C ASP C 230 29.77 23.61 9.29
N VAL C 231 30.86 23.01 9.77
CA VAL C 231 31.00 22.69 11.18
C VAL C 231 31.33 23.94 11.99
N GLU C 232 32.43 24.59 11.64
CA GLU C 232 32.92 25.73 12.43
C GLU C 232 32.14 27.01 12.17
N ARG C 233 31.31 27.07 11.13
CA ARG C 233 30.64 28.30 10.75
C ARG C 233 29.11 28.20 10.81
N LEU C 234 28.58 27.22 11.52
CA LEU C 234 27.15 27.13 11.78
C LEU C 234 26.92 26.79 13.24
N GLY C 235 25.69 27.04 13.69
CA GLY C 235 25.35 26.81 15.07
C GLY C 235 25.24 25.34 15.42
N ARG C 236 25.41 25.04 16.71
CA ARG C 236 25.35 23.67 17.18
C ARG C 236 23.92 23.17 17.28
N ASP C 237 22.96 24.07 17.54
CA ASP C 237 21.57 23.68 17.53
C ASP C 237 21.07 23.40 16.11
N ASP C 238 21.65 24.09 15.12
CA ASP C 238 21.33 23.82 13.72
C ASP C 238 21.89 22.47 13.28
N PHE C 239 22.93 21.98 13.95
CA PHE C 239 23.44 20.65 13.64
C PHE C 239 22.54 19.56 14.17
N ARG C 240 21.72 19.87 15.18
CA ARG C 240 20.77 18.92 15.74
C ARG C 240 19.34 19.17 15.30
N LYS C 241 19.10 20.18 14.47
CA LYS C 241 17.75 20.49 13.98
C LYS C 241 17.64 20.37 12.48
N GLU C 242 18.56 20.99 11.72
CA GLU C 242 18.51 20.89 10.27
C GLU C 242 18.90 19.49 9.80
N LEU C 243 19.87 18.87 10.47
CA LEU C 243 20.21 17.49 10.17
C LEU C 243 19.15 16.53 10.69
N GLU C 244 18.33 16.95 11.66
CA GLU C 244 17.20 16.14 12.08
C GLU C 244 16.04 16.25 11.10
N ARG C 245 15.84 17.44 10.52
CA ARG C 245 14.84 17.57 9.46
C ARG C 245 15.31 16.92 8.18
N HIS C 246 16.62 16.94 7.92
CA HIS C 246 17.16 16.20 6.78
C HIS C 246 17.05 14.70 6.99
N ALA C 247 17.08 14.25 8.25
CA ALA C 247 16.84 12.84 8.55
C ALA C 247 15.41 12.44 8.25
N ARG C 248 14.48 13.38 8.33
CA ARG C 248 13.10 13.16 7.90
C ARG C 248 12.89 13.53 6.43
N ASP C 249 13.75 14.39 5.87
CA ASP C 249 13.61 14.77 4.47
C ASP C 249 14.02 13.63 3.54
N MET C 250 14.89 12.73 4.01
CA MET C 250 15.17 11.52 3.25
C MET C 250 13.96 10.60 3.19
N ARG C 251 13.10 10.67 4.21
CA ARG C 251 11.80 10.01 4.15
C ARG C 251 10.78 10.81 3.35
N LEU C 252 11.05 12.10 3.11
CA LEU C 252 10.11 12.91 2.35
C LEU C 252 10.19 12.67 0.85
N LYS C 253 11.38 12.35 0.34
CA LYS C 253 11.49 11.94 -1.06
C LYS C 253 10.97 10.52 -1.24
N ILE C 254 11.65 9.56 -0.60
CA ILE C 254 11.26 8.14 -0.50
C ILE C 254 11.02 7.46 -1.84
N SER D 26 46.39 -14.24 -22.92
CA SER D 26 46.47 -13.68 -21.58
C SER D 26 46.14 -14.73 -20.51
N ALA D 27 47.18 -15.41 -20.04
CA ALA D 27 47.01 -16.45 -19.04
C ALA D 27 46.81 -15.85 -17.65
N GLN D 28 45.84 -16.39 -16.93
CA GLN D 28 45.52 -15.95 -15.58
C GLN D 28 45.90 -17.05 -14.59
N GLN D 29 45.58 -16.79 -13.31
CA GLN D 29 45.87 -17.59 -12.10
C GLN D 29 47.37 -17.62 -11.77
N GLU D 30 48.22 -17.02 -12.59
CA GLU D 30 49.65 -16.93 -12.34
C GLU D 30 50.09 -15.50 -12.03
N LEU D 31 49.76 -14.55 -12.92
CA LEU D 31 50.08 -13.16 -12.66
C LEU D 31 49.16 -12.57 -11.61
N LYS D 32 47.89 -12.97 -11.63
CA LYS D 32 46.89 -12.42 -10.73
C LYS D 32 46.85 -13.10 -9.36
N GLN D 33 47.86 -13.91 -9.04
CA GLN D 33 47.96 -14.47 -7.69
C GLN D 33 49.35 -14.25 -7.12
N ARG D 34 50.37 -14.22 -7.99
CA ARG D 34 51.72 -13.92 -7.53
C ARG D 34 51.87 -12.45 -7.19
N GLN D 35 51.29 -11.57 -8.00
CA GLN D 35 51.26 -10.15 -7.68
C GLN D 35 50.11 -9.77 -6.78
N ARG D 36 49.14 -10.68 -6.59
CA ARG D 36 48.08 -10.43 -5.61
C ARG D 36 48.59 -10.61 -4.19
N ALA D 37 49.33 -11.70 -3.95
CA ALA D 37 49.95 -11.91 -2.64
C ALA D 37 51.16 -11.01 -2.43
N GLU D 38 51.69 -10.42 -3.51
CA GLU D 38 52.75 -9.43 -3.40
C GLU D 38 52.27 -8.19 -2.66
N ILE D 39 51.05 -7.73 -2.95
CA ILE D 39 50.49 -6.61 -2.19
C ILE D 39 50.09 -7.06 -0.80
N TYR D 40 49.70 -8.33 -0.64
CA TYR D 40 49.34 -8.85 0.67
C TYR D 40 50.55 -8.91 1.59
N ALA D 41 51.74 -9.17 1.04
CA ALA D 41 52.96 -9.03 1.80
C ALA D 41 53.42 -7.59 1.90
N LEU D 42 52.89 -6.70 1.07
CA LEU D 42 53.29 -5.30 1.10
C LEU D 42 52.52 -4.52 2.15
N ASN D 43 51.19 -4.67 2.18
CA ASN D 43 50.38 -3.84 3.07
C ASN D 43 50.47 -4.27 4.53
N ARG D 44 51.08 -5.43 4.82
CA ARG D 44 51.25 -5.86 6.20
C ARG D 44 52.19 -4.92 6.95
N VAL D 45 53.21 -4.40 6.26
CA VAL D 45 54.07 -3.39 6.87
C VAL D 45 53.44 -2.00 6.70
N MET D 46 52.66 -1.79 5.65
CA MET D 46 52.03 -0.50 5.43
C MET D 46 50.89 -0.25 6.41
N THR D 47 50.21 -1.31 6.86
CA THR D 47 49.22 -1.17 7.93
C THR D 47 49.92 -0.79 9.24
N GLU D 48 51.07 -1.41 9.52
CA GLU D 48 51.83 -1.08 10.71
C GLU D 48 52.46 0.30 10.61
N LEU D 49 52.77 0.75 9.38
CA LEU D 49 53.37 2.06 9.20
C LEU D 49 52.39 3.20 9.47
N GLU D 50 51.15 3.04 9.05
CA GLU D 50 50.15 4.09 9.23
C GLU D 50 49.64 4.20 10.66
N GLN D 51 49.96 3.24 11.53
CA GLN D 51 49.60 3.32 12.94
C GLN D 51 50.80 3.59 13.85
N GLN D 52 52.00 3.68 13.29
CA GLN D 52 53.19 3.97 14.07
C GLN D 52 53.67 5.41 13.92
N GLN D 53 53.14 6.16 12.95
CA GLN D 53 53.53 7.54 12.74
C GLN D 53 52.85 8.51 13.69
N PHE D 54 51.84 8.06 14.46
CA PHE D 54 51.07 8.96 15.31
C PHE D 54 51.10 8.56 16.78
N ASP D 55 51.69 7.43 17.13
CA ASP D 55 51.73 7.01 18.53
C ASP D 55 52.69 7.87 19.33
N GLU D 56 52.18 8.93 19.94
CA GLU D 56 52.98 9.85 20.73
C GLU D 56 52.58 9.81 22.19
N MET E 1 -6.61 34.60 -16.14
CA MET E 1 -5.69 34.29 -15.05
C MET E 1 -6.46 33.85 -13.82
N ARG E 2 -5.92 34.23 -12.65
CA ARG E 2 -6.56 34.19 -11.31
C ARG E 2 -7.24 32.85 -10.98
N GLU E 3 -6.68 31.74 -11.48
CA GLU E 3 -7.24 30.44 -11.19
C GLU E 3 -6.88 30.01 -9.78
N CYS E 4 -7.72 29.13 -9.21
CA CYS E 4 -7.60 28.77 -7.80
C CYS E 4 -8.19 27.37 -7.60
N ILE E 5 -7.32 26.38 -7.44
CA ILE E 5 -7.76 25.00 -7.30
C ILE E 5 -8.14 24.73 -5.85
N SER E 6 -8.84 23.60 -5.63
CA SER E 6 -9.36 23.26 -4.31
C SER E 6 -9.29 21.77 -4.11
N ILE E 7 -8.41 21.32 -3.22
CA ILE E 7 -8.27 19.89 -2.94
C ILE E 7 -9.17 19.53 -1.76
N HIS E 8 -9.64 18.29 -1.74
CA HIS E 8 -10.60 17.83 -0.74
C HIS E 8 -10.14 16.51 -0.18
N VAL E 9 -10.34 16.31 1.12
CA VAL E 9 -9.82 15.11 1.78
C VAL E 9 -10.64 14.82 3.04
N GLY E 10 -11.04 13.58 3.22
CA GLY E 10 -11.77 13.16 4.41
C GLY E 10 -13.20 12.78 4.08
N GLN E 11 -13.91 12.30 5.12
CA GLN E 11 -15.33 12.10 4.92
C GLN E 11 -16.04 13.46 4.84
N ALA E 12 -15.50 14.46 5.53
CA ALA E 12 -16.05 15.80 5.44
C ALA E 12 -15.65 16.48 4.14
N GLY E 13 -14.42 16.23 3.68
CA GLY E 13 -13.89 17.01 2.58
C GLY E 13 -14.55 16.75 1.25
N VAL E 14 -14.94 15.50 0.99
CA VAL E 14 -15.66 15.25 -0.24
C VAL E 14 -17.13 15.61 -0.10
N GLN E 15 -17.68 15.46 1.10
CA GLN E 15 -19.09 15.75 1.31
C GLN E 15 -19.39 17.24 1.24
N ILE E 16 -18.40 18.09 1.53
CA ILE E 16 -18.57 19.51 1.31
C ILE E 16 -18.50 19.83 -0.17
N GLY E 17 -17.48 19.31 -0.85
CA GLY E 17 -17.33 19.54 -2.28
C GLY E 17 -18.39 18.89 -3.12
N ASN E 18 -19.09 17.89 -2.58
CA ASN E 18 -20.27 17.38 -3.26
C ASN E 18 -21.38 18.42 -3.28
N ALA E 19 -21.41 19.31 -2.30
CA ALA E 19 -22.39 20.37 -2.24
C ALA E 19 -21.81 21.76 -2.45
N CYS E 20 -20.49 21.92 -2.35
CA CYS E 20 -19.90 23.20 -2.71
C CYS E 20 -19.86 23.38 -4.22
N TRP E 21 -19.45 22.34 -4.95
CA TRP E 21 -19.49 22.41 -6.40
C TRP E 21 -20.90 22.31 -6.95
N GLU E 22 -21.87 21.88 -6.13
CA GLU E 22 -23.27 22.03 -6.50
C GLU E 22 -23.65 23.50 -6.57
N LEU E 23 -23.03 24.34 -5.74
CA LEU E 23 -23.38 25.75 -5.70
C LEU E 23 -22.73 26.52 -6.83
N TYR E 24 -21.49 26.19 -7.20
CA TYR E 24 -20.78 27.00 -8.19
C TYR E 24 -21.35 26.81 -9.58
N CYS E 25 -21.94 25.64 -9.84
CA CYS E 25 -22.65 25.44 -11.09
C CYS E 25 -23.89 26.32 -11.17
N LEU E 26 -24.50 26.62 -10.03
CA LEU E 26 -25.60 27.57 -10.04
C LEU E 26 -25.12 29.01 -10.18
N GLU E 27 -23.91 29.29 -9.73
CA GLU E 27 -23.37 30.65 -9.81
C GLU E 27 -22.68 30.93 -11.14
N HIS E 28 -22.71 30.01 -12.08
CA HIS E 28 -22.21 30.31 -13.42
C HIS E 28 -23.08 29.72 -14.52
N GLY E 29 -24.24 29.17 -14.20
CA GLY E 29 -25.08 28.57 -15.21
C GLY E 29 -24.58 27.25 -15.74
N ILE E 30 -23.60 26.64 -15.09
CA ILE E 30 -23.03 25.38 -15.55
C ILE E 30 -24.01 24.25 -15.29
N GLN E 31 -24.28 23.47 -16.33
CA GLN E 31 -25.15 22.31 -16.21
C GLN E 31 -24.47 21.22 -15.38
N PRO E 32 -25.23 20.23 -14.89
CA PRO E 32 -24.59 19.05 -14.31
C PRO E 32 -23.74 18.26 -15.29
N ASP E 33 -24.02 18.36 -16.59
CA ASP E 33 -23.15 17.78 -17.60
C ASP E 33 -21.93 18.66 -17.90
N GLY E 34 -21.79 19.79 -17.22
CA GLY E 34 -20.65 20.66 -17.42
C GLY E 34 -20.72 21.53 -18.66
N GLN E 35 -21.90 21.69 -19.25
CA GLN E 35 -22.04 22.39 -20.52
C GLN E 35 -22.94 23.60 -20.32
N MET E 36 -22.35 24.79 -20.33
CA MET E 36 -23.10 26.02 -20.15
C MET E 36 -23.98 26.29 -21.36
N PRO E 37 -25.31 26.28 -21.22
CA PRO E 37 -26.22 26.43 -22.36
C PRO E 37 -26.27 27.85 -22.90
N ASP E 47 -18.35 34.25 -19.76
CA ASP E 47 -17.71 35.45 -19.23
C ASP E 47 -16.38 35.11 -18.57
N SER E 48 -16.38 35.02 -17.25
CA SER E 48 -15.17 34.72 -16.49
C SER E 48 -15.55 33.78 -15.35
N PHE E 49 -15.42 32.49 -15.61
CA PHE E 49 -15.56 31.45 -14.60
C PHE E 49 -14.24 30.77 -14.31
N ASN E 50 -13.15 31.27 -14.89
CA ASN E 50 -11.91 30.53 -14.96
C ASN E 50 -11.18 30.42 -13.63
N THR E 51 -11.65 31.07 -12.58
CA THR E 51 -11.10 30.82 -11.27
C THR E 51 -11.56 29.50 -10.68
N PHE E 52 -12.54 28.84 -11.29
CA PHE E 52 -13.02 27.56 -10.80
C PHE E 52 -13.29 26.53 -11.89
N PHE E 53 -13.11 26.85 -13.16
CA PHE E 53 -13.43 25.90 -14.21
C PHE E 53 -12.43 26.06 -15.35
N SER E 54 -11.65 25.03 -15.62
CA SER E 54 -10.78 25.01 -16.80
C SER E 54 -11.56 24.34 -17.92
N GLU E 55 -12.13 25.16 -18.82
CA GLU E 55 -13.00 24.62 -19.83
C GLU E 55 -12.21 23.97 -20.96
N THR E 56 -12.92 23.19 -21.76
CA THR E 56 -12.36 22.54 -22.94
C THR E 56 -12.99 23.13 -24.19
N GLY E 57 -12.41 22.79 -25.34
CA GLY E 57 -12.88 23.34 -26.60
C GLY E 57 -14.19 22.78 -27.08
N ALA E 58 -14.64 21.67 -26.50
CA ALA E 58 -15.89 21.04 -26.93
C ALA E 58 -17.13 21.74 -26.38
N GLY E 59 -16.97 22.77 -25.58
CA GLY E 59 -18.07 23.39 -24.89
C GLY E 59 -18.30 22.87 -23.49
N LYS E 60 -17.46 21.97 -23.02
CA LYS E 60 -17.60 21.45 -21.67
C LYS E 60 -16.91 22.36 -20.68
N HIS E 61 -17.05 22.02 -19.40
CA HIS E 61 -16.35 22.71 -18.33
C HIS E 61 -15.95 21.68 -17.28
N VAL E 62 -14.68 21.72 -16.89
CA VAL E 62 -14.13 20.79 -15.91
C VAL E 62 -13.80 21.58 -14.65
N PRO E 63 -14.33 21.19 -13.50
CA PRO E 63 -13.98 21.89 -12.27
C PRO E 63 -12.57 21.56 -11.84
N ARG E 64 -11.91 22.55 -11.25
CA ARG E 64 -10.51 22.45 -10.91
C ARG E 64 -10.38 22.04 -9.45
N ALA E 65 -10.72 20.79 -9.19
CA ALA E 65 -10.71 20.24 -7.84
C ALA E 65 -10.18 18.83 -7.85
N VAL E 66 -9.54 18.45 -6.75
CA VAL E 66 -8.93 17.13 -6.61
C VAL E 66 -9.61 16.46 -5.42
N PHE E 67 -10.64 15.66 -5.69
CA PHE E 67 -11.33 14.94 -4.63
C PHE E 67 -10.51 13.73 -4.24
N VAL E 68 -9.90 13.76 -3.06
CA VAL E 68 -9.16 12.61 -2.59
C VAL E 68 -9.86 12.05 -1.36
N ASP E 69 -9.70 10.74 -1.18
CA ASP E 69 -10.01 10.04 0.07
C ASP E 69 -9.32 8.70 -0.01
N LEU E 70 -8.93 8.20 1.16
CA LEU E 70 -8.34 6.87 1.19
C LEU E 70 -9.39 5.78 1.20
N GLU E 71 -10.61 6.10 1.56
CA GLU E 71 -11.70 5.13 1.59
C GLU E 71 -12.54 5.27 0.33
N PRO E 72 -12.88 4.17 -0.35
CA PRO E 72 -13.62 4.30 -1.61
C PRO E 72 -15.11 4.55 -1.47
N THR E 73 -15.69 4.37 -0.30
CA THR E 73 -17.15 4.38 -0.21
C THR E 73 -17.75 5.78 -0.21
N VAL E 74 -16.95 6.83 -0.18
CA VAL E 74 -17.46 8.19 -0.14
C VAL E 74 -17.43 8.85 -1.52
N ILE E 75 -16.34 8.68 -2.26
CA ILE E 75 -16.24 9.28 -3.59
C ILE E 75 -17.11 8.51 -4.57
N ASP E 76 -17.34 7.22 -4.33
CA ASP E 76 -18.22 6.44 -5.19
C ASP E 76 -19.66 6.89 -5.10
N GLU E 77 -20.04 7.61 -4.05
CA GLU E 77 -21.33 8.30 -4.07
C GLU E 77 -21.33 9.41 -5.10
N VAL E 78 -20.23 10.15 -5.20
CA VAL E 78 -20.13 11.20 -6.21
C VAL E 78 -19.90 10.60 -7.58
N ARG E 79 -19.10 9.54 -7.66
CA ARG E 79 -18.71 8.96 -8.93
C ARG E 79 -19.82 8.16 -9.61
N THR E 80 -20.96 7.96 -8.95
CA THR E 80 -22.03 7.17 -9.52
C THR E 80 -23.36 7.90 -9.61
N GLY E 81 -23.65 8.80 -8.69
CA GLY E 81 -24.91 9.52 -8.73
C GLY E 81 -24.91 10.66 -9.71
N THR E 82 -25.54 11.78 -9.34
CA THR E 82 -25.45 12.96 -10.18
C THR E 82 -24.08 13.60 -10.02
N TYR E 83 -23.79 14.54 -10.93
CA TYR E 83 -22.46 15.15 -11.11
C TYR E 83 -21.38 14.09 -11.36
N ARG E 84 -21.73 13.01 -12.04
CA ARG E 84 -20.74 12.00 -12.36
C ARG E 84 -20.05 12.28 -13.68
N GLN E 85 -20.58 13.18 -14.49
CA GLN E 85 -19.94 13.58 -15.73
C GLN E 85 -19.22 14.91 -15.62
N LEU E 86 -19.40 15.63 -14.51
CA LEU E 86 -18.78 16.94 -14.39
C LEU E 86 -17.28 16.82 -14.16
N PHE E 87 -16.88 15.94 -13.24
CA PHE E 87 -15.49 15.87 -12.82
C PHE E 87 -14.65 15.12 -13.86
N HIS E 88 -13.39 14.92 -13.52
CA HIS E 88 -12.45 14.16 -14.33
C HIS E 88 -12.04 12.91 -13.58
N PRO E 89 -12.15 11.73 -14.19
CA PRO E 89 -11.85 10.49 -13.44
C PRO E 89 -10.39 10.31 -13.09
N GLU E 90 -9.48 11.06 -13.71
CA GLU E 90 -8.07 11.00 -13.33
C GLU E 90 -7.77 11.75 -12.05
N GLN E 91 -8.72 12.53 -11.53
CA GLN E 91 -8.47 13.35 -10.35
C GLN E 91 -9.20 12.89 -9.10
N LEU E 92 -10.17 11.99 -9.22
CA LEU E 92 -10.85 11.45 -8.03
C LEU E 92 -9.98 10.34 -7.47
N ILE E 93 -8.96 10.75 -6.70
CA ILE E 93 -7.98 9.81 -6.18
C ILE E 93 -8.60 9.00 -5.04
N THR E 94 -8.33 7.69 -5.03
CA THR E 94 -9.02 6.79 -4.13
C THR E 94 -8.10 5.66 -3.71
N GLY E 95 -7.92 5.48 -2.41
CA GLY E 95 -7.16 4.37 -1.87
C GLY E 95 -7.99 3.11 -1.71
N LYS E 96 -7.59 2.28 -0.75
CA LYS E 96 -8.34 1.08 -0.42
C LYS E 96 -8.69 0.97 1.05
N GLU E 97 -7.77 1.30 1.94
CA GLU E 97 -8.05 1.27 3.37
C GLU E 97 -8.49 2.64 3.84
N ASP E 98 -9.39 2.66 4.82
CA ASP E 98 -10.00 3.92 5.19
C ASP E 98 -9.14 4.78 6.10
N ALA E 99 -8.03 4.23 6.61
CA ALA E 99 -7.14 4.88 7.59
C ALA E 99 -7.93 5.39 8.79
N ALA E 100 -8.48 4.43 9.50
CA ALA E 100 -9.59 4.65 10.42
C ALA E 100 -9.13 5.44 11.63
N ASN E 101 -9.38 6.75 11.61
CA ASN E 101 -9.18 7.68 12.72
C ASN E 101 -7.75 7.70 13.25
N ASN E 102 -6.80 7.26 12.46
CA ASN E 102 -5.43 7.05 12.91
C ASN E 102 -4.55 8.04 12.15
N TYR E 103 -4.01 9.02 12.89
CA TYR E 103 -3.15 10.03 12.29
C TYR E 103 -1.89 9.41 11.71
N ALA E 104 -1.34 8.39 12.36
CA ALA E 104 -0.17 7.74 11.83
C ALA E 104 -0.49 6.92 10.59
N ARG E 105 -1.72 6.41 10.48
CA ARG E 105 -2.13 5.77 9.23
C ARG E 105 -2.47 6.77 8.15
N GLY E 106 -2.52 8.05 8.46
CA GLY E 106 -2.71 9.05 7.44
C GLY E 106 -1.42 9.74 7.10
N HIS E 107 -0.47 9.78 8.04
CA HIS E 107 0.76 10.51 7.87
C HIS E 107 1.97 9.62 7.62
N TYR E 108 1.92 8.36 7.99
CA TYR E 108 3.05 7.47 7.81
C TYR E 108 2.74 6.21 7.02
N THR E 109 1.61 5.57 7.26
CA THR E 109 1.43 4.21 6.77
C THR E 109 0.79 4.15 5.39
N ILE E 110 -0.45 4.63 5.26
CA ILE E 110 -1.19 4.46 4.02
C ILE E 110 -1.13 5.73 3.20
N GLY E 111 -1.16 6.87 3.87
CA GLY E 111 -1.07 8.15 3.18
C GLY E 111 0.24 8.37 2.48
N LYS E 112 1.30 7.69 2.92
CA LYS E 112 2.57 7.74 2.21
C LYS E 112 2.48 7.11 0.84
N GLU E 113 1.55 6.16 0.65
CA GLU E 113 1.45 5.48 -0.62
C GLU E 113 0.72 6.31 -1.66
N ILE E 114 -0.31 7.05 -1.26
CA ILE E 114 -1.17 7.75 -2.21
C ILE E 114 -0.87 9.24 -2.27
N ILE E 115 0.19 9.69 -1.59
CA ILE E 115 0.64 11.07 -1.72
C ILE E 115 1.16 11.34 -3.12
N ASP E 116 1.87 10.36 -3.71
CA ASP E 116 2.50 10.57 -5.00
C ASP E 116 1.52 10.50 -6.17
N LEU E 117 0.24 10.22 -5.91
CA LEU E 117 -0.77 10.35 -6.95
C LEU E 117 -1.58 11.63 -6.81
N VAL E 118 -1.80 12.09 -5.58
CA VAL E 118 -2.47 13.37 -5.37
C VAL E 118 -1.55 14.51 -5.76
N LEU E 119 -0.28 14.43 -5.36
CA LEU E 119 0.69 15.47 -5.70
C LEU E 119 0.99 15.47 -7.19
N ASP E 120 0.84 14.33 -7.86
CA ASP E 120 1.03 14.31 -9.31
C ASP E 120 -0.15 14.93 -10.03
N ARG E 121 -1.35 14.79 -9.49
CA ARG E 121 -2.52 15.37 -10.14
C ARG E 121 -2.58 16.88 -9.95
N ILE E 122 -1.89 17.42 -8.96
CA ILE E 122 -1.86 18.87 -8.79
C ILE E 122 -1.00 19.52 -9.86
N ARG E 123 0.17 18.95 -10.14
CA ARG E 123 1.02 19.47 -11.19
C ARG E 123 0.45 19.23 -12.59
N LYS E 124 -0.53 18.36 -12.74
CA LYS E 124 -1.29 18.28 -13.97
C LYS E 124 -2.46 19.27 -13.98
N LEU E 125 -2.67 20.00 -12.89
CA LEU E 125 -3.62 21.09 -12.84
C LEU E 125 -2.98 22.44 -12.58
N ALA E 126 -1.85 22.49 -11.88
CA ALA E 126 -1.18 23.75 -11.64
C ALA E 126 -0.32 24.19 -12.82
N ASP E 127 -0.25 23.39 -13.88
CA ASP E 127 0.42 23.80 -15.10
C ASP E 127 -0.55 24.32 -16.15
N GLN E 128 -1.84 24.27 -15.88
CA GLN E 128 -2.83 24.92 -16.72
C GLN E 128 -3.22 26.28 -16.20
N CYS E 129 -2.51 26.79 -15.19
CA CYS E 129 -2.86 28.04 -14.53
C CYS E 129 -1.84 29.10 -14.87
N THR E 130 -2.29 30.17 -15.54
CA THR E 130 -1.42 31.32 -15.76
C THR E 130 -1.20 32.07 -14.45
N GLY E 131 -2.28 32.56 -13.86
CA GLY E 131 -2.21 33.17 -12.54
C GLY E 131 -2.86 32.27 -11.50
N LEU E 132 -2.07 31.81 -10.55
CA LEU E 132 -2.55 30.89 -9.52
C LEU E 132 -2.70 31.66 -8.22
N GLN E 133 -3.94 31.89 -7.79
CA GLN E 133 -4.16 32.65 -6.56
C GLN E 133 -3.80 31.83 -5.34
N GLY E 134 -4.20 30.57 -5.29
CA GLY E 134 -3.86 29.74 -4.16
C GLY E 134 -4.68 28.47 -4.10
N PHE E 135 -4.42 27.71 -3.04
CA PHE E 135 -5.06 26.42 -2.81
C PHE E 135 -6.15 26.55 -1.76
N LEU E 136 -7.17 25.72 -1.88
CA LEU E 136 -8.34 25.74 -1.01
C LEU E 136 -8.57 24.33 -0.48
N VAL E 137 -7.90 23.95 0.60
CA VAL E 137 -8.10 22.59 1.10
C VAL E 137 -9.41 22.51 1.87
N PHE E 138 -9.89 21.29 2.07
CA PHE E 138 -11.17 21.06 2.73
C PHE E 138 -11.06 19.76 3.50
N HIS E 139 -10.91 19.83 4.81
CA HIS E 139 -10.81 18.61 5.59
C HIS E 139 -11.47 18.83 6.93
N SER E 140 -11.50 17.77 7.73
CA SER E 140 -11.90 17.86 9.12
C SER E 140 -10.71 17.48 10.00
N PHE E 141 -10.67 18.04 11.19
CA PHE E 141 -9.67 17.63 12.16
C PHE E 141 -10.06 16.38 12.92
N GLY E 142 -11.19 15.77 12.58
CA GLY E 142 -11.67 14.61 13.31
C GLY E 142 -11.10 13.31 12.79
N GLY E 143 -9.78 13.19 12.80
CA GLY E 143 -9.13 11.92 12.58
C GLY E 143 -9.10 11.47 11.13
N GLY E 144 -8.26 10.47 10.90
CA GLY E 144 -8.19 9.84 9.60
C GLY E 144 -7.44 10.71 8.60
N THR E 145 -7.91 10.68 7.36
CA THR E 145 -7.21 11.36 6.29
C THR E 145 -7.34 12.87 6.39
N GLY E 146 -8.41 13.37 7.01
CA GLY E 146 -8.59 14.80 7.13
C GLY E 146 -7.52 15.46 7.97
N SER E 147 -6.97 14.74 8.94
CA SER E 147 -5.86 15.24 9.73
C SER E 147 -4.55 14.53 9.44
N GLY E 148 -4.60 13.25 9.09
CA GLY E 148 -3.39 12.51 8.85
C GLY E 148 -2.83 12.70 7.46
N PHE E 149 -3.70 12.62 6.46
CA PHE E 149 -3.24 12.74 5.09
C PHE E 149 -3.03 14.20 4.69
N THR E 150 -3.77 15.11 5.32
CA THR E 150 -3.57 16.53 5.01
C THR E 150 -2.26 17.03 5.58
N SER E 151 -1.86 16.53 6.75
CA SER E 151 -0.57 16.88 7.31
C SER E 151 0.58 16.39 6.45
N LEU E 152 0.38 15.28 5.74
CA LEU E 152 1.34 14.83 4.75
C LEU E 152 1.18 15.55 3.42
N LEU E 153 0.11 16.32 3.25
CA LEU E 153 -0.12 17.06 2.02
C LEU E 153 0.27 18.52 2.12
N MET E 154 -0.08 19.19 3.22
CA MET E 154 0.32 20.57 3.40
C MET E 154 1.82 20.69 3.64
N GLU E 155 2.43 19.67 4.24
CA GLU E 155 3.88 19.63 4.31
C GLU E 155 4.50 19.40 2.93
N ARG E 156 3.76 18.73 2.06
CA ARG E 156 4.27 18.41 0.73
C ARG E 156 4.18 19.61 -0.21
N LEU E 157 3.07 20.34 -0.16
CA LEU E 157 2.88 21.46 -1.07
C LEU E 157 3.78 22.63 -0.72
N SER E 158 4.16 22.77 0.55
CA SER E 158 5.03 23.88 0.95
C SER E 158 6.47 23.71 0.48
N VAL E 159 6.83 22.52 0.01
CA VAL E 159 8.15 22.34 -0.60
C VAL E 159 8.09 22.75 -2.07
N ASP E 160 7.09 22.25 -2.80
CA ASP E 160 7.04 22.50 -4.23
C ASP E 160 6.49 23.87 -4.56
N TYR E 161 5.62 24.42 -3.72
CA TYR E 161 4.98 25.71 -3.96
C TYR E 161 5.22 26.57 -2.73
N GLY E 162 6.36 27.25 -2.69
CA GLY E 162 6.68 28.04 -1.52
C GLY E 162 5.89 29.32 -1.43
N LYS E 163 6.09 30.22 -2.39
CA LYS E 163 5.44 31.52 -2.39
C LYS E 163 4.07 31.38 -3.06
N LYS E 164 3.14 30.79 -2.32
CA LYS E 164 1.78 30.61 -2.80
C LYS E 164 0.87 30.50 -1.59
N SER E 165 -0.25 31.22 -1.63
CA SER E 165 -1.22 31.15 -0.55
C SER E 165 -1.91 29.80 -0.55
N LYS E 166 -2.38 29.38 0.62
CA LYS E 166 -3.10 28.11 0.73
C LYS E 166 -4.10 28.22 1.86
N LEU E 167 -5.36 28.43 1.51
CA LEU E 167 -6.42 28.53 2.50
C LEU E 167 -6.72 27.15 3.08
N GLU E 168 -7.53 27.13 4.14
CA GLU E 168 -7.83 25.88 4.82
C GLU E 168 -9.17 26.02 5.53
N PHE E 169 -10.17 25.28 5.06
CA PHE E 169 -11.50 25.31 5.67
C PHE E 169 -11.72 24.09 6.56
N SER E 170 -10.91 24.00 7.61
CA SER E 170 -10.95 22.85 8.49
C SER E 170 -12.17 22.90 9.39
N ILE E 171 -12.68 21.72 9.73
CA ILE E 171 -13.75 21.58 10.71
C ILE E 171 -13.12 21.26 12.05
N TYR E 172 -13.43 22.06 13.03
CA TYR E 172 -12.83 21.74 14.32
C TYR E 172 -13.69 20.72 15.04
N PRO E 173 -13.11 19.89 15.90
CA PRO E 173 -13.94 19.02 16.76
C PRO E 173 -14.70 19.83 17.78
N ALA E 174 -16.00 19.58 17.85
CA ALA E 174 -16.88 20.32 18.73
C ALA E 174 -16.60 19.95 20.19
N PRO E 175 -16.86 20.87 21.15
CA PRO E 175 -16.56 20.56 22.55
C PRO E 175 -17.42 19.45 23.14
N GLN E 176 -18.74 19.58 23.02
CA GLN E 176 -19.66 18.63 23.63
C GLN E 176 -20.16 17.60 22.63
N VAL E 177 -20.62 18.05 21.46
CA VAL E 177 -20.95 17.14 20.38
C VAL E 177 -19.68 16.46 19.91
N SER E 178 -19.71 15.14 19.80
CA SER E 178 -18.52 14.45 19.33
C SER E 178 -18.90 13.22 18.54
N THR E 179 -18.01 12.85 17.62
CA THR E 179 -18.15 11.64 16.82
C THR E 179 -17.03 10.66 17.10
N ALA E 180 -15.78 11.08 17.01
CA ALA E 180 -14.69 10.17 17.29
C ALA E 180 -14.48 10.04 18.78
N VAL E 181 -13.65 9.07 19.16
CA VAL E 181 -13.18 8.95 20.52
C VAL E 181 -11.79 9.56 20.55
N VAL E 182 -11.09 9.45 19.43
CA VAL E 182 -9.77 10.03 19.28
C VAL E 182 -9.82 11.35 18.54
N GLU E 183 -10.98 12.02 18.55
CA GLU E 183 -11.06 13.43 18.15
C GLU E 183 -10.04 14.35 18.83
N PRO E 184 -9.76 14.28 20.14
CA PRO E 184 -8.71 15.16 20.67
C PRO E 184 -7.31 14.69 20.37
N TYR E 185 -7.12 13.43 19.99
CA TYR E 185 -5.77 12.99 19.68
C TYR E 185 -5.34 13.47 18.31
N ASN E 186 -6.21 13.38 17.31
CA ASN E 186 -5.85 13.75 15.95
C ASN E 186 -6.10 15.21 15.66
N SER E 187 -6.21 16.05 16.67
CA SER E 187 -6.28 17.48 16.45
C SER E 187 -5.10 18.23 17.04
N ILE E 188 -4.47 17.70 18.08
CA ILE E 188 -3.21 18.27 18.51
C ILE E 188 -2.11 17.88 17.54
N LEU E 189 -2.23 16.72 16.91
CA LEU E 189 -1.23 16.27 15.97
C LEU E 189 -1.25 17.03 14.65
N THR E 190 -2.38 17.62 14.28
CA THR E 190 -2.43 18.31 13.00
C THR E 190 -2.14 19.79 13.09
N THR E 191 -2.25 20.39 14.28
CA THR E 191 -1.96 21.80 14.39
C THR E 191 -0.47 22.09 14.38
N HIS E 192 0.37 21.08 14.55
CA HIS E 192 1.80 21.30 14.31
C HIS E 192 2.06 21.47 12.82
N THR E 193 1.23 20.87 11.97
CA THR E 193 1.36 21.09 10.54
C THR E 193 0.78 22.45 10.14
N THR E 194 -0.46 22.72 10.53
CA THR E 194 -1.15 23.91 10.05
C THR E 194 -0.70 25.19 10.73
N LEU E 195 0.15 25.11 11.76
CA LEU E 195 0.70 26.33 12.32
C LEU E 195 1.78 26.91 11.41
N GLU E 196 2.52 26.04 10.73
CA GLU E 196 3.61 26.49 9.89
C GLU E 196 3.22 26.52 8.42
N HIS E 197 2.76 25.39 7.89
CA HIS E 197 2.62 25.29 6.43
C HIS E 197 1.39 25.99 5.91
N SER E 198 0.35 26.15 6.72
CA SER E 198 -0.91 26.68 6.22
C SER E 198 -0.86 28.20 6.14
N ASP E 199 -1.99 28.79 5.77
CA ASP E 199 -2.14 30.24 5.67
C ASP E 199 -3.61 30.58 5.78
N CYS E 200 -3.98 31.32 6.83
CA CYS E 200 -5.36 31.72 7.13
C CYS E 200 -6.28 30.51 7.21
N ALA E 201 -5.90 29.56 8.06
CA ALA E 201 -6.67 28.34 8.24
C ALA E 201 -7.95 28.66 8.99
N PHE E 202 -9.05 28.77 8.24
CA PHE E 202 -10.36 28.89 8.87
C PHE E 202 -10.68 27.61 9.60
N MET E 203 -11.25 27.75 10.79
CA MET E 203 -11.64 26.58 11.56
C MET E 203 -13.08 26.79 12.00
N VAL E 204 -14.01 26.40 11.14
CA VAL E 204 -15.39 26.38 11.56
C VAL E 204 -15.63 25.18 12.46
N ASP E 205 -16.67 25.27 13.26
CA ASP E 205 -17.03 24.19 14.16
C ASP E 205 -18.20 23.43 13.57
N ASN E 206 -18.53 22.31 14.19
CA ASN E 206 -19.63 21.50 13.72
C ASN E 206 -20.87 21.62 14.59
N GLU E 207 -20.70 21.94 15.88
CA GLU E 207 -21.83 22.15 16.76
C GLU E 207 -22.48 23.50 16.52
N ALA E 208 -21.66 24.52 16.22
CA ALA E 208 -22.16 25.88 16.10
C ALA E 208 -23.05 26.08 14.88
N ILE E 209 -22.94 25.23 13.87
CA ILE E 209 -23.83 25.36 12.73
C ILE E 209 -25.19 24.72 13.02
N TYR E 210 -25.27 23.84 14.02
CA TYR E 210 -26.58 23.41 14.46
C TYR E 210 -27.33 24.54 15.16
N ASP E 211 -26.63 25.32 15.97
CA ASP E 211 -27.25 26.46 16.65
C ASP E 211 -27.46 27.65 15.72
N ILE E 212 -27.09 27.55 14.45
CA ILE E 212 -27.59 28.44 13.42
C ILE E 212 -28.76 27.82 12.69
N CYS E 213 -28.71 26.51 12.46
CA CYS E 213 -29.81 25.80 11.84
C CYS E 213 -30.96 25.50 12.79
N ARG E 214 -30.90 25.99 14.03
CA ARG E 214 -31.99 25.81 14.98
C ARG E 214 -32.82 27.08 15.16
N ARG E 215 -32.17 28.21 15.40
CA ARG E 215 -32.87 29.45 15.68
C ARG E 215 -32.83 30.43 14.51
N ASN E 216 -31.65 30.70 13.95
CA ASN E 216 -31.57 31.61 12.82
C ASN E 216 -32.23 31.02 11.59
N LEU E 217 -31.84 29.82 11.22
CA LEU E 217 -32.59 29.03 10.25
C LEU E 217 -33.61 28.22 11.04
N ASP E 218 -34.87 28.37 10.71
CA ASP E 218 -35.93 27.77 11.53
C ASP E 218 -36.35 26.42 10.95
N ILE E 219 -35.38 25.53 10.84
CA ILE E 219 -35.65 24.14 10.50
C ILE E 219 -35.26 23.30 11.70
N GLU E 220 -35.70 22.05 11.69
CA GLU E 220 -35.38 21.12 12.76
C GLU E 220 -34.91 19.81 12.18
N ARG E 221 -34.05 19.14 12.94
CA ARG E 221 -33.30 17.95 12.56
C ARG E 221 -32.54 18.16 11.26
N PRO E 222 -31.46 18.93 11.26
CA PRO E 222 -30.71 19.13 10.02
C PRO E 222 -29.71 18.01 9.76
N THR E 223 -29.67 17.56 8.51
CA THR E 223 -28.74 16.51 8.11
C THR E 223 -27.37 17.13 7.86
N TYR E 224 -26.49 16.39 7.20
CA TYR E 224 -25.25 16.99 6.75
C TYR E 224 -25.40 17.69 5.39
N THR E 225 -26.59 17.67 4.81
CA THR E 225 -26.86 18.47 3.62
C THR E 225 -27.43 19.83 3.96
N ASN E 226 -28.07 19.97 5.12
CA ASN E 226 -28.50 21.27 5.60
C ASN E 226 -27.38 21.99 6.35
N LEU E 227 -26.23 21.38 6.49
CA LEU E 227 -25.10 21.96 7.18
C LEU E 227 -23.91 22.21 6.27
N ASN E 228 -23.79 21.47 5.18
CA ASN E 228 -22.74 21.73 4.21
C ASN E 228 -23.15 22.76 3.18
N ARG E 229 -24.42 23.12 3.11
CA ARG E 229 -24.80 24.26 2.27
C ARG E 229 -24.31 25.54 2.87
N LEU E 230 -24.37 25.66 4.20
CA LEU E 230 -23.92 26.87 4.87
C LEU E 230 -22.42 27.02 4.84
N ILE E 231 -21.69 25.90 4.78
CA ILE E 231 -20.24 25.98 4.65
C ILE E 231 -19.82 26.18 3.19
N GLY E 232 -20.74 25.98 2.26
CA GLY E 232 -20.43 26.28 0.87
C GLY E 232 -20.65 27.73 0.53
N GLN E 233 -21.57 28.39 1.24
CA GLN E 233 -21.83 29.80 0.97
C GLN E 233 -20.70 30.69 1.45
N ILE E 234 -19.95 30.24 2.47
CA ILE E 234 -18.83 31.04 2.94
C ILE E 234 -17.69 31.02 1.94
N VAL E 235 -17.38 29.86 1.36
CA VAL E 235 -16.33 29.80 0.36
C VAL E 235 -16.78 30.42 -0.95
N SER E 236 -18.09 30.62 -1.14
CA SER E 236 -18.56 31.38 -2.29
C SER E 236 -18.18 32.84 -2.15
N SER E 237 -18.63 33.48 -1.08
CA SER E 237 -18.45 34.92 -0.96
C SER E 237 -17.05 35.33 -0.52
N ILE E 238 -16.20 34.39 -0.11
CA ILE E 238 -14.78 34.72 0.05
C ILE E 238 -14.15 34.90 -1.31
N THR E 239 -14.43 33.98 -2.23
CA THR E 239 -13.93 34.05 -3.59
C THR E 239 -14.93 34.71 -4.54
N ALA E 240 -15.74 35.61 -4.04
CA ALA E 240 -16.61 36.40 -4.90
C ALA E 240 -15.92 37.64 -5.42
N SER E 241 -14.69 37.89 -4.97
CA SER E 241 -13.89 38.98 -5.48
C SER E 241 -13.12 38.61 -6.74
N LEU E 242 -12.83 37.33 -6.93
CA LEU E 242 -12.04 36.90 -8.06
C LEU E 242 -12.86 36.73 -9.33
N ARG E 243 -14.18 36.73 -9.24
CA ARG E 243 -14.95 36.42 -10.44
C ARG E 243 -16.16 37.32 -10.63
N PHE E 244 -16.22 38.46 -9.95
CA PHE E 244 -17.31 39.42 -10.14
C PHE E 244 -16.73 40.83 -9.95
N ASP E 245 -17.62 41.82 -9.80
CA ASP E 245 -17.22 43.22 -9.82
C ASP E 245 -17.78 43.96 -8.62
N GLY E 246 -17.33 45.20 -8.45
CA GLY E 246 -17.82 46.04 -7.37
C GLY E 246 -16.82 47.11 -6.97
N ALA E 247 -16.53 47.19 -5.68
CA ALA E 247 -15.45 48.01 -5.15
C ALA E 247 -14.47 47.13 -4.39
N LEU E 248 -14.20 45.95 -4.94
CA LEU E 248 -13.59 44.85 -4.20
C LEU E 248 -12.16 45.06 -3.75
N ASN E 249 -11.22 44.93 -4.69
CA ASN E 249 -9.78 44.76 -4.44
C ASN E 249 -9.48 43.88 -3.21
N VAL E 250 -10.15 42.73 -3.14
CA VAL E 250 -9.99 41.82 -2.02
C VAL E 250 -9.57 40.43 -2.48
N ASP E 251 -8.72 40.36 -3.49
CA ASP E 251 -8.07 39.12 -3.86
C ASP E 251 -7.24 38.57 -2.70
N LEU E 252 -6.96 37.27 -2.76
CA LEU E 252 -6.53 36.50 -1.60
C LEU E 252 -5.12 36.80 -1.12
N THR E 253 -4.40 37.73 -1.72
CA THR E 253 -3.12 38.16 -1.17
C THR E 253 -3.12 39.60 -0.68
N GLU E 254 -3.93 40.48 -1.28
CA GLU E 254 -4.19 41.79 -0.69
C GLU E 254 -5.42 41.77 0.21
N PHE E 255 -5.84 40.58 0.63
CA PHE E 255 -6.80 40.45 1.73
C PHE E 255 -6.20 39.77 2.94
N GLN E 256 -5.29 38.82 2.74
CA GLN E 256 -4.78 38.06 3.87
C GLN E 256 -3.69 38.83 4.61
N THR E 257 -3.17 39.90 4.01
CA THR E 257 -2.36 40.86 4.75
C THR E 257 -3.19 41.98 5.34
N ASN E 258 -4.51 41.86 5.30
CA ASN E 258 -5.38 42.63 6.19
C ASN E 258 -5.84 41.79 7.36
N LEU E 259 -5.37 40.55 7.48
CA LEU E 259 -5.79 39.64 8.51
C LEU E 259 -4.74 39.42 9.59
N VAL E 260 -3.55 38.99 9.19
CA VAL E 260 -2.57 38.45 10.13
C VAL E 260 -1.69 39.60 10.64
N PRO E 261 -1.56 39.76 11.94
CA PRO E 261 -0.62 40.76 12.45
C PRO E 261 0.76 40.17 12.65
N TYR E 262 0.81 38.84 12.78
CA TYR E 262 2.02 38.11 13.08
C TYR E 262 1.89 36.78 12.36
N PRO E 263 3.00 36.09 12.04
CA PRO E 263 2.89 34.87 11.23
C PRO E 263 2.31 33.67 11.95
N ARG E 264 1.87 33.79 13.20
CA ARG E 264 1.32 32.68 13.95
C ARG E 264 -0.15 32.87 14.29
N ILE E 265 -0.76 33.96 13.86
CA ILE E 265 -2.11 34.31 14.27
C ILE E 265 -3.03 34.17 13.07
N HIS E 266 -2.73 33.22 12.19
CA HIS E 266 -3.60 32.95 11.04
C HIS E 266 -4.64 31.90 11.42
N PHE E 267 -5.56 32.31 12.28
CA PHE E 267 -6.73 31.50 12.64
C PHE E 267 -7.95 32.38 12.80
N PRO E 268 -8.52 32.87 11.71
CA PRO E 268 -9.77 33.60 11.81
C PRO E 268 -10.95 32.65 11.90
N LEU E 269 -12.11 33.21 12.23
CA LEU E 269 -13.36 32.47 12.18
C LEU E 269 -14.28 33.05 11.12
N ALA E 270 -14.97 32.18 10.41
CA ALA E 270 -15.96 32.68 9.47
C ALA E 270 -17.24 33.03 10.20
N THR E 271 -18.08 33.82 9.54
CA THR E 271 -19.43 34.13 10.04
C THR E 271 -20.25 34.62 8.86
N TYR E 272 -21.36 33.96 8.59
CA TYR E 272 -22.24 34.33 7.48
C TYR E 272 -23.50 34.97 8.01
N ALA E 273 -24.02 35.93 7.25
CA ALA E 273 -25.26 36.62 7.58
C ALA E 273 -25.78 37.28 6.32
N PRO E 274 -27.09 37.22 6.03
CA PRO E 274 -28.15 36.58 6.81
C PRO E 274 -28.36 35.12 6.47
N VAL E 275 -28.97 34.38 7.39
CA VAL E 275 -29.29 32.97 7.19
C VAL E 275 -30.78 32.78 7.44
N ILE E 276 -31.56 33.83 7.17
CA ILE E 276 -32.97 33.84 7.51
C ILE E 276 -33.74 32.92 6.57
N SER E 277 -34.62 32.10 7.14
CA SER E 277 -35.40 31.12 6.39
C SER E 277 -36.42 31.81 5.48
N ALA E 278 -37.15 30.98 4.73
CA ALA E 278 -38.06 31.49 3.71
C ALA E 278 -39.32 32.09 4.34
N GLU E 279 -39.85 31.45 5.37
CA GLU E 279 -41.07 31.96 6.00
C GLU E 279 -40.80 33.20 6.83
N LYS E 280 -39.57 33.40 7.27
CA LYS E 280 -39.18 34.59 8.02
C LYS E 280 -38.53 35.64 7.14
N ALA E 281 -38.52 35.44 5.82
CA ALA E 281 -37.82 36.35 4.93
C ALA E 281 -38.60 37.62 4.68
N TYR E 282 -39.93 37.57 4.80
CA TYR E 282 -40.73 38.74 4.51
C TYR E 282 -40.95 39.64 5.72
N HIS E 283 -40.82 39.10 6.93
CA HIS E 283 -41.09 39.86 8.13
C HIS E 283 -39.85 40.58 8.65
N GLU E 284 -38.89 40.87 7.79
CA GLU E 284 -37.71 41.63 8.21
C GLU E 284 -37.12 42.31 6.99
N GLN E 285 -36.96 43.62 7.06
CA GLN E 285 -36.23 44.36 6.04
C GLN E 285 -34.75 44.04 6.20
N LEU E 286 -34.25 43.14 5.35
CA LEU E 286 -32.87 42.71 5.44
C LEU E 286 -31.98 43.77 4.81
N SER E 287 -31.69 44.80 5.59
CA SER E 287 -30.85 45.90 5.16
C SER E 287 -29.56 45.90 5.96
N VAL E 288 -28.64 46.79 5.54
CA VAL E 288 -27.24 46.68 5.90
C VAL E 288 -26.96 46.98 7.36
N ALA E 289 -27.90 47.63 8.06
CA ALA E 289 -27.72 47.85 9.49
C ALA E 289 -27.89 46.55 10.26
N GLU E 290 -28.99 45.83 10.01
CA GLU E 290 -29.20 44.56 10.68
C GLU E 290 -28.29 43.48 10.11
N ILE E 291 -27.90 43.61 8.85
CA ILE E 291 -27.05 42.59 8.23
C ILE E 291 -25.65 42.65 8.81
N THR E 292 -25.16 43.84 9.16
CA THR E 292 -23.84 43.94 9.76
C THR E 292 -23.89 43.62 11.24
N ASN E 293 -24.94 44.04 11.92
CA ASN E 293 -25.07 43.79 13.36
C ASN E 293 -25.31 42.32 13.67
N ALA E 294 -25.82 41.55 12.70
CA ALA E 294 -26.02 40.13 12.92
C ALA E 294 -24.71 39.36 12.96
N CYS E 295 -23.65 39.90 12.35
CA CYS E 295 -22.38 39.18 12.29
C CYS E 295 -21.66 39.15 13.62
N PHE E 296 -21.99 40.03 14.54
CA PHE E 296 -21.29 40.11 15.82
C PHE E 296 -22.07 39.47 16.95
N GLU E 297 -23.18 38.82 16.64
CA GLU E 297 -23.91 38.07 17.66
C GLU E 297 -23.14 36.81 17.99
N PRO E 298 -22.90 36.51 19.27
CA PRO E 298 -22.27 35.23 19.62
C PRO E 298 -23.14 34.03 19.34
N ALA E 299 -24.45 34.22 19.17
CA ALA E 299 -25.35 33.19 18.68
C ALA E 299 -25.43 33.16 17.16
N ASN E 300 -24.44 33.74 16.48
CA ASN E 300 -24.42 33.74 15.02
C ASN E 300 -23.04 33.46 14.47
N GLN E 301 -22.07 33.10 15.29
CA GLN E 301 -20.76 32.71 14.81
C GLN E 301 -20.79 31.28 14.29
N MET E 302 -19.72 30.89 13.59
CA MET E 302 -19.59 29.55 13.07
C MET E 302 -18.73 28.67 13.96
N VAL E 303 -18.17 29.20 15.04
CA VAL E 303 -17.41 28.44 16.01
C VAL E 303 -18.11 28.58 17.35
N LYS E 304 -18.10 27.51 18.13
CA LYS E 304 -18.63 27.56 19.50
C LYS E 304 -17.62 28.31 20.37
N CYS E 305 -17.69 29.62 20.31
CA CYS E 305 -16.89 30.52 21.15
C CYS E 305 -17.58 31.87 21.18
N ASP E 306 -17.38 32.60 22.26
CA ASP E 306 -17.98 33.91 22.41
C ASP E 306 -16.93 34.97 22.14
N PRO E 307 -17.07 35.76 21.07
CA PRO E 307 -16.13 36.85 20.84
C PRO E 307 -16.32 38.03 21.77
N ARG E 308 -17.43 38.08 22.52
CA ARG E 308 -17.57 39.10 23.56
C ARG E 308 -16.58 38.89 24.69
N HIS E 309 -16.15 37.65 24.90
CA HIS E 309 -15.11 37.37 25.89
C HIS E 309 -13.78 37.96 25.44
N GLY E 310 -13.30 37.55 24.27
CA GLY E 310 -12.04 38.03 23.75
C GLY E 310 -12.17 39.39 23.10
N LYS E 311 -11.10 39.79 22.43
CA LYS E 311 -11.05 41.07 21.73
C LYS E 311 -10.67 40.82 20.28
N TYR E 312 -11.37 41.48 19.37
CA TYR E 312 -11.07 41.37 17.94
C TYR E 312 -9.75 42.03 17.64
N MET E 313 -8.99 41.42 16.73
CA MET E 313 -7.81 42.10 16.21
C MET E 313 -8.13 42.84 14.92
N ALA E 314 -8.59 42.13 13.90
CA ALA E 314 -8.85 42.75 12.60
C ALA E 314 -9.88 41.91 11.88
N CYS E 315 -11.09 42.45 11.70
CA CYS E 315 -12.10 41.75 10.94
C CYS E 315 -11.81 41.89 9.45
N CYS E 316 -12.64 41.25 8.64
CA CYS E 316 -12.60 41.49 7.19
C CYS E 316 -14.01 41.28 6.67
N LEU E 317 -14.78 42.34 6.62
CA LEU E 317 -16.15 42.26 6.18
C LEU E 317 -16.19 42.14 4.66
N LEU E 318 -16.74 41.05 4.17
CA LEU E 318 -16.77 40.77 2.73
C LEU E 318 -18.22 40.79 2.26
N TYR E 319 -18.70 41.97 1.87
CA TYR E 319 -20.07 42.08 1.41
C TYR E 319 -20.22 41.51 0.01
N ARG E 320 -21.48 41.37 -0.41
CA ARG E 320 -21.84 41.08 -1.79
C ARG E 320 -23.31 41.44 -1.98
N GLY E 321 -23.66 41.76 -3.20
CA GLY E 321 -25.03 42.09 -3.53
C GLY E 321 -25.27 43.59 -3.61
N ASP E 322 -26.56 43.94 -3.59
CA ASP E 322 -26.99 45.31 -3.83
C ASP E 322 -26.76 46.15 -2.58
N VAL E 323 -25.50 46.56 -2.40
CA VAL E 323 -25.13 47.53 -1.38
C VAL E 323 -24.47 48.72 -2.07
N VAL E 324 -24.26 49.78 -1.31
CA VAL E 324 -23.54 50.95 -1.78
C VAL E 324 -22.60 51.36 -0.65
N PRO E 325 -21.39 51.84 -0.93
CA PRO E 325 -20.42 52.09 0.15
C PRO E 325 -20.73 53.29 1.03
N LYS E 326 -21.83 54.00 0.80
CA LYS E 326 -22.26 55.08 1.68
C LYS E 326 -22.60 54.54 3.06
N ASP E 327 -23.65 53.73 3.15
CA ASP E 327 -24.11 53.27 4.44
C ASP E 327 -23.32 52.08 4.96
N VAL E 328 -22.49 51.46 4.11
CA VAL E 328 -21.53 50.47 4.60
C VAL E 328 -20.56 51.13 5.58
N ASN E 329 -19.96 52.24 5.15
CA ASN E 329 -19.06 52.99 6.02
C ASN E 329 -19.80 53.70 7.14
N ALA E 330 -21.11 53.90 7.01
CA ALA E 330 -21.87 54.52 8.08
C ALA E 330 -22.28 53.51 9.14
N ALA E 331 -22.76 52.33 8.72
CA ALA E 331 -23.15 51.30 9.68
C ALA E 331 -21.96 50.69 10.37
N ILE E 332 -20.77 50.81 9.80
CA ILE E 332 -19.56 50.32 10.45
C ILE E 332 -19.24 51.16 11.67
N ALA E 333 -19.44 52.48 11.58
CA ALA E 333 -18.99 53.40 12.63
C ALA E 333 -19.80 53.23 13.92
N THR E 334 -21.03 52.75 13.82
CA THR E 334 -21.76 52.36 15.02
C THR E 334 -21.11 51.17 15.69
N ILE E 335 -20.79 50.14 14.90
CA ILE E 335 -20.13 48.95 15.40
C ILE E 335 -18.70 49.26 15.81
N LYS E 336 -18.06 50.20 15.13
CA LYS E 336 -16.67 50.54 15.44
C LYS E 336 -16.55 51.24 16.78
N THR E 337 -17.37 52.26 17.01
CA THR E 337 -17.24 53.11 18.19
C THR E 337 -18.34 52.89 19.21
N LYS E 338 -19.60 52.98 18.79
CA LYS E 338 -20.70 52.99 19.75
C LYS E 338 -21.14 51.59 20.15
N ARG E 339 -20.19 50.72 20.49
CA ARG E 339 -20.50 49.37 20.92
C ARG E 339 -19.49 48.96 21.98
N THR E 340 -19.71 47.77 22.55
CA THR E 340 -18.82 47.19 23.54
C THR E 340 -18.17 45.89 23.04
N ILE E 341 -17.94 45.80 21.74
CA ILE E 341 -17.17 44.71 21.16
C ILE E 341 -15.77 45.28 20.97
N GLN E 342 -14.94 45.13 22.00
CA GLN E 342 -13.71 45.90 22.11
C GLN E 342 -12.65 45.36 21.17
N PHE E 343 -12.07 46.27 20.39
CA PHE E 343 -10.95 45.94 19.53
C PHE E 343 -9.66 45.98 20.33
N VAL E 344 -8.61 45.38 19.77
CA VAL E 344 -7.32 45.51 20.38
C VAL E 344 -6.78 46.90 20.08
N ASP E 345 -5.87 47.38 20.93
CA ASP E 345 -5.49 48.78 20.88
C ASP E 345 -4.54 49.09 19.74
N TRP E 346 -3.67 48.17 19.36
CA TRP E 346 -2.56 48.53 18.49
C TRP E 346 -2.93 48.56 17.01
N CYS E 347 -4.20 48.40 16.63
CA CYS E 347 -4.63 48.68 15.26
C CYS E 347 -5.96 49.41 15.28
N PRO E 348 -5.94 50.74 15.12
CA PRO E 348 -7.18 51.51 15.11
C PRO E 348 -7.79 51.70 13.74
N THR E 349 -7.20 51.10 12.70
CA THR E 349 -7.70 51.33 11.35
C THR E 349 -9.03 50.65 11.11
N GLY E 350 -9.35 49.61 11.88
CA GLY E 350 -10.62 48.94 11.75
C GLY E 350 -10.53 47.62 11.03
N PHE E 351 -11.14 47.54 9.85
CA PHE E 351 -11.20 46.30 9.10
C PHE E 351 -11.43 46.60 7.64
N LYS E 352 -11.25 45.58 6.81
CA LYS E 352 -11.43 45.71 5.37
C LYS E 352 -12.91 45.82 5.04
N VAL E 353 -13.19 46.05 3.76
CA VAL E 353 -14.55 46.04 3.26
C VAL E 353 -14.53 45.53 1.83
N GLY E 354 -15.30 44.49 1.55
CA GLY E 354 -15.14 43.74 0.33
C GLY E 354 -16.35 43.75 -0.57
N ILE E 355 -16.91 44.94 -0.81
CA ILE E 355 -18.16 45.10 -1.54
C ILE E 355 -18.06 44.50 -2.94
N ASN E 356 -19.03 43.64 -3.26
CA ASN E 356 -19.12 42.99 -4.55
C ASN E 356 -20.55 43.12 -5.07
N TYR E 357 -20.71 43.07 -6.39
CA TYR E 357 -22.01 43.33 -6.99
C TYR E 357 -22.93 42.13 -6.98
N GLN E 358 -22.40 40.92 -7.11
CA GLN E 358 -23.21 39.74 -7.35
C GLN E 358 -23.99 39.31 -6.12
N PRO E 359 -25.32 39.21 -6.18
CA PRO E 359 -26.08 38.71 -5.05
C PRO E 359 -25.91 37.20 -4.92
N PRO E 360 -26.11 36.63 -3.74
CA PRO E 360 -26.01 35.18 -3.60
C PRO E 360 -27.22 34.49 -4.19
N THR E 361 -27.05 33.20 -4.45
CA THR E 361 -28.05 32.40 -5.14
C THR E 361 -28.74 31.45 -4.17
N VAL E 362 -29.59 30.59 -4.72
CA VAL E 362 -30.35 29.62 -3.94
C VAL E 362 -30.05 28.24 -4.48
N VAL E 363 -29.50 27.39 -3.63
CA VAL E 363 -29.44 25.96 -3.95
C VAL E 363 -30.87 25.41 -3.91
N PRO E 364 -31.33 24.70 -4.95
CA PRO E 364 -32.75 24.34 -5.02
C PRO E 364 -33.21 23.25 -4.05
N GLY E 365 -32.36 22.86 -3.09
CA GLY E 365 -32.79 21.98 -2.03
C GLY E 365 -33.77 22.59 -1.06
N GLY E 366 -33.89 23.92 -1.06
CA GLY E 366 -34.87 24.59 -0.21
C GLY E 366 -34.40 24.75 1.21
N ASP E 367 -33.33 25.50 1.41
CA ASP E 367 -32.78 25.74 2.74
C ASP E 367 -32.98 27.17 3.21
N LEU E 368 -32.54 28.15 2.44
CA LEU E 368 -32.71 29.55 2.77
C LEU E 368 -33.10 30.31 1.52
N ALA E 369 -34.10 31.18 1.64
CA ALA E 369 -34.60 31.91 0.49
C ALA E 369 -33.62 33.00 0.08
N LYS E 370 -33.83 33.52 -1.13
CA LYS E 370 -32.90 34.45 -1.72
C LYS E 370 -32.95 35.80 -1.01
N VAL E 371 -31.82 36.48 -1.01
CA VAL E 371 -31.68 37.78 -0.36
C VAL E 371 -31.01 38.72 -1.35
N GLN E 372 -30.67 39.91 -0.90
CA GLN E 372 -29.95 40.86 -1.73
C GLN E 372 -28.59 41.23 -1.16
N ARG E 373 -28.29 40.86 0.09
CA ARG E 373 -27.05 41.21 0.74
C ARG E 373 -26.51 39.98 1.48
N ALA E 374 -25.21 39.95 1.69
CA ALA E 374 -24.58 38.84 2.41
C ALA E 374 -23.21 39.26 2.90
N VAL E 375 -22.79 38.69 4.02
CA VAL E 375 -21.49 38.96 4.62
C VAL E 375 -20.76 37.65 4.85
N CYS E 376 -19.44 37.69 4.73
CA CYS E 376 -18.59 36.64 5.28
C CYS E 376 -17.48 37.33 6.04
N MET E 377 -17.77 37.76 7.26
CA MET E 377 -16.75 38.47 8.02
C MET E 377 -15.78 37.47 8.62
N LEU E 378 -14.49 37.75 8.48
CA LEU E 378 -13.44 36.81 8.86
C LEU E 378 -12.60 37.50 9.93
N SER E 379 -13.03 37.38 11.18
CA SER E 379 -12.44 38.13 12.27
C SER E 379 -11.29 37.34 12.86
N ASN E 380 -10.16 38.00 13.04
CA ASN E 380 -9.00 37.37 13.67
C ASN E 380 -8.99 37.63 15.17
N THR E 381 -10.10 37.29 15.81
CA THR E 381 -10.24 37.52 17.24
C THR E 381 -9.38 36.56 18.04
N THR E 382 -9.12 36.94 19.28
CA THR E 382 -8.41 36.07 20.21
C THR E 382 -9.35 35.20 21.02
N ALA E 383 -10.58 35.02 20.56
CA ALA E 383 -11.50 34.07 21.15
C ALA E 383 -11.31 32.66 20.63
N ILE E 384 -10.31 32.43 19.78
CA ILE E 384 -9.96 31.07 19.40
C ILE E 384 -9.14 30.40 20.47
N ALA E 385 -8.55 31.17 21.38
CA ALA E 385 -7.83 30.59 22.51
C ALA E 385 -8.75 29.87 23.47
N GLU E 386 -10.04 30.22 23.51
CA GLU E 386 -10.98 29.43 24.28
C GLU E 386 -11.48 28.23 23.52
N ALA E 387 -11.20 28.14 22.23
CA ALA E 387 -11.49 26.94 21.45
C ALA E 387 -10.36 25.93 21.51
N TRP E 388 -9.26 26.25 22.19
CA TRP E 388 -8.15 25.34 22.35
C TRP E 388 -7.90 24.95 23.81
N ALA E 389 -8.29 25.78 24.75
CA ALA E 389 -8.23 25.38 26.15
C ALA E 389 -9.24 24.29 26.47
N ARG E 390 -10.30 24.17 25.68
CA ARG E 390 -11.18 23.01 25.70
C ARG E 390 -10.67 21.90 24.81
N LEU E 391 -9.42 21.94 24.38
CA LEU E 391 -8.80 20.82 23.70
C LEU E 391 -7.49 20.48 24.38
N ASP E 392 -6.79 21.50 24.90
CA ASP E 392 -5.58 21.25 25.66
C ASP E 392 -5.88 20.48 26.93
N HIS E 393 -7.00 20.79 27.58
CA HIS E 393 -7.40 20.00 28.74
C HIS E 393 -7.96 18.66 28.30
N LYS E 394 -8.70 18.64 27.18
CA LYS E 394 -9.33 17.40 26.73
C LYS E 394 -8.31 16.39 26.22
N PHE E 395 -7.23 16.86 25.61
CA PHE E 395 -6.19 15.94 25.17
C PHE E 395 -5.34 15.46 26.33
N ASP E 396 -4.94 16.37 27.21
CA ASP E 396 -4.08 16.00 28.32
C ASP E 396 -4.78 15.14 29.36
N LEU E 397 -6.11 15.19 29.40
CA LEU E 397 -6.86 14.26 30.25
C LEU E 397 -6.76 12.84 29.71
N MET E 398 -6.67 12.68 28.39
CA MET E 398 -6.56 11.36 27.80
C MET E 398 -5.12 10.87 27.78
N TYR E 399 -4.17 11.77 27.52
CA TYR E 399 -2.77 11.36 27.43
C TYR E 399 -2.16 11.09 28.79
N ALA E 400 -2.78 11.54 29.88
CA ALA E 400 -2.24 11.30 31.21
C ALA E 400 -2.30 9.81 31.57
N LYS E 401 -3.33 9.11 31.11
CA LYS E 401 -3.44 7.68 31.34
C LYS E 401 -2.85 6.86 30.19
N ARG E 402 -2.27 7.53 29.19
CA ARG E 402 -1.66 6.91 28.01
C ARG E 402 -2.64 6.03 27.24
N ALA E 403 -3.91 6.40 27.24
CA ALA E 403 -4.89 5.64 26.48
C ALA E 403 -4.73 5.91 24.99
N PHE E 404 -4.98 4.88 24.18
CA PHE E 404 -5.00 4.89 22.73
C PHE E 404 -3.66 5.21 22.08
N VAL E 405 -2.58 5.30 22.86
CA VAL E 405 -1.28 5.64 22.28
C VAL E 405 -0.71 4.44 21.52
N HIS E 406 -1.08 3.23 21.92
CA HIS E 406 -0.54 2.04 21.29
C HIS E 406 -1.12 1.79 19.90
N TRP E 407 -2.17 2.51 19.52
CA TRP E 407 -2.64 2.48 18.15
C TRP E 407 -1.94 3.50 17.27
N TYR E 408 -1.05 4.31 17.83
CA TYR E 408 -0.23 5.23 17.07
C TYR E 408 1.24 4.85 17.08
N VAL E 409 1.77 4.42 18.22
CA VAL E 409 3.18 4.06 18.28
C VAL E 409 3.44 2.74 17.56
N GLY E 410 2.42 1.92 17.35
CA GLY E 410 2.59 0.72 16.55
C GLY E 410 2.44 0.93 15.07
N GLU E 411 2.08 2.14 14.65
CA GLU E 411 1.80 2.41 13.24
C GLU E 411 2.90 3.21 12.56
N GLY E 412 3.97 3.54 13.27
CA GLY E 412 5.08 4.23 12.65
C GLY E 412 5.27 5.63 13.16
N MET E 413 4.65 5.95 14.29
CA MET E 413 4.76 7.27 14.90
C MET E 413 5.55 7.15 16.19
N GLU E 414 6.50 8.06 16.39
CA GLU E 414 7.24 8.09 17.63
C GLU E 414 6.35 8.58 18.76
N GLU E 415 6.51 7.96 19.94
CA GLU E 415 5.65 8.26 21.07
C GLU E 415 5.88 9.67 21.63
N GLY E 416 7.05 10.24 21.41
CA GLY E 416 7.33 11.58 21.88
C GLY E 416 6.71 12.70 21.09
N GLU E 417 5.96 12.38 20.02
CA GLU E 417 5.38 13.43 19.20
C GLU E 417 4.22 14.11 19.90
N PHE E 418 3.45 13.36 20.70
CA PHE E 418 2.38 13.97 21.50
C PHE E 418 2.93 14.90 22.55
N SER E 419 4.10 14.58 23.12
CA SER E 419 4.75 15.50 24.03
C SER E 419 5.38 16.68 23.31
N GLU E 420 5.48 16.62 21.98
CA GLU E 420 5.91 17.76 21.18
C GLU E 420 4.73 18.57 20.67
N ALA E 421 3.66 17.91 20.26
CA ALA E 421 2.51 18.61 19.71
C ALA E 421 1.76 19.37 20.80
N ARG E 422 1.67 18.79 21.99
CA ARG E 422 1.05 19.51 23.11
C ARG E 422 1.94 20.65 23.58
N GLU E 423 3.26 20.45 23.53
CA GLU E 423 4.19 21.51 23.89
C GLU E 423 4.15 22.65 22.89
N ASP E 424 3.92 22.34 21.60
CA ASP E 424 3.82 23.39 20.60
C ASP E 424 2.51 24.14 20.72
N MET E 425 1.39 23.43 20.79
CA MET E 425 0.09 24.09 20.75
C MET E 425 -0.27 24.76 22.06
N ALA E 426 0.47 24.51 23.13
CA ALA E 426 0.28 25.30 24.33
C ALA E 426 1.07 26.59 24.25
N ALA E 427 2.23 26.56 23.59
CA ALA E 427 3.00 27.77 23.37
C ALA E 427 2.33 28.68 22.36
N LEU E 428 1.54 28.11 21.45
CA LEU E 428 0.72 28.93 20.56
C LEU E 428 -0.38 29.63 21.32
N GLU E 429 -1.04 28.92 22.24
CA GLU E 429 -2.10 29.53 23.04
C GLU E 429 -1.54 30.60 23.97
N LYS E 430 -0.32 30.41 24.47
CA LYS E 430 0.36 31.48 25.20
C LYS E 430 0.67 32.63 24.27
N ASP E 431 1.05 32.33 23.02
CA ASP E 431 1.32 33.38 22.05
C ASP E 431 0.04 34.06 21.58
N TYR E 432 -1.06 33.32 21.51
CA TYR E 432 -2.31 33.91 21.07
C TYR E 432 -2.90 34.82 22.13
N GLU E 433 -2.64 34.53 23.40
CA GLU E 433 -3.04 35.42 24.48
C GLU E 433 -1.99 36.48 24.77
N GLU E 434 -0.80 36.35 24.17
CA GLU E 434 0.25 37.35 24.39
C GLU E 434 -0.13 38.67 23.76
N VAL E 435 -0.63 38.64 22.53
CA VAL E 435 -1.09 39.87 21.87
C VAL E 435 -2.56 40.01 22.23
N GLY E 436 -2.79 40.49 23.44
CA GLY E 436 -4.13 40.82 23.87
C GLY E 436 -4.14 42.08 24.70
N VAL E 437 -2.95 42.61 24.96
CA VAL E 437 -2.78 43.75 25.86
C VAL E 437 -1.71 44.67 25.29
N ASP E 438 -1.93 45.98 25.42
CA ASP E 438 -0.96 46.97 24.98
C ASP E 438 -0.41 47.79 26.14
N SER E 439 -1.26 48.45 26.91
CA SER E 439 -0.82 49.32 27.99
C SER E 439 -0.78 48.55 29.31
N VAL E 440 0.11 48.98 30.19
CA VAL E 440 0.24 48.36 31.50
C VAL E 440 -0.86 48.84 32.43
N MET F 1 -12.21 -2.82 -2.58
CA MET F 1 -13.28 -3.39 -1.77
C MET F 1 -12.74 -4.27 -0.67
N ARG F 2 -12.93 -3.84 0.57
CA ARG F 2 -12.44 -4.58 1.72
C ARG F 2 -13.23 -5.88 1.88
N GLU F 3 -12.53 -6.93 2.31
CA GLU F 3 -13.04 -8.29 2.27
C GLU F 3 -12.98 -8.91 3.65
N ILE F 4 -13.99 -9.71 3.99
CA ILE F 4 -13.96 -10.41 5.27
C ILE F 4 -14.36 -11.86 5.10
N VAL F 5 -13.38 -12.76 5.14
CA VAL F 5 -13.66 -14.18 5.13
C VAL F 5 -14.26 -14.56 6.47
N HIS F 6 -15.28 -15.41 6.44
CA HIS F 6 -16.15 -15.64 7.58
C HIS F 6 -16.11 -17.11 7.99
N ILE F 7 -15.31 -17.44 8.99
CA ILE F 7 -15.23 -18.80 9.46
C ILE F 7 -16.39 -19.08 10.41
N GLN F 8 -16.73 -20.36 10.58
CA GLN F 8 -17.80 -20.77 11.48
C GLN F 8 -17.35 -22.02 12.23
N ALA F 9 -16.70 -21.82 13.37
CA ALA F 9 -16.32 -22.97 14.17
C ALA F 9 -17.49 -23.45 15.02
N GLY F 10 -17.33 -24.64 15.60
CA GLY F 10 -18.31 -25.16 16.54
C GLY F 10 -19.63 -25.54 15.91
N GLN F 11 -20.55 -25.99 16.76
CA GLN F 11 -21.90 -26.31 16.33
C GLN F 11 -22.81 -25.11 16.42
N CYS F 12 -22.79 -24.41 17.56
CA CYS F 12 -23.60 -23.20 17.72
C CYS F 12 -23.16 -22.11 16.76
N GLY F 13 -21.85 -21.99 16.55
CA GLY F 13 -21.35 -21.06 15.54
C GLY F 13 -21.76 -21.42 14.13
N ASN F 14 -22.10 -22.68 13.89
CA ASN F 14 -22.76 -23.05 12.65
C ASN F 14 -24.27 -22.89 12.74
N GLN F 15 -24.84 -22.95 13.94
CA GLN F 15 -26.28 -22.74 14.07
C GLN F 15 -26.64 -21.28 13.89
N ILE F 16 -25.74 -20.36 14.29
CA ILE F 16 -25.99 -18.94 14.06
C ILE F 16 -25.47 -18.49 12.71
N GLY F 17 -24.71 -19.33 12.01
CA GLY F 17 -24.22 -18.95 10.70
C GLY F 17 -25.25 -19.17 9.61
N ALA F 18 -26.08 -20.20 9.74
CA ALA F 18 -27.14 -20.42 8.77
C ALA F 18 -28.23 -19.36 8.88
N LYS F 19 -28.34 -18.69 10.02
CA LYS F 19 -29.21 -17.53 10.16
C LYS F 19 -28.45 -16.23 10.03
N PHE F 20 -27.14 -16.29 9.75
CA PHE F 20 -26.38 -15.09 9.46
C PHE F 20 -26.41 -14.78 7.97
N TRP F 21 -26.09 -15.77 7.14
CA TRP F 21 -26.19 -15.56 5.71
C TRP F 21 -27.63 -15.52 5.23
N GLU F 22 -28.56 -16.01 6.03
CA GLU F 22 -29.97 -15.81 5.72
C GLU F 22 -30.37 -14.34 5.85
N VAL F 23 -29.72 -13.62 6.76
CA VAL F 23 -29.97 -12.20 6.89
C VAL F 23 -29.37 -11.44 5.71
N ILE F 24 -28.13 -11.76 5.37
CA ILE F 24 -27.39 -10.96 4.39
C ILE F 24 -27.91 -11.21 2.98
N SER F 25 -28.23 -12.46 2.65
CA SER F 25 -28.83 -12.75 1.35
C SER F 25 -30.20 -12.13 1.18
N ASP F 26 -30.91 -11.86 2.27
CA ASP F 26 -32.07 -11.00 2.19
C ASP F 26 -31.69 -9.53 2.10
N GLU F 27 -30.58 -9.15 2.74
CA GLU F 27 -30.20 -7.75 2.79
C GLU F 27 -29.61 -7.28 1.46
N HIS F 28 -28.92 -8.16 0.74
CA HIS F 28 -28.45 -7.85 -0.59
C HIS F 28 -29.40 -8.33 -1.68
N GLY F 29 -30.48 -9.02 -1.31
CA GLY F 29 -31.42 -9.53 -2.28
C GLY F 29 -30.84 -10.67 -3.10
N ILE F 30 -30.53 -11.78 -2.46
CA ILE F 30 -29.89 -12.91 -3.10
C ILE F 30 -30.76 -14.14 -2.86
N ASP F 31 -31.17 -14.78 -3.96
CA ASP F 31 -31.99 -15.98 -3.89
C ASP F 31 -31.17 -17.13 -3.30
N PRO F 32 -31.84 -18.14 -2.72
CA PRO F 32 -31.10 -19.28 -2.16
C PRO F 32 -30.35 -20.11 -3.18
N SER F 33 -30.64 -19.97 -4.48
CA SER F 33 -29.79 -20.59 -5.48
C SER F 33 -28.46 -19.85 -5.61
N GLY F 34 -28.43 -18.57 -5.26
CA GLY F 34 -27.23 -17.78 -5.32
C GLY F 34 -27.24 -16.65 -6.32
N ASN F 35 -28.36 -16.37 -6.96
CA ASN F 35 -28.44 -15.33 -7.97
C ASN F 35 -28.68 -13.97 -7.31
N TYR F 36 -29.00 -12.97 -8.11
CA TYR F 36 -29.37 -11.65 -7.63
C TYR F 36 -30.77 -11.34 -8.11
N VAL F 37 -31.65 -10.97 -7.18
CA VAL F 37 -33.00 -10.54 -7.54
C VAL F 37 -33.33 -9.23 -6.84
N GLY F 38 -32.31 -8.47 -6.47
CA GLY F 38 -32.53 -7.23 -5.77
C GLY F 38 -32.96 -6.10 -6.69
N ASP F 39 -33.58 -5.10 -6.08
CA ASP F 39 -34.15 -3.98 -6.84
C ASP F 39 -33.19 -2.80 -6.92
N SER F 40 -32.77 -2.27 -5.77
CA SER F 40 -31.89 -1.12 -5.74
C SER F 40 -30.47 -1.55 -6.06
N ASP F 41 -29.81 -0.81 -6.95
CA ASP F 41 -28.47 -1.17 -7.39
C ASP F 41 -27.42 -0.87 -6.33
N LEU F 42 -27.74 -0.05 -5.33
CA LEU F 42 -26.79 0.23 -4.25
C LEU F 42 -26.48 -0.99 -3.41
N GLN F 43 -27.36 -2.00 -3.42
CA GLN F 43 -27.02 -3.30 -2.86
C GLN F 43 -25.91 -3.96 -3.66
N LEU F 44 -26.12 -4.11 -4.97
CA LEU F 44 -25.24 -4.91 -5.81
C LEU F 44 -23.90 -4.25 -6.05
N GLU F 45 -23.81 -2.92 -5.90
CA GLU F 45 -22.57 -2.21 -6.21
C GLU F 45 -21.44 -2.57 -5.26
N ARG F 46 -21.77 -3.02 -4.05
CA ARG F 46 -20.74 -3.54 -3.16
C ARG F 46 -21.31 -4.76 -2.44
N ILE F 47 -21.14 -5.93 -3.04
CA ILE F 47 -21.38 -7.21 -2.37
C ILE F 47 -20.11 -7.98 -2.15
N SER F 48 -18.98 -7.51 -2.69
CA SER F 48 -17.73 -8.24 -2.61
C SER F 48 -17.12 -8.24 -1.23
N VAL F 49 -17.70 -7.52 -0.27
CA VAL F 49 -17.25 -7.61 1.11
C VAL F 49 -17.53 -8.99 1.66
N TYR F 50 -18.63 -9.61 1.24
CA TYR F 50 -19.06 -10.89 1.78
C TYR F 50 -19.19 -11.99 0.75
N TYR F 51 -18.89 -11.74 -0.52
CA TYR F 51 -19.25 -12.70 -1.55
C TYR F 51 -18.13 -12.82 -2.57
N ASN F 52 -18.37 -13.68 -3.56
CA ASN F 52 -17.55 -13.85 -4.74
C ASN F 52 -18.46 -13.75 -5.95
N GLU F 53 -17.98 -14.14 -7.12
CA GLU F 53 -18.83 -14.27 -8.29
C GLU F 53 -18.67 -15.65 -8.90
N ALA F 54 -19.70 -16.07 -9.62
CA ALA F 54 -19.65 -17.29 -10.41
C ALA F 54 -19.45 -16.93 -11.87
N SER F 55 -19.61 -17.91 -12.75
CA SER F 55 -19.51 -17.65 -14.18
C SER F 55 -20.87 -17.29 -14.77
N SER F 56 -21.57 -16.38 -14.08
CA SER F 56 -22.90 -15.89 -14.42
C SER F 56 -23.23 -14.76 -13.45
N HIS F 57 -24.47 -14.29 -13.49
CA HIS F 57 -25.00 -13.47 -12.40
C HIS F 57 -25.39 -14.43 -11.28
N LYS F 58 -24.39 -14.81 -10.49
CA LYS F 58 -24.55 -15.77 -9.41
C LYS F 58 -23.42 -15.57 -8.43
N TYR F 59 -23.76 -15.47 -7.14
CA TYR F 59 -22.78 -15.13 -6.12
C TYR F 59 -22.71 -16.22 -5.07
N VAL F 60 -21.53 -16.39 -4.49
CA VAL F 60 -21.24 -17.46 -3.55
C VAL F 60 -20.61 -16.87 -2.31
N PRO F 61 -21.14 -17.15 -1.12
CA PRO F 61 -20.65 -16.47 0.08
C PRO F 61 -19.29 -16.99 0.53
N ARG F 62 -18.46 -16.05 0.97
CA ARG F 62 -17.12 -16.36 1.46
C ARG F 62 -17.25 -16.93 2.86
N ALA F 63 -17.51 -18.23 2.92
CA ALA F 63 -17.71 -18.92 4.18
C ALA F 63 -16.78 -20.11 4.27
N ILE F 64 -16.34 -20.39 5.49
CA ILE F 64 -15.54 -21.57 5.79
C ILE F 64 -16.19 -22.22 7.00
N LEU F 65 -16.85 -23.35 6.79
CA LEU F 65 -17.63 -23.99 7.84
C LEU F 65 -16.82 -25.14 8.43
N VAL F 66 -16.48 -25.05 9.70
CA VAL F 66 -15.61 -26.02 10.36
C VAL F 66 -16.34 -26.57 11.58
N ASP F 67 -16.51 -27.88 11.63
CA ASP F 67 -17.05 -28.55 12.81
C ASP F 67 -16.55 -29.97 12.82
N LEU F 68 -16.17 -30.46 14.00
CA LEU F 68 -15.55 -31.77 14.10
C LEU F 68 -16.53 -32.91 13.92
N GLU F 69 -17.84 -32.64 13.96
CA GLU F 69 -18.85 -33.67 13.86
C GLU F 69 -19.79 -33.34 12.71
N PRO F 70 -20.09 -34.29 11.83
CA PRO F 70 -21.05 -34.01 10.75
C PRO F 70 -22.48 -33.98 11.24
N GLY F 71 -23.42 -33.90 10.32
CA GLY F 71 -24.83 -33.76 10.69
C GLY F 71 -25.28 -32.33 10.72
N THR F 72 -24.53 -31.47 11.42
CA THR F 72 -24.77 -30.04 11.30
C THR F 72 -24.38 -29.54 9.91
N MET F 73 -23.41 -30.20 9.28
CA MET F 73 -23.19 -29.97 7.85
C MET F 73 -24.36 -30.49 7.04
N ASP F 74 -24.96 -31.60 7.46
CA ASP F 74 -26.14 -32.10 6.77
C ASP F 74 -27.37 -31.24 7.04
N SER F 75 -27.36 -30.45 8.11
CA SER F 75 -28.45 -29.51 8.33
C SER F 75 -28.38 -28.35 7.35
N VAL F 76 -27.20 -27.72 7.23
CA VAL F 76 -27.08 -26.58 6.33
C VAL F 76 -27.03 -27.02 4.88
N ARG F 77 -26.73 -28.29 4.60
CA ARG F 77 -26.88 -28.78 3.23
C ARG F 77 -28.35 -28.97 2.87
N SER F 78 -29.17 -29.35 3.84
CA SER F 78 -30.58 -29.61 3.60
C SER F 78 -31.47 -28.47 4.08
N GLY F 79 -30.89 -27.36 4.49
CA GLY F 79 -31.65 -26.21 4.94
C GLY F 79 -32.19 -25.40 3.79
N ALA F 80 -32.53 -24.15 4.11
CA ALA F 80 -33.06 -23.24 3.10
C ALA F 80 -31.98 -22.72 2.16
N PHE F 81 -30.71 -22.81 2.55
CA PHE F 81 -29.61 -22.28 1.77
C PHE F 81 -28.56 -23.35 1.55
N GLY F 82 -29.00 -24.52 1.13
CA GLY F 82 -28.07 -25.62 0.90
C GLY F 82 -27.25 -25.45 -0.36
N HIS F 83 -27.87 -24.93 -1.42
CA HIS F 83 -27.19 -24.74 -2.69
C HIS F 83 -26.55 -23.38 -2.80
N LEU F 84 -26.35 -22.68 -1.69
CA LEU F 84 -25.73 -21.38 -1.71
C LEU F 84 -24.23 -21.45 -1.49
N PHE F 85 -23.79 -22.23 -0.51
CA PHE F 85 -22.39 -22.27 -0.14
C PHE F 85 -21.57 -23.04 -1.17
N ARG F 86 -20.26 -22.84 -1.11
CA ARG F 86 -19.36 -23.63 -1.94
C ARG F 86 -19.10 -24.96 -1.25
N PRO F 87 -19.35 -26.10 -1.92
CA PRO F 87 -19.26 -27.40 -1.23
C PRO F 87 -17.84 -27.80 -0.92
N ASP F 88 -16.85 -27.18 -1.55
CA ASP F 88 -15.47 -27.41 -1.17
C ASP F 88 -15.16 -26.81 0.20
N ASN F 89 -15.91 -25.78 0.60
CA ASN F 89 -15.64 -25.13 1.88
C ASN F 89 -16.10 -25.96 3.07
N PHE F 90 -16.98 -26.94 2.86
CA PHE F 90 -17.54 -27.69 3.98
C PHE F 90 -16.52 -28.63 4.59
N ILE F 91 -15.73 -28.12 5.53
CA ILE F 91 -14.69 -28.89 6.19
C ILE F 91 -15.27 -29.50 7.44
N PHE F 92 -15.26 -30.82 7.53
CA PHE F 92 -15.80 -31.50 8.69
C PHE F 92 -15.07 -32.80 8.92
N GLY F 93 -14.76 -33.08 10.18
CA GLY F 93 -14.03 -34.27 10.55
C GLY F 93 -14.92 -35.49 10.62
N GLN F 94 -14.60 -36.38 11.55
CA GLN F 94 -15.37 -37.60 11.67
C GLN F 94 -15.94 -37.83 13.06
N SER F 95 -15.19 -37.53 14.11
CA SER F 95 -15.59 -37.92 15.45
C SER F 95 -16.48 -36.89 16.12
N GLY F 96 -15.95 -35.70 16.37
CA GLY F 96 -16.68 -34.70 17.12
C GLY F 96 -16.29 -34.76 18.58
N ALA F 97 -15.51 -33.78 19.03
CA ALA F 97 -15.01 -33.79 20.39
C ALA F 97 -16.14 -33.55 21.38
N GLY F 98 -16.30 -34.47 22.32
CA GLY F 98 -17.40 -34.39 23.25
C GLY F 98 -17.14 -33.45 24.40
N ASN F 99 -17.23 -32.15 24.12
CA ASN F 99 -17.09 -31.07 25.11
C ASN F 99 -15.74 -31.09 25.81
N ASN F 100 -14.74 -31.63 25.13
CA ASN F 100 -13.37 -31.67 25.61
C ASN F 100 -12.61 -30.53 24.98
N TRP F 101 -11.64 -29.99 25.72
CA TRP F 101 -10.82 -28.95 25.11
C TRP F 101 -9.49 -29.48 24.61
N ALA F 102 -8.85 -30.36 25.38
CA ALA F 102 -7.58 -30.94 24.94
C ALA F 102 -7.78 -31.78 23.69
N LYS F 103 -8.78 -32.65 23.70
CA LYS F 103 -9.32 -33.16 22.45
C LYS F 103 -10.02 -32.01 21.74
N GLY F 104 -9.78 -31.89 20.44
CA GLY F 104 -10.30 -30.78 19.68
C GLY F 104 -9.34 -29.65 19.49
N HIS F 105 -8.34 -29.52 20.36
CA HIS F 105 -7.25 -28.57 20.16
C HIS F 105 -5.92 -29.27 19.94
N TYR F 106 -5.53 -30.14 20.86
CA TYR F 106 -4.27 -30.84 20.72
C TYR F 106 -4.40 -32.06 19.83
N THR F 107 -5.27 -33.00 20.20
CA THR F 107 -5.28 -34.29 19.52
C THR F 107 -6.06 -34.25 18.22
N GLU F 108 -7.36 -34.00 18.31
CA GLU F 108 -8.23 -34.17 17.14
C GLU F 108 -8.18 -32.97 16.22
N GLY F 109 -8.14 -31.77 16.78
CA GLY F 109 -8.22 -30.57 15.96
C GLY F 109 -6.97 -30.32 15.14
N ALA F 110 -5.83 -30.81 15.59
CA ALA F 110 -4.59 -30.64 14.84
C ALA F 110 -4.57 -31.45 13.55
N GLU F 111 -5.36 -32.52 13.48
CA GLU F 111 -5.46 -33.30 12.26
C GLU F 111 -6.40 -32.70 11.24
N LEU F 112 -7.09 -31.60 11.58
CA LEU F 112 -8.03 -30.98 10.67
C LEU F 112 -7.61 -29.59 10.23
N VAL F 113 -6.78 -28.90 11.02
CA VAL F 113 -6.49 -27.48 10.81
C VAL F 113 -5.71 -27.27 9.52
N ASP F 114 -4.84 -28.20 9.15
CA ASP F 114 -4.11 -28.08 7.89
C ASP F 114 -4.99 -28.29 6.67
N SER F 115 -6.16 -28.89 6.83
CA SER F 115 -7.13 -28.89 5.74
C SER F 115 -7.91 -27.58 5.68
N VAL F 116 -7.90 -26.80 6.75
CA VAL F 116 -8.65 -25.55 6.76
C VAL F 116 -7.84 -24.45 6.11
N LEU F 117 -6.57 -24.30 6.49
CA LEU F 117 -5.75 -23.21 5.99
C LEU F 117 -5.35 -23.36 4.54
N ASP F 118 -5.63 -24.49 3.92
CA ASP F 118 -5.56 -24.61 2.46
C ASP F 118 -6.81 -24.06 1.80
N VAL F 119 -7.85 -23.76 2.57
CA VAL F 119 -9.01 -23.06 2.07
C VAL F 119 -9.05 -21.61 2.54
N VAL F 120 -8.42 -21.29 3.67
CA VAL F 120 -8.24 -19.89 4.05
C VAL F 120 -7.32 -19.20 3.07
N ARG F 121 -6.23 -19.87 2.70
CA ARG F 121 -5.27 -19.29 1.75
C ARG F 121 -5.86 -19.19 0.35
N LYS F 122 -6.82 -20.06 0.02
CA LYS F 122 -7.48 -19.93 -1.27
C LYS F 122 -8.43 -18.74 -1.27
N GLU F 123 -9.11 -18.49 -0.16
CA GLU F 123 -9.98 -17.33 -0.10
C GLU F 123 -9.21 -16.04 0.14
N CYS F 124 -8.04 -16.11 0.78
CA CYS F 124 -7.22 -14.91 0.91
C CYS F 124 -6.56 -14.52 -0.40
N GLU F 125 -6.47 -15.43 -1.35
CA GLU F 125 -5.80 -15.17 -2.61
C GLU F 125 -6.70 -14.50 -3.63
N ASN F 126 -8.01 -14.72 -3.54
CA ASN F 126 -8.97 -14.11 -4.46
C ASN F 126 -9.52 -12.80 -3.92
N CYS F 127 -8.84 -12.16 -2.98
CA CYS F 127 -9.29 -10.91 -2.39
C CYS F 127 -8.26 -9.81 -2.66
N ASP F 128 -8.75 -8.63 -3.01
CA ASP F 128 -7.88 -7.53 -3.42
C ASP F 128 -7.25 -6.84 -2.22
N CYS F 129 -8.07 -6.41 -1.27
CA CYS F 129 -7.59 -5.78 -0.03
C CYS F 129 -8.38 -6.43 1.10
N LEU F 130 -7.76 -7.40 1.76
CA LEU F 130 -8.41 -8.13 2.83
C LEU F 130 -8.55 -7.24 4.06
N GLN F 131 -9.75 -7.20 4.64
CA GLN F 131 -9.99 -6.39 5.82
C GLN F 131 -9.72 -7.17 7.10
N GLY F 132 -10.29 -8.36 7.22
CA GLY F 132 -10.04 -9.17 8.40
C GLY F 132 -10.82 -10.45 8.37
N PHE F 133 -10.71 -11.20 9.46
CA PHE F 133 -11.41 -12.47 9.62
C PHE F 133 -12.43 -12.30 10.74
N GLN F 134 -13.62 -12.85 10.56
CA GLN F 134 -14.58 -12.96 11.65
C GLN F 134 -15.03 -14.40 11.75
N LEU F 135 -14.81 -15.00 12.90
CA LEU F 135 -15.23 -16.37 13.15
C LEU F 135 -16.24 -16.38 14.28
N THR F 136 -17.30 -17.15 14.11
CA THR F 136 -18.37 -17.25 15.08
C THR F 136 -18.33 -18.63 15.69
N HIS F 137 -18.10 -18.70 16.99
CA HIS F 137 -18.01 -19.98 17.68
C HIS F 137 -18.66 -19.85 19.03
N SER F 138 -18.66 -20.96 19.77
CA SER F 138 -19.28 -21.01 21.09
C SER F 138 -18.24 -21.41 22.11
N LEU F 139 -18.02 -20.55 23.09
CA LEU F 139 -17.15 -20.93 24.21
C LEU F 139 -17.85 -21.97 25.06
N GLY F 140 -17.06 -22.70 25.83
CA GLY F 140 -17.61 -23.72 26.70
C GLY F 140 -17.78 -25.08 26.05
N GLY F 141 -17.98 -25.11 24.74
CA GLY F 141 -18.12 -26.34 24.02
C GLY F 141 -16.78 -27.01 23.78
N GLY F 142 -16.78 -27.98 22.87
CA GLY F 142 -15.57 -28.73 22.64
C GLY F 142 -14.84 -28.34 21.37
N THR F 143 -15.60 -28.15 20.30
CA THR F 143 -15.02 -27.88 18.99
C THR F 143 -15.18 -26.43 18.58
N GLY F 144 -15.79 -25.60 19.41
CA GLY F 144 -15.89 -24.19 19.14
C GLY F 144 -14.84 -23.45 19.92
N SER F 145 -14.31 -24.11 20.94
CA SER F 145 -13.30 -23.52 21.79
C SER F 145 -11.97 -24.26 21.76
N GLY F 146 -11.93 -25.47 21.22
CA GLY F 146 -10.66 -26.17 21.07
C GLY F 146 -10.14 -26.03 19.66
N MET F 147 -11.02 -26.27 18.69
CA MET F 147 -10.67 -26.02 17.30
C MET F 147 -10.59 -24.52 17.02
N GLY F 148 -11.43 -23.73 17.69
CA GLY F 148 -11.51 -22.31 17.39
C GLY F 148 -10.24 -21.55 17.73
N THR F 149 -9.73 -21.73 18.95
CA THR F 149 -8.52 -21.03 19.34
C THR F 149 -7.28 -21.58 18.65
N LEU F 150 -7.32 -22.84 18.21
CA LEU F 150 -6.25 -23.34 17.36
C LEU F 150 -6.32 -22.70 15.99
N LEU F 151 -7.52 -22.42 15.50
CA LEU F 151 -7.66 -21.81 14.19
C LEU F 151 -7.26 -20.34 14.21
N ILE F 152 -7.44 -19.66 15.35
CA ILE F 152 -7.08 -18.26 15.43
C ILE F 152 -5.57 -18.11 15.50
N SER F 153 -4.92 -18.88 16.37
CA SER F 153 -3.49 -18.75 16.56
C SER F 153 -2.68 -19.24 15.37
N LYS F 154 -3.28 -20.00 14.46
CA LYS F 154 -2.63 -20.31 13.20
C LYS F 154 -2.90 -19.23 12.15
N VAL F 155 -4.03 -18.53 12.25
CA VAL F 155 -4.32 -17.49 11.29
C VAL F 155 -3.55 -16.22 11.62
N ARG F 156 -3.51 -15.84 12.90
CA ARG F 156 -2.81 -14.63 13.31
C ARG F 156 -1.30 -14.74 13.19
N GLU F 157 -0.77 -15.96 13.04
CA GLU F 157 0.62 -16.10 12.67
C GLU F 157 0.85 -15.65 11.24
N GLU F 158 -0.07 -15.98 10.34
CA GLU F 158 0.13 -15.71 8.93
C GLU F 158 -0.36 -14.34 8.49
N TYR F 159 -1.22 -13.69 9.27
CA TYR F 159 -1.78 -12.39 8.91
C TYR F 159 -1.80 -11.49 10.12
N PRO F 160 -0.66 -10.95 10.52
CA PRO F 160 -0.60 -10.16 11.76
C PRO F 160 -1.09 -8.73 11.62
N ASP F 161 -1.68 -8.36 10.48
CA ASP F 161 -2.21 -7.02 10.30
C ASP F 161 -3.71 -7.00 10.07
N ARG F 162 -4.31 -8.08 9.59
CA ARG F 162 -5.74 -8.10 9.38
C ARG F 162 -6.48 -8.14 10.71
N ILE F 163 -7.67 -7.55 10.72
CA ILE F 163 -8.44 -7.47 11.95
C ILE F 163 -9.01 -8.84 12.30
N MET F 164 -9.41 -9.01 13.55
CA MET F 164 -9.93 -10.28 14.00
C MET F 164 -11.18 -10.05 14.84
N ASN F 165 -12.26 -10.70 14.46
CA ASN F 165 -13.49 -10.64 15.22
C ASN F 165 -13.86 -12.04 15.70
N THR F 166 -14.57 -12.09 16.82
CA THR F 166 -14.93 -13.36 17.43
C THR F 166 -16.25 -13.17 18.15
N PHE F 167 -17.29 -13.80 17.65
CA PHE F 167 -18.62 -13.68 18.26
C PHE F 167 -18.89 -14.86 19.19
N SER F 168 -18.05 -14.94 20.22
CA SER F 168 -18.05 -16.10 21.10
C SER F 168 -19.28 -16.10 21.99
N VAL F 169 -19.84 -17.29 22.23
CA VAL F 169 -20.97 -17.45 23.12
C VAL F 169 -20.44 -17.97 24.46
N VAL F 170 -20.30 -17.08 25.43
CA VAL F 170 -19.75 -17.42 26.73
C VAL F 170 -20.78 -18.23 27.52
N PRO F 171 -20.37 -19.02 28.50
CA PRO F 171 -21.36 -19.72 29.33
C PRO F 171 -21.98 -18.81 30.37
N SER F 172 -23.18 -19.17 30.78
CA SER F 172 -23.92 -18.47 31.80
C SER F 172 -24.02 -19.35 33.04
N PRO F 173 -24.07 -18.76 34.24
CA PRO F 173 -24.17 -19.59 35.45
C PRO F 173 -25.51 -20.25 35.63
N LYS F 174 -26.58 -19.69 35.06
CA LYS F 174 -27.91 -20.26 35.23
C LYS F 174 -28.23 -21.27 34.14
N VAL F 175 -28.23 -20.85 32.89
CA VAL F 175 -28.58 -21.71 31.77
C VAL F 175 -27.28 -22.37 31.34
N SER F 176 -26.93 -23.47 32.02
CA SER F 176 -25.77 -24.26 31.68
C SER F 176 -26.22 -25.64 31.21
N ASP F 177 -25.63 -26.11 30.12
CA ASP F 177 -25.97 -27.39 29.54
C ASP F 177 -24.75 -28.28 29.39
N THR F 178 -23.75 -28.07 30.24
CA THR F 178 -22.49 -28.79 30.12
C THR F 178 -21.80 -28.76 31.47
N VAL F 179 -21.39 -29.93 31.97
CA VAL F 179 -20.72 -29.99 33.25
C VAL F 179 -19.30 -29.47 33.17
N VAL F 180 -18.69 -29.50 31.99
CA VAL F 180 -17.32 -29.01 31.84
C VAL F 180 -17.32 -27.68 31.12
N GLU F 181 -18.41 -26.93 31.24
CA GLU F 181 -18.42 -25.55 30.75
C GLU F 181 -17.44 -24.62 31.46
N PRO F 182 -17.21 -24.65 32.77
CA PRO F 182 -16.16 -23.80 33.34
C PRO F 182 -14.74 -24.29 33.11
N TYR F 183 -14.53 -25.36 32.35
CA TYR F 183 -13.18 -25.74 31.96
C TYR F 183 -12.85 -25.29 30.55
N ASN F 184 -13.75 -25.51 29.60
CA ASN F 184 -13.50 -25.11 28.23
C ASN F 184 -13.59 -23.60 28.04
N ALA F 185 -14.31 -22.90 28.92
CA ALA F 185 -14.38 -21.45 28.80
C ALA F 185 -13.07 -20.80 29.22
N THR F 186 -12.58 -21.16 30.41
CA THR F 186 -11.39 -20.50 30.94
C THR F 186 -10.11 -20.96 30.27
N LEU F 187 -10.16 -21.97 29.41
CA LEU F 187 -9.00 -22.31 28.61
C LEU F 187 -8.95 -21.49 27.33
N SER F 188 -10.10 -21.06 26.83
CA SER F 188 -10.13 -20.37 25.54
C SER F 188 -9.59 -18.95 25.66
N ILE F 189 -9.91 -18.28 26.77
CA ILE F 189 -9.65 -16.86 26.90
C ILE F 189 -8.17 -16.55 27.06
N HIS F 190 -7.37 -17.52 27.50
CA HIS F 190 -5.92 -17.35 27.46
C HIS F 190 -5.42 -17.27 26.03
N GLN F 191 -6.00 -18.05 25.13
CA GLN F 191 -5.64 -18.00 23.72
C GLN F 191 -6.56 -17.12 22.92
N LEU F 192 -7.45 -16.37 23.57
CA LEU F 192 -8.30 -15.41 22.89
C LEU F 192 -7.91 -13.97 23.17
N VAL F 193 -7.20 -13.73 24.27
CA VAL F 193 -6.72 -12.39 24.56
C VAL F 193 -5.58 -12.02 23.61
N GLU F 194 -4.62 -12.93 23.45
CA GLU F 194 -3.37 -12.59 22.77
C GLU F 194 -3.50 -12.52 21.27
N ASN F 195 -4.59 -12.99 20.67
CA ASN F 195 -4.63 -13.11 19.23
C ASN F 195 -5.78 -12.39 18.56
N THR F 196 -6.98 -12.41 19.16
CA THR F 196 -8.09 -11.69 18.57
C THR F 196 -7.95 -10.20 18.80
N ASP F 197 -8.41 -9.41 17.83
CA ASP F 197 -8.29 -7.97 17.94
C ASP F 197 -9.50 -7.32 18.60
N GLU F 198 -10.69 -7.90 18.43
CA GLU F 198 -11.88 -7.44 19.15
C GLU F 198 -12.91 -8.55 19.14
N THR F 199 -13.27 -9.07 20.30
CA THR F 199 -14.26 -10.13 20.39
C THR F 199 -15.64 -9.53 20.61
N TYR F 200 -16.64 -10.40 20.82
CA TYR F 200 -17.99 -9.97 21.16
C TYR F 200 -18.56 -11.04 22.09
N CYS F 201 -18.46 -10.81 23.40
CA CYS F 201 -18.90 -11.81 24.37
C CYS F 201 -20.42 -11.74 24.48
N ILE F 202 -21.08 -12.47 23.60
CA ILE F 202 -22.53 -12.66 23.68
C ILE F 202 -22.81 -13.77 24.68
N ASP F 203 -23.68 -13.50 25.64
CA ASP F 203 -24.11 -14.58 26.52
C ASP F 203 -25.39 -15.19 26.00
N ASN F 204 -25.71 -16.37 26.52
CA ASN F 204 -26.94 -17.05 26.15
C ASN F 204 -28.02 -16.90 27.21
N GLU F 205 -27.70 -16.27 28.33
CA GLU F 205 -28.72 -16.01 29.33
C GLU F 205 -29.59 -14.82 28.92
N ALA F 206 -28.96 -13.71 28.55
CA ALA F 206 -29.70 -12.50 28.22
C ALA F 206 -30.48 -12.66 26.93
N LEU F 207 -30.04 -13.53 26.04
CA LEU F 207 -30.83 -13.84 24.85
C LEU F 207 -32.11 -14.59 25.21
N TYR F 208 -32.06 -15.40 26.26
CA TYR F 208 -33.29 -15.96 26.80
C TYR F 208 -34.07 -14.94 27.60
N ASP F 209 -33.42 -13.89 28.07
CA ASP F 209 -34.10 -12.86 28.83
C ASP F 209 -34.79 -11.84 27.92
N ILE F 210 -34.24 -11.63 26.72
CA ILE F 210 -34.86 -10.70 25.79
C ILE F 210 -36.16 -11.26 25.24
N CYS F 211 -36.14 -12.54 24.85
CA CYS F 211 -37.31 -13.14 24.22
C CYS F 211 -38.47 -13.36 25.18
N PHE F 212 -38.24 -13.27 26.49
CA PHE F 212 -39.32 -13.28 27.47
C PHE F 212 -39.77 -11.88 27.86
N ARG F 213 -38.84 -11.02 28.23
CA ARG F 213 -39.20 -9.69 28.74
C ARG F 213 -39.46 -8.71 27.60
N THR F 214 -38.43 -8.43 26.81
CA THR F 214 -38.53 -7.35 25.82
C THR F 214 -39.31 -7.81 24.58
N LEU F 215 -38.82 -8.85 23.91
CA LEU F 215 -39.47 -9.32 22.70
C LEU F 215 -40.80 -10.01 23.00
N LYS F 216 -40.93 -10.57 24.21
CA LYS F 216 -42.17 -11.14 24.75
C LYS F 216 -42.70 -12.28 23.89
N LEU F 217 -41.81 -13.14 23.44
CA LEU F 217 -42.23 -14.38 22.79
C LEU F 217 -42.72 -15.37 23.83
N ALA F 218 -43.43 -16.38 23.36
CA ALA F 218 -43.84 -17.46 24.25
C ALA F 218 -42.71 -18.46 24.46
N THR F 219 -42.26 -19.07 23.37
CA THR F 219 -41.25 -20.13 23.44
C THR F 219 -40.10 -19.80 22.49
N PRO F 220 -38.96 -19.36 23.02
CA PRO F 220 -37.82 -19.04 22.15
C PRO F 220 -37.11 -20.30 21.65
N THR F 221 -37.61 -20.86 20.55
CA THR F 221 -37.17 -22.19 20.11
C THR F 221 -35.96 -22.13 19.19
N TYR F 222 -34.90 -21.44 19.63
CA TYR F 222 -33.56 -21.42 19.01
C TYR F 222 -33.49 -20.88 17.59
N GLY F 223 -34.61 -20.49 17.00
CA GLY F 223 -34.61 -19.78 15.75
C GLY F 223 -34.64 -18.29 15.96
N ASP F 224 -34.48 -17.85 17.20
CA ASP F 224 -34.48 -16.44 17.55
C ASP F 224 -33.20 -16.02 18.23
N LEU F 225 -32.74 -16.79 19.23
CA LEU F 225 -31.48 -16.51 19.89
C LEU F 225 -30.31 -16.66 18.93
N ASN F 226 -30.38 -17.66 18.06
CA ASN F 226 -29.40 -17.81 17.00
C ASN F 226 -29.74 -16.99 15.77
N HIS F 227 -30.75 -16.12 15.87
CA HIS F 227 -31.07 -15.12 14.87
C HIS F 227 -30.77 -13.71 15.35
N LEU F 228 -31.06 -13.43 16.62
CA LEU F 228 -30.82 -12.11 17.18
C LEU F 228 -29.34 -11.79 17.28
N VAL F 229 -28.49 -12.82 17.39
CA VAL F 229 -27.05 -12.59 17.36
C VAL F 229 -26.54 -12.39 15.94
N SER F 230 -27.36 -12.68 14.94
CA SER F 230 -27.00 -12.37 13.56
C SER F 230 -27.41 -10.97 13.17
N ALA F 231 -28.46 -10.43 13.79
CA ALA F 231 -28.87 -9.07 13.48
C ALA F 231 -27.85 -8.06 13.99
N THR F 232 -27.21 -8.34 15.11
CA THR F 232 -26.08 -7.51 15.54
C THR F 232 -24.78 -7.92 14.89
N MET F 233 -24.77 -8.99 14.11
CA MET F 233 -23.57 -9.36 13.37
C MET F 233 -23.53 -8.69 12.01
N SER F 234 -24.69 -8.47 11.41
CA SER F 234 -24.75 -7.61 10.23
C SER F 234 -24.66 -6.14 10.59
N GLY F 235 -25.02 -5.77 11.81
CA GLY F 235 -25.02 -4.38 12.20
C GLY F 235 -23.65 -3.77 12.36
N VAL F 236 -22.62 -4.59 12.53
CA VAL F 236 -21.28 -4.03 12.65
C VAL F 236 -20.72 -3.72 11.27
N THR F 237 -20.93 -4.60 10.31
CA THR F 237 -20.43 -4.43 8.95
C THR F 237 -21.49 -3.90 8.01
N THR F 238 -22.41 -3.10 8.50
CA THR F 238 -23.39 -2.47 7.64
C THR F 238 -22.91 -1.16 7.04
N SER F 239 -21.76 -0.66 7.50
CA SER F 239 -21.15 0.50 6.90
C SER F 239 -20.10 0.15 5.87
N LEU F 240 -19.63 -1.10 5.84
CA LEU F 240 -18.71 -1.52 4.80
C LEU F 240 -19.42 -1.69 3.47
N ARG F 241 -20.70 -2.01 3.49
CA ARG F 241 -21.40 -2.40 2.28
C ARG F 241 -22.41 -1.36 1.81
N PHE F 242 -22.61 -0.27 2.54
CA PHE F 242 -23.62 0.68 2.17
C PHE F 242 -23.11 2.09 2.36
N PRO F 243 -23.46 3.01 1.48
CA PRO F 243 -23.04 4.40 1.66
C PRO F 243 -23.78 5.05 2.81
N GLY F 244 -23.04 5.81 3.61
CA GLY F 244 -23.63 6.46 4.76
C GLY F 244 -23.23 7.92 4.81
N GLN F 245 -23.98 8.68 5.62
CA GLN F 245 -23.57 10.05 5.89
C GLN F 245 -22.29 10.09 6.72
N LEU F 246 -22.09 9.09 7.57
CA LEU F 246 -20.89 8.98 8.37
C LEU F 246 -20.73 7.51 8.72
N ASN F 247 -19.70 6.88 8.15
CA ASN F 247 -19.56 5.43 8.21
C ASN F 247 -18.27 5.03 8.89
N ALA F 248 -18.25 3.82 9.42
CA ALA F 248 -17.14 3.32 10.20
C ALA F 248 -16.86 1.88 9.84
N ASP F 249 -15.58 1.56 9.62
CA ASP F 249 -15.16 0.23 9.22
C ASP F 249 -14.82 -0.60 10.45
N LEU F 250 -14.42 -1.86 10.22
CA LEU F 250 -14.04 -2.73 11.32
C LEU F 250 -12.77 -2.27 11.99
N ARG F 251 -11.90 -1.56 11.25
CA ARG F 251 -10.76 -0.92 11.88
C ARG F 251 -11.19 0.25 12.75
N LYS F 252 -12.30 0.91 12.39
CA LYS F 252 -12.73 2.09 13.12
C LYS F 252 -13.27 1.72 14.49
N LEU F 253 -14.05 0.65 14.57
CA LEU F 253 -14.49 0.17 15.87
C LEU F 253 -13.33 -0.43 16.65
N ALA F 254 -12.37 -1.04 15.95
CA ALA F 254 -11.22 -1.59 16.64
C ALA F 254 -10.17 -0.55 16.99
N VAL F 255 -10.40 0.73 16.68
CA VAL F 255 -9.51 1.78 17.13
C VAL F 255 -10.22 2.83 17.97
N ASN F 256 -11.54 2.89 17.96
CA ASN F 256 -12.25 3.80 18.83
C ASN F 256 -12.61 3.19 20.16
N MET F 257 -12.57 1.87 20.28
CA MET F 257 -13.05 1.22 21.49
C MET F 257 -11.94 0.84 22.46
N VAL F 258 -10.88 0.22 21.99
CA VAL F 258 -9.86 -0.30 22.90
C VAL F 258 -8.87 0.78 23.32
N PRO F 259 -8.74 1.05 24.61
CA PRO F 259 -7.70 1.99 25.07
C PRO F 259 -6.38 1.33 25.39
N PHE F 260 -6.34 0.02 25.50
CA PHE F 260 -5.16 -0.76 25.84
C PHE F 260 -5.28 -2.06 25.07
N PRO F 261 -4.17 -2.70 24.67
CA PRO F 261 -4.28 -3.86 23.78
C PRO F 261 -4.85 -5.11 24.41
N ARG F 262 -5.19 -5.10 25.70
CA ARG F 262 -5.79 -6.25 26.36
C ARG F 262 -7.30 -6.14 26.51
N LEU F 263 -7.88 -4.97 26.28
CA LEU F 263 -9.26 -4.69 26.70
C LEU F 263 -10.26 -4.85 25.57
N HIS F 264 -10.11 -5.88 24.75
CA HIS F 264 -11.03 -6.10 23.63
C HIS F 264 -12.04 -7.19 24.01
N PHE F 265 -13.05 -6.79 24.78
CA PHE F 265 -14.13 -7.71 25.14
C PHE F 265 -15.41 -6.90 25.22
N PHE F 266 -16.28 -7.09 24.23
CA PHE F 266 -17.39 -6.18 24.01
C PHE F 266 -18.71 -6.85 24.38
N MET F 267 -19.62 -6.08 24.94
CA MET F 267 -20.98 -6.57 25.12
C MET F 267 -21.86 -5.87 24.12
N PRO F 268 -22.28 -6.52 23.04
CA PRO F 268 -23.07 -5.84 22.02
C PRO F 268 -24.51 -5.66 22.47
N GLY F 269 -25.25 -4.88 21.67
CA GLY F 269 -26.63 -4.62 21.94
C GLY F 269 -27.34 -4.11 20.70
N PHE F 270 -28.57 -4.56 20.46
CA PHE F 270 -29.31 -4.21 19.27
C PHE F 270 -30.66 -3.65 19.65
N ALA F 271 -31.11 -2.65 18.91
CA ALA F 271 -32.40 -2.01 19.13
C ALA F 271 -32.83 -1.39 17.81
N PRO F 272 -34.13 -1.34 17.51
CA PRO F 272 -35.33 -1.66 18.29
C PRO F 272 -35.69 -3.14 18.34
N LEU F 273 -36.12 -3.57 19.52
CA LEU F 273 -36.70 -4.89 19.73
C LEU F 273 -38.10 -4.67 20.26
N THR F 274 -39.09 -4.76 19.38
CA THR F 274 -40.47 -4.54 19.75
C THR F 274 -41.08 -5.82 20.30
N ALA F 275 -42.39 -5.85 20.43
CA ALA F 275 -43.09 -7.11 20.57
C ALA F 275 -43.32 -7.70 19.19
N ARG F 276 -44.03 -8.83 19.14
CA ARG F 276 -44.30 -9.45 17.85
C ARG F 276 -45.33 -8.66 17.06
N GLY F 277 -46.41 -8.25 17.72
CA GLY F 277 -47.41 -7.43 17.06
C GLY F 277 -47.92 -6.32 17.94
N SER F 278 -47.47 -6.28 19.20
CA SER F 278 -48.06 -5.36 20.16
C SER F 278 -47.34 -4.02 20.18
N GLN F 279 -46.07 -4.01 20.60
CA GLN F 279 -45.38 -2.75 20.80
C GLN F 279 -44.96 -2.10 19.49
N GLN F 280 -44.84 -2.86 18.41
CA GLN F 280 -44.51 -2.26 17.13
C GLN F 280 -45.68 -1.49 16.53
N TYR F 281 -46.88 -1.63 17.08
CA TYR F 281 -48.04 -0.90 16.61
C TYR F 281 -48.63 -0.02 17.69
N ARG F 282 -48.84 -0.56 18.90
CA ARG F 282 -49.56 0.17 19.94
C ARG F 282 -48.71 1.30 20.52
N ALA F 283 -47.43 1.04 20.80
CA ALA F 283 -46.67 1.96 21.62
C ALA F 283 -45.48 2.57 20.88
N LEU F 284 -44.56 1.76 20.36
CA LEU F 284 -43.22 2.24 20.06
C LEU F 284 -43.20 3.04 18.76
N THR F 285 -42.62 4.25 18.84
CA THR F 285 -42.23 5.02 17.69
C THR F 285 -40.71 5.19 17.73
N VAL F 286 -40.10 5.32 16.56
CA VAL F 286 -38.65 5.07 16.49
C VAL F 286 -37.77 6.24 16.05
N PRO F 287 -37.85 7.44 16.66
CA PRO F 287 -36.61 8.19 16.88
C PRO F 287 -36.12 8.01 18.30
N GLU F 288 -34.83 8.27 18.54
CA GLU F 288 -34.19 8.24 19.86
C GLU F 288 -34.42 6.90 20.59
N LEU F 289 -34.04 5.82 19.94
CA LEU F 289 -34.07 4.50 20.54
C LEU F 289 -32.83 4.18 21.34
N THR F 290 -31.99 5.19 21.61
CA THR F 290 -30.80 4.97 22.42
C THR F 290 -31.15 4.65 23.86
N GLN F 291 -32.28 5.17 24.36
CA GLN F 291 -32.70 4.85 25.72
C GLN F 291 -33.18 3.40 25.82
N GLN F 292 -33.57 2.81 24.70
CA GLN F 292 -33.71 1.36 24.65
C GLN F 292 -32.35 0.68 24.57
N MET F 293 -31.40 1.31 23.88
CA MET F 293 -30.14 0.67 23.58
C MET F 293 -29.24 0.59 24.81
N PHE F 294 -29.27 1.60 25.66
CA PHE F 294 -28.40 1.64 26.83
C PHE F 294 -29.00 0.93 28.03
N ASP F 295 -30.15 0.27 27.87
CA ASP F 295 -30.81 -0.39 28.98
C ASP F 295 -30.04 -1.63 29.40
N ALA F 296 -30.16 -1.98 30.68
CA ALA F 296 -29.53 -3.20 31.16
C ALA F 296 -30.25 -4.44 30.64
N LYS F 297 -31.54 -4.32 30.35
CA LYS F 297 -32.28 -5.47 29.84
C LYS F 297 -31.91 -5.78 28.39
N ASN F 298 -31.65 -4.76 27.59
CA ASN F 298 -31.41 -4.95 26.16
C ASN F 298 -29.91 -5.05 25.89
N MET F 299 -29.29 -6.03 26.52
CA MET F 299 -27.89 -6.36 26.27
C MET F 299 -27.80 -7.76 25.70
N MET F 300 -26.59 -8.19 25.41
CA MET F 300 -26.32 -9.57 25.03
C MET F 300 -25.54 -10.32 26.08
N ALA F 301 -24.50 -9.72 26.63
CA ALA F 301 -23.81 -10.33 27.75
C ALA F 301 -24.66 -10.21 29.01
N ALA F 302 -24.66 -11.25 29.82
CA ALA F 302 -25.46 -11.27 31.05
C ALA F 302 -24.67 -10.61 32.18
N CYS F 303 -24.45 -9.32 32.02
CA CYS F 303 -23.80 -8.51 33.03
C CYS F 303 -24.56 -7.20 33.18
N ASP F 304 -24.42 -6.58 34.34
CA ASP F 304 -25.13 -5.35 34.62
C ASP F 304 -24.21 -4.18 34.36
N PRO F 305 -24.46 -3.35 33.34
CA PRO F 305 -23.62 -2.18 33.12
C PRO F 305 -23.76 -1.11 34.18
N ARG F 306 -24.79 -1.16 35.02
CA ARG F 306 -24.85 -0.29 36.17
C ARG F 306 -23.84 -0.67 37.24
N HIS F 307 -23.36 -1.91 37.23
CA HIS F 307 -22.39 -2.37 38.21
C HIS F 307 -20.95 -1.99 37.86
N GLY F 308 -20.73 -1.40 36.69
CA GLY F 308 -19.37 -1.04 36.30
C GLY F 308 -19.34 -0.03 35.18
N ARG F 309 -18.49 0.98 35.30
CA ARG F 309 -18.53 2.12 34.41
C ARG F 309 -18.01 1.76 33.02
N TYR F 310 -18.65 2.34 32.00
CA TYR F 310 -18.25 2.13 30.62
C TYR F 310 -16.87 2.72 30.36
N LEU F 311 -16.21 2.19 29.34
CA LEU F 311 -14.95 2.74 28.86
C LEU F 311 -15.13 3.46 27.55
N THR F 312 -15.63 2.76 26.54
CA THR F 312 -15.93 3.32 25.23
C THR F 312 -17.17 2.63 24.69
N VAL F 313 -17.93 3.34 23.88
CA VAL F 313 -19.22 2.84 23.40
C VAL F 313 -19.35 3.20 21.93
N ALA F 314 -19.63 2.20 21.08
CA ALA F 314 -19.88 2.43 19.67
C ALA F 314 -21.35 2.19 19.37
N THR F 315 -22.01 3.17 18.77
CA THR F 315 -23.41 3.05 18.41
C THR F 315 -23.52 3.19 16.89
N VAL F 316 -23.49 2.07 16.18
CA VAL F 316 -23.65 2.10 14.74
C VAL F 316 -25.14 2.16 14.41
N PHE F 317 -25.56 3.25 13.78
CA PHE F 317 -26.95 3.41 13.38
C PHE F 317 -27.11 2.95 11.94
N ARG F 318 -28.36 2.77 11.51
CA ARG F 318 -28.58 2.28 10.16
C ARG F 318 -29.62 3.08 9.39
N GLY F 319 -30.59 3.66 10.09
CA GLY F 319 -31.73 4.27 9.44
C GLY F 319 -31.39 5.58 8.78
N ARG F 320 -32.38 6.11 8.07
CA ARG F 320 -32.24 7.45 7.51
C ARG F 320 -32.36 8.46 8.63
N MET F 321 -31.23 8.86 9.19
CA MET F 321 -31.20 9.59 10.44
C MET F 321 -31.12 11.09 10.19
N SER F 322 -30.91 11.83 11.28
CA SER F 322 -30.67 13.27 11.22
C SER F 322 -29.63 13.56 12.29
N MET F 323 -28.45 14.02 11.86
CA MET F 323 -27.26 13.95 12.68
C MET F 323 -27.29 14.86 13.90
N LYS F 324 -28.15 15.87 13.93
CA LYS F 324 -28.36 16.58 15.18
C LYS F 324 -29.13 15.72 16.16
N GLU F 325 -30.22 15.11 15.68
CA GLU F 325 -31.05 14.25 16.52
C GLU F 325 -30.31 12.99 16.95
N VAL F 326 -29.29 12.57 16.21
CA VAL F 326 -28.42 11.51 16.68
C VAL F 326 -27.51 12.02 17.78
N ASP F 327 -26.87 13.16 17.57
CA ASP F 327 -25.80 13.58 18.45
C ASP F 327 -26.27 14.31 19.69
N GLU F 328 -27.33 15.13 19.57
CA GLU F 328 -27.87 15.80 20.74
C GLU F 328 -28.51 14.80 21.70
N GLN F 329 -29.14 13.76 21.14
CA GLN F 329 -29.62 12.67 21.98
C GLN F 329 -28.47 11.91 22.61
N MET F 330 -27.37 11.76 21.88
CA MET F 330 -26.20 11.07 22.40
C MET F 330 -25.52 11.84 23.51
N LEU F 331 -25.63 13.17 23.51
CA LEU F 331 -25.07 13.95 24.61
C LEU F 331 -25.94 13.82 25.86
N ALA F 332 -27.25 13.75 25.68
CA ALA F 332 -28.16 13.63 26.81
C ALA F 332 -28.00 12.30 27.53
N ILE F 333 -27.58 11.25 26.81
CA ILE F 333 -27.26 9.99 27.46
C ILE F 333 -25.98 10.11 28.27
N GLN F 334 -24.98 10.81 27.71
CA GLN F 334 -23.71 10.93 28.41
C GLN F 334 -23.79 11.88 29.60
N SER F 335 -24.77 12.77 29.62
CA SER F 335 -24.96 13.67 30.75
C SER F 335 -25.93 13.12 31.79
N LYS F 336 -26.70 12.10 31.45
CA LYS F 336 -27.66 11.54 32.40
C LYS F 336 -26.96 10.70 33.46
N ASN F 337 -26.35 9.60 33.05
CA ASN F 337 -25.57 8.79 33.97
C ASN F 337 -24.08 9.12 33.79
N SER F 338 -23.74 10.33 34.22
CA SER F 338 -22.39 10.85 34.05
C SER F 338 -21.37 10.13 34.92
N SER F 339 -21.82 9.43 35.96
CA SER F 339 -20.94 8.59 36.75
C SER F 339 -20.76 7.20 36.16
N TYR F 340 -21.54 6.85 35.14
CA TYR F 340 -21.45 5.53 34.53
C TYR F 340 -20.41 5.45 33.43
N PHE F 341 -19.69 6.53 33.16
CA PHE F 341 -18.63 6.51 32.18
C PHE F 341 -17.30 6.83 32.86
N VAL F 342 -16.22 6.36 32.24
CA VAL F 342 -14.91 6.59 32.81
C VAL F 342 -14.52 8.05 32.63
N GLU F 343 -13.74 8.59 33.57
CA GLU F 343 -13.43 10.01 33.56
C GLU F 343 -12.43 10.34 32.45
N TRP F 344 -11.34 9.58 32.37
CA TRP F 344 -10.24 9.96 31.50
C TRP F 344 -10.43 9.58 30.04
N ILE F 345 -11.65 9.26 29.62
CA ILE F 345 -12.01 9.24 28.21
C ILE F 345 -13.19 10.19 28.02
N PRO F 346 -12.95 11.46 27.73
CA PRO F 346 -14.06 12.37 27.51
C PRO F 346 -14.61 12.23 26.09
N ASN F 347 -15.94 12.28 26.01
CA ASN F 347 -16.73 12.19 24.77
C ASN F 347 -16.42 10.90 24.03
N ASN F 348 -16.82 9.79 24.66
CA ASN F 348 -16.42 8.46 24.24
C ASN F 348 -17.41 7.78 23.31
N VAL F 349 -18.59 8.34 23.09
CA VAL F 349 -19.63 7.61 22.38
C VAL F 349 -19.38 7.78 20.89
N LYS F 350 -18.74 6.79 20.27
CA LYS F 350 -18.52 6.83 18.84
C LYS F 350 -19.80 6.49 18.09
N VAL F 351 -20.11 7.30 17.08
CA VAL F 351 -21.32 7.11 16.31
C VAL F 351 -20.96 6.83 14.87
N ALA F 352 -21.92 6.28 14.14
CA ALA F 352 -21.81 5.98 12.72
C ALA F 352 -23.20 5.70 12.16
N VAL F 353 -23.53 6.24 11.00
CA VAL F 353 -24.85 6.01 10.43
C VAL F 353 -24.70 5.30 9.08
N CYS F 354 -25.83 4.96 8.47
CA CYS F 354 -25.86 4.40 7.12
C CYS F 354 -27.06 5.00 6.41
N ASP F 355 -27.44 4.42 5.29
CA ASP F 355 -28.60 4.88 4.56
C ASP F 355 -29.64 3.81 4.29
N ILE F 356 -29.32 2.54 4.47
CA ILE F 356 -30.25 1.46 4.17
C ILE F 356 -30.55 0.69 5.43
N PRO F 357 -31.80 0.64 5.88
CA PRO F 357 -32.14 -0.07 7.10
C PRO F 357 -32.26 -1.56 6.83
N PRO F 358 -32.45 -2.38 7.86
CA PRO F 358 -32.89 -3.76 7.62
C PRO F 358 -34.28 -3.77 7.00
N ARG F 359 -34.54 -4.78 6.18
CA ARG F 359 -35.80 -4.89 5.47
C ARG F 359 -36.92 -5.23 6.44
N GLY F 360 -37.78 -4.25 6.70
CA GLY F 360 -38.90 -4.47 7.60
C GLY F 360 -39.01 -3.41 8.67
N LEU F 361 -38.06 -2.46 8.66
CA LEU F 361 -38.12 -1.34 9.59
C LEU F 361 -37.88 -0.03 8.85
N LYS F 362 -37.75 1.05 9.60
CA LYS F 362 -37.30 2.32 9.05
C LYS F 362 -35.95 2.73 9.64
N MET F 363 -35.81 2.65 10.95
CA MET F 363 -34.56 2.92 11.63
C MET F 363 -34.15 1.70 12.44
N SER F 364 -32.85 1.54 12.61
CA SER F 364 -32.29 0.50 13.47
C SER F 364 -30.88 0.90 13.84
N SER F 365 -30.40 0.39 14.97
CA SER F 365 -29.10 0.83 15.45
C SER F 365 -28.55 -0.19 16.43
N THR F 366 -27.42 -0.78 16.10
CA THR F 366 -26.76 -1.63 17.08
C THR F 366 -25.98 -0.78 18.07
N PHE F 367 -25.33 -1.45 19.02
CA PHE F 367 -24.56 -0.78 20.06
C PHE F 367 -23.53 -1.77 20.56
N ILE F 368 -22.28 -1.33 20.63
CA ILE F 368 -21.17 -2.20 20.97
C ILE F 368 -20.47 -1.55 22.16
N GLY F 369 -20.85 -1.95 23.37
CA GLY F 369 -20.29 -1.38 24.58
C GLY F 369 -19.04 -2.13 25.02
N ASN F 370 -17.98 -1.37 25.26
CA ASN F 370 -16.78 -1.93 25.86
C ASN F 370 -16.78 -1.53 27.33
N SER F 371 -17.59 -2.25 28.11
CA SER F 371 -17.69 -1.91 29.51
C SER F 371 -16.55 -2.55 30.31
N THR F 372 -16.50 -2.23 31.59
CA THR F 372 -15.66 -2.96 32.52
C THR F 372 -16.48 -3.89 33.40
N ALA F 373 -17.81 -3.86 33.26
CA ALA F 373 -18.67 -4.82 33.93
C ALA F 373 -18.67 -6.19 33.27
N ILE F 374 -17.87 -6.39 32.22
CA ILE F 374 -17.58 -7.72 31.72
C ILE F 374 -16.67 -8.49 32.66
N GLN F 375 -16.08 -7.84 33.66
CA GLN F 375 -15.37 -8.56 34.70
C GLN F 375 -16.30 -9.37 35.59
N GLU F 376 -17.60 -9.05 35.60
CA GLU F 376 -18.55 -9.88 36.34
C GLU F 376 -18.80 -11.19 35.64
N LEU F 377 -18.57 -11.24 34.33
CA LEU F 377 -18.68 -12.51 33.62
C LEU F 377 -17.54 -13.45 33.98
N PHE F 378 -16.30 -12.94 33.92
CA PHE F 378 -15.15 -13.78 34.19
C PHE F 378 -14.97 -14.09 35.67
N LYS F 379 -15.60 -13.30 36.54
CA LYS F 379 -15.59 -13.62 37.95
C LYS F 379 -16.51 -14.78 38.29
N ARG F 380 -17.50 -15.05 37.45
CA ARG F 380 -18.33 -16.24 37.64
C ARG F 380 -17.58 -17.49 37.23
N ILE F 381 -16.91 -17.45 36.08
CA ILE F 381 -16.21 -18.63 35.57
C ILE F 381 -15.00 -18.95 36.43
N SER F 382 -14.25 -17.93 36.82
CA SER F 382 -13.11 -18.16 37.72
C SER F 382 -13.53 -18.50 39.13
N GLU F 383 -14.82 -18.36 39.47
CA GLU F 383 -15.34 -18.95 40.69
C GLU F 383 -15.64 -20.43 40.48
N GLN F 384 -16.32 -20.76 39.39
CA GLN F 384 -16.70 -22.14 39.12
C GLN F 384 -15.49 -23.01 38.78
N PHE F 385 -14.49 -22.42 38.12
CA PHE F 385 -13.29 -23.18 37.80
C PHE F 385 -12.48 -23.48 39.05
N THR F 386 -12.29 -22.48 39.90
CA THR F 386 -11.51 -22.66 41.11
C THR F 386 -12.21 -23.55 42.13
N ALA F 387 -13.52 -23.76 42.00
CA ALA F 387 -14.17 -24.78 42.80
C ALA F 387 -13.82 -26.17 42.29
N MET F 388 -13.92 -26.38 40.98
CA MET F 388 -13.66 -27.70 40.43
C MET F 388 -12.18 -28.05 40.42
N PHE F 389 -11.31 -27.05 40.31
CA PHE F 389 -9.89 -27.34 40.26
C PHE F 389 -9.30 -27.67 41.63
N ARG F 390 -10.04 -27.42 42.71
CA ARG F 390 -9.61 -27.87 44.03
C ARG F 390 -9.62 -29.40 44.10
N ARG F 391 -10.77 -30.00 43.81
CA ARG F 391 -10.87 -31.45 43.79
C ARG F 391 -10.19 -32.08 42.57
N LYS F 392 -9.82 -31.27 41.58
CA LYS F 392 -9.23 -31.72 40.30
C LYS F 392 -10.11 -32.73 39.59
N ALA F 393 -11.42 -32.50 39.66
CA ALA F 393 -12.36 -33.36 38.96
C ALA F 393 -12.29 -33.12 37.47
N PHE F 394 -12.69 -34.14 36.70
CA PHE F 394 -12.77 -34.11 35.24
C PHE F 394 -11.44 -33.81 34.58
N LEU F 395 -10.33 -34.20 35.21
CA LEU F 395 -9.03 -33.90 34.64
C LEU F 395 -8.47 -35.04 33.81
N HIS F 396 -8.91 -36.27 34.03
CA HIS F 396 -8.38 -37.36 33.24
C HIS F 396 -8.91 -37.35 31.81
N TRP F 397 -9.96 -36.60 31.54
CA TRP F 397 -10.38 -36.39 30.16
C TRP F 397 -9.60 -35.30 29.46
N TYR F 398 -8.79 -34.53 30.20
CA TYR F 398 -7.89 -33.55 29.60
C TYR F 398 -6.43 -33.97 29.73
N THR F 399 -6.02 -34.41 30.91
CA THR F 399 -4.67 -34.91 31.08
C THR F 399 -4.46 -36.24 30.39
N GLY F 400 -5.54 -36.99 30.12
CA GLY F 400 -5.43 -38.17 29.29
C GLY F 400 -5.03 -37.84 27.87
N GLU F 401 -5.53 -36.71 27.36
CA GLU F 401 -5.05 -36.20 26.09
C GLU F 401 -3.74 -35.46 26.32
N GLY F 402 -3.14 -34.98 25.24
CA GLY F 402 -1.82 -34.38 25.34
C GLY F 402 -1.81 -32.98 25.95
N MET F 403 -2.21 -32.86 27.20
CA MET F 403 -2.29 -31.59 27.89
C MET F 403 -1.84 -31.79 29.33
N ASP F 404 -1.00 -30.89 29.82
CA ASP F 404 -0.42 -31.04 31.14
C ASP F 404 -1.41 -30.60 32.22
N GLU F 405 -0.95 -30.57 33.47
CA GLU F 405 -1.77 -30.16 34.59
C GLU F 405 -1.44 -28.75 35.07
N MET F 406 -0.20 -28.29 34.84
CA MET F 406 0.14 -26.91 35.14
C MET F 406 -0.40 -25.94 34.11
N GLU F 407 -0.98 -26.44 33.02
CA GLU F 407 -1.59 -25.58 32.02
C GLU F 407 -2.82 -24.87 32.58
N PHE F 408 -3.53 -25.50 33.53
CA PHE F 408 -4.72 -24.89 34.06
C PHE F 408 -4.38 -23.74 35.01
N THR F 409 -3.40 -23.95 35.89
CA THR F 409 -2.97 -22.88 36.77
C THR F 409 -2.29 -21.76 36.00
N GLU F 410 -1.71 -22.07 34.85
CA GLU F 410 -1.20 -21.03 33.97
C GLU F 410 -2.33 -20.30 33.27
N ALA F 411 -3.37 -21.02 32.85
CA ALA F 411 -4.48 -20.37 32.14
C ALA F 411 -5.38 -19.62 33.09
N GLU F 412 -5.49 -20.06 34.35
CA GLU F 412 -6.33 -19.35 35.30
C GLU F 412 -5.69 -18.06 35.75
N SER F 413 -4.36 -18.04 35.86
CA SER F 413 -3.67 -16.81 36.21
C SER F 413 -3.72 -15.80 35.07
N ASN F 414 -3.80 -16.27 33.83
CA ASN F 414 -3.96 -15.35 32.70
C ASN F 414 -5.34 -14.72 32.69
N MET F 415 -6.36 -15.43 33.15
CA MET F 415 -7.68 -14.83 33.27
C MET F 415 -7.74 -13.89 34.47
N ASN F 416 -7.18 -14.30 35.60
CA ASN F 416 -7.23 -13.46 36.80
C ASN F 416 -6.35 -12.23 36.70
N ASP F 417 -5.40 -12.20 35.76
CA ASP F 417 -4.72 -10.95 35.46
C ASP F 417 -5.58 -10.05 34.57
N LEU F 418 -6.43 -10.65 33.73
CA LEU F 418 -7.34 -9.85 32.92
C LEU F 418 -8.41 -9.19 33.77
N VAL F 419 -8.96 -9.91 34.73
CA VAL F 419 -9.93 -9.31 35.65
C VAL F 419 -9.24 -8.33 36.58
N SER F 420 -7.96 -8.55 36.87
CA SER F 420 -7.18 -7.54 37.58
C SER F 420 -6.91 -6.34 36.70
N GLU F 421 -6.88 -6.54 35.37
CA GLU F 421 -6.65 -5.42 34.47
C GLU F 421 -7.93 -4.63 34.22
N TYR F 422 -9.07 -5.32 34.16
CA TYR F 422 -10.32 -4.60 33.94
C TYR F 422 -10.78 -3.88 35.20
N GLN F 423 -10.44 -4.41 36.38
CA GLN F 423 -10.74 -3.72 37.62
C GLN F 423 -9.80 -2.56 37.88
N GLN F 424 -8.69 -2.49 37.16
CA GLN F 424 -7.70 -1.43 37.34
C GLN F 424 -8.23 -0.07 36.92
N TYR F 425 -9.24 -0.03 36.04
CA TYR F 425 -9.77 1.22 35.54
C TYR F 425 -11.18 1.51 36.03
N GLN F 426 -11.82 0.55 36.71
CA GLN F 426 -13.16 0.80 37.24
C GLN F 426 -13.13 1.77 38.40
N ASP F 427 -12.06 1.72 39.22
CA ASP F 427 -11.97 2.54 40.42
C ASP F 427 -10.92 3.63 40.33
N ALA F 428 -9.98 3.54 39.39
CA ALA F 428 -8.94 4.55 39.27
C ALA F 428 -9.38 5.66 38.31
N THR F 429 -8.52 6.67 38.18
CA THR F 429 -8.82 7.83 37.34
C THR F 429 -7.53 8.45 36.81
N VAL G 7 9.61 42.98 50.93
CA VAL G 7 8.35 43.69 50.68
C VAL G 7 8.02 43.90 49.17
N PRO G 8 8.95 44.33 48.31
CA PRO G 8 8.57 44.39 46.88
C PRO G 8 8.63 43.00 46.25
N PHE G 9 7.48 42.49 45.83
CA PHE G 9 7.40 41.19 45.19
C PHE G 9 7.96 41.28 43.77
N PHE G 10 8.36 40.13 43.23
CA PHE G 10 9.04 40.07 41.94
C PHE G 10 8.14 39.45 40.87
N VAL G 11 8.59 39.56 39.63
CA VAL G 11 7.84 39.10 38.46
C VAL G 11 8.56 37.91 37.86
N ASN G 12 9.20 37.10 38.71
CA ASN G 12 10.02 35.99 38.28
C ASN G 12 9.18 34.90 37.61
N ARG G 13 9.84 34.11 36.77
CA ARG G 13 9.23 32.98 36.09
C ARG G 13 10.00 31.72 36.43
N GLY G 14 9.35 30.57 36.24
CA GLY G 14 9.97 29.30 36.56
C GLY G 14 10.08 29.06 38.05
N GLY G 15 8.95 28.86 38.72
CA GLY G 15 8.97 28.68 40.16
C GLY G 15 9.57 27.34 40.56
N LEU G 16 9.11 26.25 39.97
CA LEU G 16 9.69 24.94 40.17
C LEU G 16 10.08 24.36 38.82
N PRO G 17 11.39 24.18 38.53
CA PRO G 17 12.52 24.48 39.43
C PRO G 17 12.97 25.94 39.39
N VAL G 18 13.57 26.41 40.49
CA VAL G 18 13.97 27.80 40.61
C VAL G 18 15.29 28.01 39.87
N ASP G 19 15.59 29.26 39.53
CA ASP G 19 16.79 29.60 38.78
C ASP G 19 17.92 29.96 39.75
N GLU G 20 18.99 30.56 39.21
CA GLU G 20 20.14 30.98 40.01
C GLU G 20 20.30 32.49 40.03
N ALA G 21 19.23 33.23 39.73
CA ALA G 21 19.25 34.69 39.81
C ALA G 21 18.25 35.23 40.83
N THR G 22 16.99 34.82 40.73
CA THR G 22 15.98 35.26 41.69
C THR G 22 16.17 34.56 43.04
N TRP G 23 16.66 33.32 43.02
CA TRP G 23 16.80 32.56 44.26
C TRP G 23 17.93 33.10 45.14
N GLU G 24 18.97 33.68 44.54
CA GLU G 24 20.09 34.18 45.33
C GLU G 24 19.80 35.51 46.00
N ARG G 25 18.74 36.21 45.59
CA ARG G 25 18.36 37.47 46.23
C ARG G 25 17.37 37.28 47.36
N MET G 26 16.88 36.06 47.58
CA MET G 26 16.03 35.79 48.74
C MET G 26 16.85 35.88 50.02
N TRP G 27 18.11 35.47 49.96
CA TRP G 27 18.99 35.44 51.12
C TRP G 27 19.78 36.73 51.30
N LYS G 28 19.73 37.64 50.32
CA LYS G 28 20.26 38.98 50.51
C LYS G 28 19.23 39.93 51.09
N HIS G 29 17.95 39.71 50.79
CA HIS G 29 16.91 40.60 51.29
C HIS G 29 16.64 40.38 52.77
N VAL G 30 16.90 39.17 53.28
CA VAL G 30 16.64 38.88 54.68
C VAL G 30 17.65 39.52 55.62
N ALA G 31 18.73 40.10 55.10
CA ALA G 31 19.64 40.87 55.94
C ALA G 31 19.04 42.21 56.36
N LYS G 32 17.93 42.63 55.77
CA LYS G 32 17.28 43.90 56.09
C LYS G 32 16.05 43.74 56.98
N ILE G 33 15.23 42.72 56.73
CA ILE G 33 13.96 42.56 57.43
C ILE G 33 14.03 41.44 58.48
N HIS G 34 14.58 40.29 58.11
CA HIS G 34 14.79 39.23 59.08
C HIS G 34 15.94 39.61 60.01
N PRO G 35 15.84 39.31 61.31
CA PRO G 35 16.87 39.78 62.25
C PRO G 35 18.22 39.10 62.09
N ASP G 36 18.27 37.88 61.58
CA ASP G 36 19.54 37.19 61.39
C ASP G 36 20.14 37.48 60.03
N GLY G 37 19.41 37.17 58.96
CA GLY G 37 19.89 37.42 57.61
C GLY G 37 20.81 36.34 57.09
N GLU G 38 22.07 36.36 57.52
CA GLU G 38 23.07 35.40 57.07
C GLU G 38 23.28 34.26 58.05
N LYS G 39 22.81 34.39 59.29
CA LYS G 39 22.99 33.31 60.27
C LYS G 39 22.03 32.16 60.03
N VAL G 40 20.84 32.43 59.48
CA VAL G 40 19.87 31.38 59.20
C VAL G 40 20.22 30.60 57.94
N ALA G 41 21.16 31.07 57.13
CA ALA G 41 21.57 30.36 55.92
C ALA G 41 22.32 29.07 56.23
N GLN G 42 22.91 28.95 57.42
CA GLN G 42 23.54 27.69 57.81
C GLN G 42 22.53 26.64 58.24
N ARG G 43 21.30 27.05 58.55
CA ARG G 43 20.24 26.13 58.94
C ARG G 43 19.14 26.01 57.91
N ILE G 44 19.23 26.76 56.81
CA ILE G 44 18.22 26.71 55.75
C ILE G 44 18.90 26.33 54.44
N ARG G 45 19.85 27.16 54.00
CA ARG G 45 20.65 26.80 52.83
C ARG G 45 21.71 25.77 53.19
N GLY G 46 22.36 25.94 54.34
CA GLY G 46 23.40 25.04 54.81
C GLY G 46 22.91 23.82 55.54
N ALA G 47 21.63 23.48 55.43
CA ALA G 47 21.06 22.29 56.05
C ALA G 47 20.70 21.32 54.94
N THR G 48 21.39 20.18 54.89
CA THR G 48 20.98 19.10 53.99
C THR G 48 19.69 18.45 54.49
N ASP G 49 19.57 18.29 55.81
CA ASP G 49 18.35 17.78 56.41
C ASP G 49 17.33 18.90 56.52
N LEU G 50 16.11 18.64 56.03
CA LEU G 50 15.03 19.61 56.03
C LEU G 50 13.71 18.88 56.26
N PRO G 51 12.74 19.54 56.89
CA PRO G 51 11.42 18.91 57.08
C PRO G 51 10.70 18.74 55.76
N LYS G 52 10.20 17.53 55.52
CA LYS G 52 9.56 17.18 54.25
C LYS G 52 8.05 17.33 54.40
N ILE G 53 7.58 18.55 54.19
CA ILE G 53 6.14 18.79 54.11
C ILE G 53 5.65 18.30 52.75
N PRO G 54 4.65 17.41 52.70
CA PRO G 54 4.26 16.79 51.43
C PRO G 54 3.46 17.71 50.53
N ILE G 55 3.00 17.17 49.41
CA ILE G 55 2.11 17.88 48.50
C ILE G 55 0.68 17.52 48.89
N PRO G 56 -0.12 18.46 49.40
CA PRO G 56 -1.51 18.16 49.70
C PRO G 56 -2.31 17.98 48.42
N SER G 57 -3.32 17.11 48.49
CA SER G 57 -4.17 16.80 47.35
C SER G 57 -5.46 17.60 47.44
N VAL G 58 -5.90 18.09 46.28
CA VAL G 58 -7.21 18.76 46.21
C VAL G 58 -8.30 17.73 46.43
N PRO G 59 -9.24 17.96 47.36
CA PRO G 59 -10.26 16.95 47.66
C PRO G 59 -11.28 16.77 46.55
N THR G 60 -11.20 15.64 45.86
CA THR G 60 -12.16 15.28 44.82
C THR G 60 -13.44 14.84 45.51
N PHE G 61 -14.44 15.72 45.53
CA PHE G 61 -15.64 15.51 46.32
C PHE G 61 -16.55 14.49 45.65
N GLN G 62 -17.16 13.63 46.47
CA GLN G 62 -18.20 12.74 46.00
C GLN G 62 -19.47 13.53 45.72
N PRO G 63 -20.36 13.02 44.84
CA PRO G 63 -21.60 13.75 44.55
C PRO G 63 -22.59 13.84 45.72
N SER G 64 -22.37 13.10 46.81
CA SER G 64 -23.18 13.23 48.01
C SER G 64 -22.62 14.25 49.00
N THR G 65 -21.87 15.23 48.51
CA THR G 65 -21.33 16.30 49.35
C THR G 65 -21.81 17.65 48.83
N PRO G 66 -22.69 18.34 49.55
CA PRO G 66 -23.21 19.63 49.05
C PRO G 66 -22.22 20.78 49.10
N VAL G 67 -22.72 21.98 48.79
CA VAL G 67 -21.91 23.19 48.66
C VAL G 67 -21.19 23.61 49.95
N PRO G 68 -21.83 23.80 51.12
CA PRO G 68 -21.06 24.33 52.26
C PRO G 68 -20.11 23.31 52.87
N GLU G 69 -20.34 22.02 52.66
CA GLU G 69 -19.37 21.01 53.09
C GLU G 69 -18.14 21.02 52.20
N ARG G 70 -18.31 21.38 50.92
CA ARG G 70 -17.17 21.45 50.01
C ARG G 70 -16.30 22.67 50.29
N LEU G 71 -16.93 23.79 50.66
CA LEU G 71 -16.19 25.04 50.81
C LEU G 71 -15.28 25.01 52.04
N GLU G 72 -15.67 24.29 53.08
CA GLU G 72 -14.75 24.08 54.20
C GLU G 72 -13.61 23.15 53.79
N ALA G 73 -13.90 22.17 52.92
CA ALA G 73 -12.86 21.31 52.39
C ALA G 73 -12.00 22.04 51.37
N VAL G 74 -12.50 23.12 50.78
CA VAL G 74 -11.65 23.97 49.94
C VAL G 74 -10.60 24.66 50.79
N GLN G 75 -11.02 25.31 51.88
CA GLN G 75 -10.07 25.98 52.77
C GLN G 75 -9.23 24.98 53.56
N ARG G 76 -9.71 23.74 53.73
CA ARG G 76 -8.89 22.70 54.33
C ARG G 76 -7.70 22.32 53.46
N TYR G 77 -7.75 22.63 52.17
CA TYR G 77 -6.58 22.53 51.31
C TYR G 77 -5.68 23.76 51.46
N ILE G 78 -6.26 24.96 51.42
CA ILE G 78 -5.47 26.18 51.37
C ILE G 78 -4.87 26.53 52.73
N ARG G 79 -5.48 26.08 53.82
CA ARG G 79 -4.85 26.28 55.13
C ARG G 79 -3.60 25.43 55.28
N GLU G 80 -3.55 24.27 54.63
CA GLU G 80 -2.37 23.43 54.61
C GLU G 80 -1.46 23.73 53.42
N LEU G 81 -1.57 24.92 52.83
CA LEU G 81 -0.75 25.32 51.71
C LEU G 81 0.44 26.18 52.11
N GLN G 82 0.59 26.50 53.40
CA GLN G 82 1.72 27.22 53.97
C GLN G 82 1.89 28.61 53.33
N TYR G 83 0.91 29.48 53.64
CA TYR G 83 0.86 30.85 53.16
C TYR G 83 2.17 31.60 53.41
N ASN G 84 2.63 32.32 52.39
CA ASN G 84 3.98 32.87 52.40
C ASN G 84 4.04 34.19 53.15
N HIS G 85 5.22 34.45 53.71
CA HIS G 85 5.50 35.71 54.39
C HIS G 85 6.81 36.35 53.94
N THR G 86 7.49 35.77 52.95
CA THR G 86 8.84 36.19 52.58
C THR G 86 8.87 37.47 51.75
N GLY G 87 7.73 38.03 51.37
CA GLY G 87 7.72 39.28 50.64
C GLY G 87 8.18 39.19 49.21
N THR G 88 8.14 38.00 48.61
CA THR G 88 8.54 37.83 47.21
C THR G 88 7.55 36.87 46.55
N GLN G 89 6.92 37.33 45.47
CA GLN G 89 6.02 36.49 44.71
C GLN G 89 6.79 35.42 43.95
N PHE G 90 6.21 34.21 43.90
CA PHE G 90 6.85 33.08 43.24
C PHE G 90 6.24 32.78 41.87
N PHE G 91 5.33 33.61 41.39
CA PHE G 91 4.59 33.32 40.16
C PHE G 91 4.55 34.56 39.30
N GLU G 92 3.75 34.50 38.22
CA GLU G 92 3.61 35.61 37.29
C GLU G 92 2.15 36.06 37.23
N ILE G 93 1.53 36.23 38.39
CA ILE G 93 0.11 36.52 38.48
C ILE G 93 -0.12 38.01 38.19
N LYS G 94 -1.04 38.30 37.27
CA LYS G 94 -1.42 39.66 36.93
C LYS G 94 -2.93 39.80 36.99
N LYS G 95 -3.39 41.05 37.12
CA LYS G 95 -4.82 41.33 37.03
C LYS G 95 -5.30 41.21 35.59
N SER G 96 -4.75 42.03 34.70
CA SER G 96 -5.08 41.98 33.27
C SER G 96 -4.38 40.78 32.67
N ARG G 97 -4.99 39.62 32.85
CA ARG G 97 -4.47 38.34 32.41
C ARG G 97 -5.68 37.56 31.91
N PRO G 98 -5.58 36.89 30.77
CA PRO G 98 -6.69 36.07 30.30
C PRO G 98 -6.89 34.86 31.20
N LEU G 99 -8.13 34.36 31.22
CA LEU G 99 -8.52 33.39 32.23
C LEU G 99 -7.92 32.00 31.94
N THR G 100 -7.83 31.63 30.66
CA THR G 100 -7.23 30.33 30.34
C THR G 100 -5.73 30.34 30.54
N GLY G 101 -5.09 31.51 30.41
CA GLY G 101 -3.70 31.64 30.84
C GLY G 101 -3.56 31.75 32.33
N LEU G 102 -4.66 31.99 33.04
CA LEU G 102 -4.71 32.10 34.49
C LEU G 102 -5.12 30.79 35.16
N MET G 103 -6.13 30.11 34.63
CA MET G 103 -6.57 28.86 35.22
C MET G 103 -5.63 27.70 34.89
N ASP G 104 -4.89 27.79 33.80
CA ASP G 104 -3.82 26.83 33.55
C ASP G 104 -2.58 27.14 34.38
N LEU G 105 -2.43 28.39 34.82
CA LEU G 105 -1.45 28.68 35.86
C LEU G 105 -1.90 28.10 37.19
N ALA G 106 -3.22 28.09 37.43
CA ALA G 106 -3.75 27.38 38.59
C ALA G 106 -3.67 25.87 38.42
N LYS G 107 -3.56 25.38 37.18
CA LYS G 107 -3.22 23.98 36.97
C LYS G 107 -1.78 23.68 37.34
N GLU G 108 -0.92 24.70 37.39
CA GLU G 108 0.42 24.57 37.91
C GLU G 108 0.52 25.06 39.36
N MET G 109 -0.59 25.06 40.08
CA MET G 109 -0.58 25.29 41.51
C MET G 109 -0.64 24.01 42.32
N THR G 110 -1.32 22.98 41.80
CA THR G 110 -1.35 21.69 42.47
C THR G 110 -0.02 20.96 42.33
N LYS G 111 0.59 21.06 41.14
CA LYS G 111 1.87 20.39 40.90
C LYS G 111 3.05 21.11 41.54
N GLU G 112 2.87 22.35 42.00
CA GLU G 112 3.96 23.11 42.58
C GLU G 112 3.84 23.22 44.09
N ALA G 113 2.71 23.74 44.59
CA ALA G 113 2.34 23.80 46.01
C ALA G 113 3.39 24.55 46.85
N LEU G 114 3.93 25.62 46.29
CA LEU G 114 4.91 26.44 46.98
C LEU G 114 4.22 27.33 48.01
N PRO G 115 4.99 28.00 48.88
CA PRO G 115 4.41 29.08 49.68
C PRO G 115 3.82 30.19 48.81
N ILE G 116 2.55 30.50 49.05
CA ILE G 116 1.78 31.42 48.22
C ILE G 116 1.31 32.59 49.08
N LYS G 117 0.91 33.66 48.41
CA LYS G 117 0.43 34.86 49.07
C LYS G 117 -1.09 34.95 48.98
N CYS G 118 -1.63 36.12 49.34
CA CYS G 118 -3.07 36.30 49.41
C CYS G 118 -3.73 36.38 48.04
N LEU G 119 -2.99 36.84 47.03
CA LEU G 119 -3.59 37.16 45.74
C LEU G 119 -3.95 35.89 44.97
N GLU G 120 -3.01 34.96 44.87
CA GLU G 120 -3.29 33.71 44.16
C GLU G 120 -4.16 32.76 44.97
N ALA G 121 -4.33 33.00 46.27
CA ALA G 121 -5.32 32.24 47.04
C ALA G 121 -6.73 32.57 46.60
N VAL G 122 -6.97 33.82 46.18
CA VAL G 122 -8.23 34.18 45.55
C VAL G 122 -8.36 33.46 44.20
N ILE G 123 -7.24 33.32 43.49
CA ILE G 123 -7.24 32.63 42.21
C ILE G 123 -7.49 31.14 42.41
N LEU G 124 -6.72 30.50 43.30
CA LEU G 124 -6.91 29.09 43.59
C LEU G 124 -8.21 28.82 44.33
N GLY G 125 -8.76 29.82 45.01
CA GLY G 125 -10.10 29.68 45.57
C GLY G 125 -11.17 29.67 44.49
N ILE G 126 -10.92 30.34 43.37
CA ILE G 126 -11.83 30.23 42.23
C ILE G 126 -11.65 28.90 41.54
N TYR G 127 -10.40 28.48 41.33
CA TYR G 127 -10.10 27.27 40.56
C TYR G 127 -10.57 26.00 41.27
N LEU G 128 -10.59 26.01 42.59
CA LEU G 128 -11.09 24.87 43.36
C LEU G 128 -12.58 24.95 43.63
N THR G 129 -13.32 25.75 42.85
CA THR G 129 -14.76 25.89 43.05
C THR G 129 -15.54 25.82 41.74
N ASN G 130 -14.93 25.34 40.67
CA ASN G 130 -15.59 25.32 39.37
C ASN G 130 -16.63 24.22 39.24
N SER G 131 -16.63 23.25 40.15
CA SER G 131 -17.55 22.12 40.08
C SER G 131 -18.87 22.39 40.78
N MET G 132 -19.11 23.63 41.20
CA MET G 132 -20.35 24.01 41.89
C MET G 132 -21.06 25.06 41.05
N PRO G 133 -21.96 24.66 40.15
CA PRO G 133 -22.67 25.65 39.32
C PRO G 133 -23.65 26.51 40.10
N THR G 134 -24.09 26.07 41.28
CA THR G 134 -24.93 26.90 42.13
C THR G 134 -24.14 27.98 42.86
N LEU G 135 -22.82 27.84 42.94
CA LEU G 135 -21.98 28.80 43.63
C LEU G 135 -21.64 29.96 42.69
N GLU G 136 -21.79 31.18 43.20
CA GLU G 136 -21.43 32.39 42.47
C GLU G 136 -20.32 33.11 43.23
N ARG G 137 -19.26 33.48 42.52
CA ARG G 137 -18.09 34.08 43.14
C ARG G 137 -17.88 35.49 42.60
N PHE G 138 -17.16 36.30 43.40
CA PHE G 138 -16.89 37.68 43.05
C PHE G 138 -15.71 38.15 43.88
N PRO G 139 -14.75 38.87 43.30
CA PRO G 139 -13.58 39.32 44.06
C PRO G 139 -13.76 40.70 44.65
N ILE G 140 -13.26 40.87 45.87
CA ILE G 140 -13.34 42.13 46.61
C ILE G 140 -11.95 42.43 47.16
N SER G 141 -11.41 43.59 46.82
CA SER G 141 -10.11 44.04 47.30
C SER G 141 -10.29 45.21 48.23
N PHE G 142 -9.56 45.21 49.34
CA PHE G 142 -9.59 46.29 50.31
C PHE G 142 -8.37 47.18 50.14
N LYS G 143 -8.53 48.44 50.57
CA LYS G 143 -7.44 49.42 50.58
C LYS G 143 -7.22 49.83 52.02
N THR G 144 -6.25 49.19 52.68
CA THR G 144 -6.00 49.41 54.10
C THR G 144 -4.99 50.52 54.30
N TYR G 145 -5.29 51.42 55.24
CA TYR G 145 -4.46 52.60 55.50
C TYR G 145 -3.63 52.37 56.76
N PHE G 146 -2.32 52.28 56.59
CA PHE G 146 -1.38 52.35 57.70
C PHE G 146 -0.98 53.82 57.88
N SER G 147 0.09 54.06 58.63
CA SER G 147 0.53 55.42 58.96
C SER G 147 1.14 56.05 57.70
N GLY G 148 0.27 56.62 56.88
CA GLY G 148 0.65 57.22 55.62
C GLY G 148 0.76 56.28 54.45
N ASN G 149 0.59 54.98 54.66
CA ASN G 149 0.79 53.98 53.63
C ASN G 149 -0.54 53.31 53.27
N TYR G 150 -0.57 52.70 52.09
CA TYR G 150 -1.76 52.03 51.58
C TYR G 150 -1.39 50.61 51.18
N PHE G 151 -2.00 49.63 51.84
CA PHE G 151 -1.80 48.22 51.53
C PHE G 151 -3.08 47.63 50.95
N ARG G 152 -2.91 46.57 50.17
CA ARG G 152 -4.02 45.90 49.50
C ARG G 152 -4.27 44.55 50.14
N HIS G 153 -5.56 44.23 50.34
CA HIS G 153 -5.98 42.89 50.74
C HIS G 153 -7.20 42.51 49.94
N ILE G 154 -7.13 41.38 49.24
CA ILE G 154 -8.17 40.94 48.33
C ILE G 154 -8.76 39.62 48.85
N VAL G 155 -10.09 39.57 48.95
CA VAL G 155 -10.80 38.36 49.36
C VAL G 155 -11.67 37.90 48.19
N LEU G 156 -12.19 36.69 48.33
CA LEU G 156 -13.11 36.10 47.34
C LEU G 156 -14.46 35.91 48.02
N GLY G 157 -15.43 36.73 47.63
CA GLY G 157 -16.77 36.59 48.18
C GLY G 157 -17.56 35.55 47.42
N VAL G 158 -18.31 34.73 48.16
CA VAL G 158 -19.09 33.64 47.59
C VAL G 158 -20.57 33.93 47.80
N ASN G 159 -21.41 33.07 47.21
CA ASN G 159 -22.87 33.19 47.32
C ASN G 159 -23.47 31.82 47.06
N PHE G 160 -24.16 31.27 48.06
CA PHE G 160 -24.86 30.01 47.91
C PHE G 160 -26.21 30.10 48.60
N ALA G 161 -27.27 29.76 47.85
CA ALA G 161 -28.65 29.71 48.31
C ALA G 161 -29.13 31.05 48.86
N GLY G 162 -28.62 32.15 48.33
CA GLY G 162 -28.93 33.49 48.79
C GLY G 162 -28.02 34.01 49.88
N ARG G 163 -27.60 33.12 50.79
CA ARG G 163 -26.71 33.52 51.88
C ARG G 163 -25.32 33.84 51.33
N TYR G 164 -24.59 34.65 52.09
CA TYR G 164 -23.30 35.17 51.64
C TYR G 164 -22.16 34.63 52.49
N GLY G 165 -20.97 35.12 52.24
CA GLY G 165 -19.75 34.61 52.83
C GLY G 165 -18.58 34.97 51.95
N ALA G 166 -17.38 34.75 52.49
CA ALA G 166 -16.19 35.13 51.76
C ALA G 166 -15.04 34.19 52.09
N LEU G 167 -14.13 34.03 51.13
CA LEU G 167 -12.95 33.21 51.29
C LEU G 167 -11.71 34.05 51.05
N GLY G 168 -10.58 33.56 51.52
CA GLY G 168 -9.32 34.26 51.34
C GLY G 168 -8.31 33.85 52.38
N MET G 169 -7.07 34.29 52.14
CA MET G 169 -5.95 34.04 53.05
C MET G 169 -5.26 35.35 53.37
N SER G 170 -4.67 35.41 54.56
CA SER G 170 -3.90 36.56 55.00
C SER G 170 -2.96 36.12 56.11
N ARG G 171 -2.38 37.09 56.82
CA ARG G 171 -1.45 36.78 57.90
C ARG G 171 -2.16 36.33 59.16
N ARG G 172 -3.39 36.78 59.39
CA ARG G 172 -4.11 36.52 60.62
C ARG G 172 -5.43 35.81 60.34
N GLU G 173 -6.07 35.38 61.42
CA GLU G 173 -7.26 34.51 61.32
C GLU G 173 -8.51 35.27 60.92
N ASP G 174 -8.60 36.55 61.26
CA ASP G 174 -9.83 37.30 61.05
C ASP G 174 -10.09 37.68 59.60
N LEU G 175 -9.12 37.49 58.71
CA LEU G 175 -9.30 37.72 57.28
C LEU G 175 -9.41 36.42 56.49
N MET G 176 -9.53 35.29 57.17
CA MET G 176 -9.60 33.97 56.54
C MET G 176 -11.02 33.66 56.08
N TYR G 177 -11.28 32.38 55.83
CA TYR G 177 -12.58 31.90 55.37
C TYR G 177 -13.71 32.30 56.32
N LYS G 178 -14.81 32.74 55.74
CA LYS G 178 -16.04 33.06 56.44
C LYS G 178 -17.09 32.01 56.14
N PRO G 179 -17.82 31.55 57.16
CA PRO G 179 -18.80 30.47 56.95
C PRO G 179 -20.00 30.99 56.16
N PRO G 180 -20.47 30.22 55.17
CA PRO G 180 -21.55 30.71 54.31
C PRO G 180 -22.92 30.69 54.97
N ALA G 181 -23.13 31.59 55.93
CA ALA G 181 -24.43 31.73 56.57
C ALA G 181 -24.80 33.19 56.83
N PHE G 182 -24.04 34.15 56.31
CA PHE G 182 -24.31 35.55 56.56
C PHE G 182 -25.57 36.01 55.82
N ARG G 183 -26.28 36.97 56.42
CA ARG G 183 -27.60 37.34 55.94
C ARG G 183 -27.54 38.21 54.70
N THR G 184 -26.95 39.39 54.79
CA THR G 184 -26.79 40.29 53.66
C THR G 184 -25.31 40.51 53.38
N LEU G 185 -25.03 41.15 52.25
CA LEU G 185 -23.66 41.42 51.87
C LEU G 185 -23.05 42.58 52.64
N SER G 186 -23.87 43.50 53.14
CA SER G 186 -23.37 44.69 53.82
C SER G 186 -22.71 44.34 55.16
N GLU G 187 -23.33 43.44 55.91
CA GLU G 187 -22.75 43.00 57.17
C GLU G 187 -21.61 42.01 56.99
N LEU G 188 -21.47 41.43 55.80
CA LEU G 188 -20.34 40.55 55.52
C LEU G 188 -19.04 41.34 55.44
N VAL G 189 -19.07 42.50 54.78
CA VAL G 189 -17.90 43.37 54.74
C VAL G 189 -17.66 44.01 56.09
N LEU G 190 -18.71 44.14 56.91
CA LEU G 190 -18.59 44.70 58.25
C LEU G 190 -17.74 43.82 59.16
N ASP G 191 -17.76 42.50 58.94
CA ASP G 191 -16.86 41.62 59.69
C ASP G 191 -15.41 41.83 59.27
N PHE G 192 -15.18 42.12 57.99
CA PHE G 192 -13.84 42.50 57.55
C PHE G 192 -13.45 43.87 58.08
N GLU G 193 -14.41 44.79 58.19
CA GLU G 193 -14.14 46.06 58.84
C GLU G 193 -13.91 45.89 60.33
N ALA G 194 -14.58 44.92 60.95
CA ALA G 194 -14.25 44.56 62.33
C ALA G 194 -12.96 43.76 62.42
N ALA G 195 -12.53 43.15 61.32
CA ALA G 195 -11.24 42.48 61.27
C ALA G 195 -10.08 43.46 61.15
N TYR G 196 -10.36 44.72 60.84
CA TYR G 196 -9.33 45.74 60.70
C TYR G 196 -9.18 46.60 61.94
N GLY G 197 -10.16 46.61 62.84
CA GLY G 197 -9.99 47.32 64.09
C GLY G 197 -9.10 46.60 65.06
N ARG G 198 -9.01 45.27 64.95
CA ARG G 198 -8.16 44.50 65.85
C ARG G 198 -6.69 44.58 65.45
N CYS G 199 -6.40 44.72 64.17
CA CYS G 199 -5.03 44.78 63.67
C CYS G 199 -4.52 46.20 63.50
N TRP G 200 -5.29 47.19 64.00
CA TRP G 200 -5.02 48.63 63.85
C TRP G 200 -4.87 49.02 62.37
N HIS G 201 -5.95 48.82 61.63
CA HIS G 201 -6.01 49.14 60.21
C HIS G 201 -7.19 50.07 59.94
N VAL G 202 -6.97 51.01 59.04
CA VAL G 202 -8.00 51.96 58.59
C VAL G 202 -8.35 51.62 57.16
N LEU G 203 -9.65 51.56 56.86
CA LEU G 203 -10.10 51.19 55.53
C LEU G 203 -10.40 52.44 54.70
N LYS G 204 -10.00 52.39 53.43
CA LYS G 204 -10.17 53.52 52.52
C LYS G 204 -11.15 53.21 51.38
N LYS G 205 -10.88 52.16 50.60
CA LYS G 205 -11.71 51.83 49.45
C LYS G 205 -12.10 50.36 49.49
N VAL G 206 -13.31 50.09 48.99
CA VAL G 206 -13.82 48.73 48.83
C VAL G 206 -14.15 48.56 47.36
N LYS G 207 -13.44 47.65 46.70
CA LYS G 207 -13.56 47.46 45.26
C LYS G 207 -14.49 46.28 44.99
N LEU G 208 -15.57 46.55 44.26
CA LEU G 208 -16.53 45.52 43.87
C LEU G 208 -16.35 45.17 42.40
N GLY G 209 -16.47 43.87 42.09
CA GLY G 209 -16.40 43.41 40.72
C GLY G 209 -17.61 42.56 40.39
N GLN G 210 -17.76 42.27 39.09
CA GLN G 210 -18.84 41.43 38.63
C GLN G 210 -18.54 39.96 38.94
N SER G 211 -19.54 39.11 38.68
CA SER G 211 -19.41 37.70 38.96
C SER G 211 -18.52 37.03 37.91
N VAL G 212 -17.55 36.23 38.39
CA VAL G 212 -16.69 35.47 37.49
C VAL G 212 -17.51 34.36 36.86
N SER G 213 -17.44 34.26 35.53
CA SER G 213 -18.25 33.31 34.78
C SER G 213 -17.85 31.87 35.09
N HIS G 214 -18.84 30.99 35.04
CA HIS G 214 -18.64 29.59 35.45
C HIS G 214 -18.28 28.73 34.23
N ASP G 215 -17.17 29.08 33.60
CA ASP G 215 -16.63 28.32 32.49
C ASP G 215 -15.11 28.44 32.55
N PRO G 216 -14.40 27.38 32.95
CA PRO G 216 -12.95 27.50 33.14
C PRO G 216 -12.17 27.58 31.85
N HIS G 217 -12.78 27.23 30.72
CA HIS G 217 -12.15 27.34 29.41
C HIS G 217 -12.86 28.47 28.69
N SER G 218 -12.40 29.70 28.94
CA SER G 218 -12.99 30.91 28.40
C SER G 218 -11.96 32.03 28.55
N VAL G 219 -11.83 32.87 27.52
CA VAL G 219 -10.79 33.89 27.52
C VAL G 219 -11.42 35.27 27.68
N GLU G 220 -11.48 35.76 28.91
CA GLU G 220 -11.92 37.13 29.17
C GLU G 220 -11.26 37.61 30.45
N GLN G 221 -11.17 38.93 30.58
CA GLN G 221 -10.57 39.52 31.76
C GLN G 221 -11.53 39.44 32.94
N ILE G 222 -10.96 39.31 34.14
CA ILE G 222 -11.76 39.25 35.35
C ILE G 222 -12.14 40.66 35.76
N GLU G 223 -13.44 40.90 35.93
CA GLU G 223 -13.93 42.23 36.30
C GLU G 223 -13.58 42.51 37.75
N TRP G 224 -12.54 43.31 37.96
CA TRP G 224 -12.10 43.63 39.31
C TRP G 224 -12.81 44.85 39.90
N LYS G 225 -13.08 45.85 39.07
CA LYS G 225 -13.46 47.19 39.54
C LYS G 225 -14.77 47.64 38.92
N HIS G 226 -15.80 46.77 39.02
CA HIS G 226 -17.13 47.15 38.56
C HIS G 226 -17.75 48.25 39.42
N SER G 227 -17.38 48.31 40.70
CA SER G 227 -17.86 49.37 41.57
C SER G 227 -16.81 49.66 42.63
N VAL G 228 -16.77 50.92 43.07
CA VAL G 228 -15.83 51.39 44.07
C VAL G 228 -16.62 52.06 45.20
N LEU G 229 -16.38 51.62 46.43
CA LEU G 229 -17.06 52.18 47.61
C LEU G 229 -16.02 52.81 48.52
N ASP G 230 -15.93 54.15 48.47
CA ASP G 230 -15.05 54.88 49.36
C ASP G 230 -15.60 54.86 50.78
N VAL G 231 -14.71 54.69 51.75
CA VAL G 231 -15.11 54.50 53.14
C VAL G 231 -15.26 55.85 53.84
N GLU G 232 -14.19 56.64 53.84
CA GLU G 232 -14.18 57.89 54.60
C GLU G 232 -14.97 59.01 53.94
N ARG G 233 -15.38 58.84 52.68
CA ARG G 233 -16.06 59.91 51.95
C ARG G 233 -17.46 59.50 51.48
N LEU G 234 -18.02 58.43 52.02
CA LEU G 234 -19.39 58.06 51.76
C LEU G 234 -20.06 57.63 53.07
N GLY G 235 -21.37 57.85 53.14
CA GLY G 235 -22.10 57.54 54.35
C GLY G 235 -22.37 56.05 54.50
N ARG G 236 -22.79 55.68 55.72
CA ARG G 236 -23.10 54.30 56.00
C ARG G 236 -24.42 53.86 55.38
N ASP G 237 -25.38 54.78 55.24
CA ASP G 237 -26.63 54.43 54.56
C ASP G 237 -26.41 54.28 53.06
N ASP G 238 -25.44 55.01 52.50
CA ASP G 238 -25.01 54.75 51.14
C ASP G 238 -24.14 53.50 51.05
N PHE G 239 -23.57 53.06 52.18
CA PHE G 239 -22.75 51.86 52.19
C PHE G 239 -23.59 50.60 52.37
N ARG G 240 -24.65 50.68 53.18
CA ARG G 240 -25.48 49.51 53.46
C ARG G 240 -26.62 49.34 52.46
N LYS G 241 -26.73 50.21 51.46
CA LYS G 241 -27.82 50.07 50.50
C LYS G 241 -27.35 49.99 49.05
N GLU G 242 -26.31 50.74 48.68
CA GLU G 242 -25.77 50.60 47.33
C GLU G 242 -25.02 49.28 47.17
N LEU G 243 -24.32 48.85 48.22
CA LEU G 243 -23.74 47.51 48.24
C LEU G 243 -24.81 46.44 48.40
N GLU G 244 -25.97 46.80 48.95
CA GLU G 244 -27.09 45.86 48.99
C GLU G 244 -27.75 45.73 47.63
N ARG G 245 -27.87 46.83 46.88
CA ARG G 245 -28.35 46.75 45.51
C ARG G 245 -27.32 46.11 44.59
N HIS G 246 -26.03 46.30 44.88
CA HIS G 246 -24.99 45.61 44.14
C HIS G 246 -25.03 44.11 44.40
N ALA G 247 -25.46 43.70 45.61
CA ALA G 247 -25.66 42.28 45.89
C ALA G 247 -26.81 41.71 45.08
N ARG G 248 -27.79 42.53 44.74
CA ARG G 248 -28.85 42.14 43.81
C ARG G 248 -28.47 42.40 42.37
N ASP G 249 -27.55 43.34 42.11
CA ASP G 249 -27.09 43.59 40.74
C ASP G 249 -26.21 42.45 40.24
N MET G 250 -25.58 41.71 41.16
CA MET G 250 -24.90 40.48 40.76
C MET G 250 -25.88 39.43 40.30
N ARG G 251 -27.11 39.46 40.82
CA ARG G 251 -28.18 38.63 40.29
C ARG G 251 -28.82 39.23 39.04
N LEU G 252 -28.48 40.47 38.70
CA LEU G 252 -29.04 41.09 37.50
C LEU G 252 -28.24 40.75 36.25
N LYS G 253 -26.99 40.31 36.40
CA LYS G 253 -26.23 39.87 35.22
C LYS G 253 -26.63 38.44 34.82
N ILE G 254 -26.33 37.47 35.69
CA ILE G 254 -26.61 36.04 35.51
C ILE G 254 -26.11 35.48 34.18
N SER H 26 17.13 18.64 31.80
CA SER H 26 16.56 19.28 32.98
C SER H 26 16.00 18.24 33.95
N ALA H 27 16.84 17.80 34.89
CA ALA H 27 16.43 16.81 35.86
C ALA H 27 15.60 17.43 36.98
N GLN H 28 14.55 16.75 37.39
CA GLN H 28 13.65 17.20 38.44
C GLN H 28 13.72 16.23 39.61
N GLN H 29 12.85 16.46 40.61
CA GLN H 29 12.70 15.76 41.89
C GLN H 29 13.88 15.97 42.83
N GLU H 30 14.91 16.71 42.40
CA GLU H 30 16.08 17.00 43.22
C GLU H 30 16.17 18.49 43.52
N LEU H 31 16.17 19.33 42.47
CA LEU H 31 16.20 20.78 42.68
C LEU H 31 14.85 21.28 43.19
N LYS H 32 13.76 20.67 42.72
CA LYS H 32 12.42 21.09 43.07
C LYS H 32 11.92 20.49 44.38
N GLN H 33 12.80 19.85 45.16
CA GLN H 33 12.40 19.35 46.47
C GLN H 33 13.41 19.78 47.53
N ARG H 34 14.66 20.00 47.13
CA ARG H 34 15.65 20.53 48.06
C ARG H 34 15.43 22.02 48.30
N GLN H 35 15.10 22.76 47.25
CA GLN H 35 14.74 24.16 47.38
C GLN H 35 13.24 24.36 47.59
N ARG H 36 12.49 23.28 47.78
CA ARG H 36 11.09 23.36 48.17
C ARG H 36 10.95 23.30 49.69
N ALA H 37 11.64 22.37 50.33
CA ALA H 37 11.74 22.33 51.78
C ALA H 37 12.63 23.43 52.34
N GLU H 38 13.45 24.04 51.49
CA GLU H 38 14.23 25.20 51.89
C GLU H 38 13.34 26.38 52.26
N ILE H 39 12.27 26.60 51.49
CA ILE H 39 11.33 27.67 51.82
C ILE H 39 10.44 27.25 52.98
N TYR H 40 10.24 25.95 53.17
CA TYR H 40 9.41 25.47 54.28
C TYR H 40 10.08 25.73 55.62
N ALA H 41 11.41 25.65 55.66
CA ALA H 41 12.15 26.07 56.83
C ALA H 41 12.37 27.57 56.86
N LEU H 42 12.30 28.23 55.70
CA LEU H 42 12.48 29.68 55.66
C LEU H 42 11.24 30.41 56.18
N ASN H 43 10.07 30.09 55.64
CA ASN H 43 8.86 30.78 56.05
C ASN H 43 8.34 30.30 57.41
N ARG H 44 8.93 29.25 57.98
CA ARG H 44 8.59 28.87 59.35
C ARG H 44 9.00 29.94 60.35
N VAL H 45 10.10 30.64 60.07
CA VAL H 45 10.50 31.76 60.90
C VAL H 45 9.88 33.07 60.42
N MET H 46 9.57 33.16 59.11
CA MET H 46 8.95 34.36 58.58
C MET H 46 7.49 34.48 59.00
N THR H 47 6.81 33.35 59.20
CA THR H 47 5.47 33.38 59.78
C THR H 47 5.52 33.86 61.22
N GLU H 48 6.51 33.41 61.98
CA GLU H 48 6.70 33.88 63.36
C GLU H 48 7.15 35.33 63.39
N LEU H 49 7.87 35.79 62.36
CA LEU H 49 8.32 37.18 62.32
C LEU H 49 7.16 38.13 62.06
N GLU H 50 6.22 37.74 61.20
CA GLU H 50 5.12 38.62 60.83
C GLU H 50 4.05 38.72 61.92
N GLN H 51 4.11 37.89 62.96
CA GLN H 51 3.20 38.00 64.09
C GLN H 51 3.89 38.51 65.35
N GLN H 52 5.19 38.77 65.30
CA GLN H 52 5.91 39.30 66.45
C GLN H 52 6.23 40.78 66.33
N GLN H 53 6.02 41.38 65.16
CA GLN H 53 6.30 42.79 64.97
C GLN H 53 5.16 43.69 65.44
N PHE H 54 4.01 43.13 65.82
CA PHE H 54 2.86 43.92 66.19
C PHE H 54 2.33 43.62 67.58
N ASP H 55 2.88 42.64 68.28
CA ASP H 55 2.39 42.30 69.61
C ASP H 55 2.78 43.36 70.63
N GLU H 56 1.90 44.33 70.85
CA GLU H 56 2.16 45.42 71.77
C GLU H 56 1.19 45.40 72.95
PG GTP I . 7.57 -18.38 -34.26
O1G GTP I . 7.23 -19.01 -32.94
O2G GTP I . 6.38 -18.45 -35.18
O3G GTP I . 8.76 -19.07 -34.85
O3B GTP I . 7.96 -16.85 -34.00
PB GTP I . 9.43 -16.57 -33.46
O1B GTP I . 9.82 -17.63 -32.46
O2B GTP I . 10.37 -16.57 -34.64
O3A GTP I . 9.37 -15.11 -32.80
PA GTP I . 8.24 -14.72 -31.74
O1A GTP I . 7.57 -13.46 -32.24
O2A GTP I . 7.23 -15.81 -31.47
O5' GTP I . 9.01 -14.41 -30.38
C5' GTP I . 8.27 -14.35 -29.19
C4' GTP I . 8.01 -12.91 -28.78
O4' GTP I . 7.08 -12.30 -29.64
C3' GTP I . 7.41 -12.80 -27.39
O3' GTP I . 8.39 -12.46 -26.46
C2' GTP I . 6.41 -11.67 -27.50
O2' GTP I . 6.84 -10.63 -26.66
C1' GTP I . 6.49 -11.23 -28.95
N9 GTP I . 5.15 -10.95 -29.49
C8 GTP I . 4.34 -11.82 -30.15
N7 GTP I . 3.21 -11.16 -30.49
C5 GTP I . 3.30 -9.89 -30.05
C6 GTP I . 2.44 -8.81 -30.13
O6 GTP I . 1.36 -8.95 -30.69
N1 GTP I . 2.79 -7.60 -29.59
C2 GTP I . 4.00 -7.49 -28.96
N2 GTP I . 4.37 -6.32 -28.43
N3 GTP I . 4.86 -8.55 -28.89
C4 GTP I . 4.51 -9.74 -29.43
PG G2P J . -0.53 -57.20 -22.17
O1G G2P J . -1.69 -56.52 -21.51
O2G G2P J . -0.17 -58.41 -21.37
O3G G2P J . -0.92 -57.60 -23.59
O3B G2P J . 0.78 -56.15 -22.18
PB G2P J . 1.67 -55.87 -20.80
O1B G2P J . 2.78 -54.88 -21.04
O2B G2P J . 2.26 -57.16 -20.33
C3A G2P J . 0.53 -55.17 -19.47
PA G2P J . 0.64 -53.30 -19.47
O1A G2P J . 2.00 -52.86 -19.05
O2A G2P J . 0.40 -52.78 -20.87
O5' G2P J . -0.48 -52.68 -18.41
C5' G2P J . -0.29 -52.94 -17.03
C4' G2P J . -0.02 -51.74 -16.38
O4' G2P J . -0.70 -50.61 -17.09
C3' G2P J . -0.63 -51.73 -14.90
O3' G2P J . 0.46 -52.06 -13.92
C2' G2P J . -1.01 -50.58 -14.71
O2' G2P J . 0.11 -49.78 -14.16
C1' G2P J . -1.41 -49.98 -16.20
N9 G2P J . -2.79 -50.22 -16.46
C8 G2P J . -3.72 -51.15 -16.54
N7 G2P J . -4.88 -50.54 -16.87
C5 G2P J . -4.64 -49.24 -16.99
C6 G2P J . -5.44 -48.16 -17.30
O6 G2P J . -6.59 -48.33 -17.52
N1 G2P J . -4.94 -46.95 -17.35
C2 G2P J . -3.64 -46.75 -17.10
N2 G2P J . -3.06 -45.41 -17.15
N3 G2P J . -2.83 -47.80 -16.79
C4 G2P J . -3.34 -49.04 -16.74
PG GTP K . -13.09 8.46 6.37
O1G GTP K . -12.45 7.17 6.81
O2G GTP K . -14.54 8.21 6.03
O3G GTP K . -12.38 9.03 5.18
O3B GTP K . -13.01 9.47 7.59
PB GTP K . -11.59 9.95 8.15
O1B GTP K . -10.50 9.29 7.35
O2B GTP K . -11.45 9.63 9.61
O3A GTP K . -11.58 11.53 7.87
PA GTP K . -12.95 12.35 7.75
O1A GTP K . -12.63 13.80 7.95
O2A GTP K . -13.60 12.14 6.37
O5' GTP K . -13.77 11.84 9.03
C5' GTP K . -15.07 12.26 9.38
C4' GTP K . -15.13 13.57 10.16
O4' GTP K . -15.71 14.52 9.32
C3' GTP K . -16.04 13.47 11.38
O3' GTP K . -15.33 13.80 12.54
C2' GTP K . -17.12 14.52 11.20
O2' GTP K . -17.07 15.39 12.31
C1' GTP K . -16.71 15.28 9.96
N9 GTP K . -17.82 15.42 9.00
C8 GTP K . -18.31 14.44 8.20
N7 GTP K . -19.29 14.96 7.43
C5 GTP K . -19.41 16.27 7.72
C6 GTP K . -20.26 17.25 7.24
O6 GTP K . -21.08 16.98 6.37
N1 GTP K . -20.16 18.52 7.74
C2 GTP K . -19.24 18.81 8.71
N2 GTP K . -19.14 20.04 9.20
N3 GTP K . -18.40 17.82 9.18
C4 GTP K . -18.49 16.57 8.70
PG G2P L . -20.29 -31.03 18.78
O1G G2P L . -21.69 -31.31 19.27
O2G G2P L . -19.70 -32.28 18.19
O3G G2P L . -20.32 -29.94 17.73
O3B G2P L . -19.33 -30.52 20.05
PB G2P L . -19.33 -28.94 20.53
O1B G2P L . -18.81 -28.85 21.94
O2B G2P L . -18.46 -28.14 19.62
C3A G2P L . -21.10 -28.29 20.48
PA G2P L . -21.12 -26.49 20.98
O1A G2P L . -19.71 -26.01 21.12
O2A G2P L . -21.82 -25.69 19.92
O5' G2P L . -21.92 -26.34 22.43
C5' G2P L . -23.27 -25.91 22.43
C4' G2P L . -23.36 -24.73 23.15
O4' G2P L . -23.79 -23.60 22.27
C3' G2P L . -24.49 -24.83 24.28
O3' G2P L . -23.83 -25.03 25.62
C2' G2P L . -25.05 -23.73 24.27
O2' G2P L . -24.34 -22.83 25.17
C1' G2P L . -24.93 -23.19 22.71
N9 G2P L . -25.97 -23.77 21.93
C8 G2P L . -26.61 -24.91 21.68
N7 G2P L . -27.54 -24.65 20.75
C5 G2P L . -27.47 -23.37 20.44
C6 G2P L . -28.21 -22.60 19.55
O6 G2P L . -29.06 -23.13 18.93
N1 G2P L . -27.95 -21.30 19.39
C2 G2P L . -26.97 -20.75 20.14
N2 G2P L . -26.67 -19.33 20.01
N3 G2P L . -26.25 -21.50 21.01
C4 G2P L . -26.51 -22.81 21.17
#